data_6JC8
#
_entry.id   6JC8
#
_cell.length_a   84.090
_cell.length_b   83.930
_cell.length_c   88.459
_cell.angle_alpha   106.600
_cell.angle_beta   109.110
_cell.angle_gamma   95.130
#
_symmetry.space_group_name_H-M   'P 1'
#
loop_
_entity.id
_entity.type
_entity.pdbx_description
1 polymer CrmG
2 non-polymer '(E)-N-({3-hydroxy-2-methyl-5-[(phosphonooxy)methyl]pyridin-4-yl}methylidene)-L-glutamic acid'
3 non-polymer GLYCEROL
4 water water
#
_entity_poly.entity_id   1
_entity_poly.type   'polypeptide(L)'
_entity_poly.pdbx_seq_one_letter_code
;MTHPSGEPVYADAVLNGWLTSMGLGVEYVRAEGNTVYYLDDEGREVPVLDHACGFGSLIFGHNHPEIIAHAKAALDAGTV
VHAQLSRQPRANQISRILNDIMRRETGRDDRYNAIFANSGAEANEICMKHAELERQERITALFAEIDAELDTAREALTTG
TATLDTASLPLVGGGAGDVDGVIADIHRHNDERRAERPLFLTLDGSFHGKLVGSIQLTQNEPWRTPFTALSSPARFLPAD
EPELIGKIVEDERRSVLTLSLDKDTVRVVERDFPVVAAIFVEPVRGGSGMKTVTPELAEELHRLRDTLGCPLVVDEVQTG
IGRTGAFFGSALLGIRGDYYTLAKAIGGGIVKNSVALIRQDRFLPAMEVIHSSTFAKDGLSASIALKVLEMVEADGGRVY
QRVRERGQRLEAMLESVRADHSDVVSAVWGTGLMLALELRDQSNATSQAIREKAAHGFLGYVLAGFLLREHHIRVLPAGP
RSGFLRFSPSLYITDEEIDRTETALRSLFTALRDQDGDRLVLS
;
_entity_poly.pdbx_strand_id   A,B,C,D
#
# COMPACT_ATOMS: atom_id res chain seq x y z
N GLY A 6 -18.64 -10.00 -30.08
CA GLY A 6 -19.26 -8.65 -30.18
C GLY A 6 -20.77 -8.70 -30.38
N GLU A 7 -21.48 -9.62 -29.71
CA GLU A 7 -22.98 -9.69 -29.78
C GLU A 7 -23.58 -8.65 -28.83
N PRO A 8 -24.82 -8.20 -29.08
CA PRO A 8 -25.50 -7.23 -28.23
C PRO A 8 -25.52 -7.66 -26.74
N VAL A 9 -25.15 -6.73 -25.86
CA VAL A 9 -25.17 -6.93 -24.39
C VAL A 9 -25.84 -5.72 -23.74
N TYR A 10 -26.69 -5.96 -22.75
CA TYR A 10 -27.67 -4.98 -22.25
C TYR A 10 -27.44 -4.65 -20.77
N ALA A 11 -26.60 -5.42 -20.07
CA ALA A 11 -26.13 -5.14 -18.69
C ALA A 11 -24.82 -5.90 -18.44
N ASP A 12 -23.93 -5.35 -17.60
CA ASP A 12 -22.95 -6.14 -16.83
C ASP A 12 -21.76 -6.59 -17.68
N ALA A 13 -21.56 -6.08 -18.91
CA ALA A 13 -20.46 -6.54 -19.77
C ALA A 13 -19.11 -6.33 -19.07
N VAL A 14 -18.88 -5.13 -18.56
CA VAL A 14 -17.60 -4.75 -17.91
C VAL A 14 -17.48 -5.51 -16.60
N LEU A 15 -18.54 -5.55 -15.79
CA LEU A 15 -18.57 -6.26 -14.50
C LEU A 15 -18.25 -7.74 -14.74
N ASN A 16 -18.91 -8.39 -15.69
CA ASN A 16 -18.70 -9.85 -15.97
C ASN A 16 -17.28 -10.07 -16.52
N GLY A 17 -16.84 -9.29 -17.51
CA GLY A 17 -15.46 -9.36 -18.02
C GLY A 17 -14.46 -9.33 -16.87
N TRP A 18 -14.60 -8.35 -15.99
CA TRP A 18 -13.68 -8.20 -14.84
C TRP A 18 -13.81 -9.41 -13.89
N LEU A 19 -15.00 -9.85 -13.51
CA LEU A 19 -15.15 -11.04 -12.61
C LEU A 19 -14.47 -12.28 -13.25
N THR A 20 -14.64 -12.50 -14.57
CA THR A 20 -14.06 -13.66 -15.30
C THR A 20 -12.52 -13.61 -15.14
N SER A 21 -11.90 -12.46 -15.35
CA SER A 21 -10.43 -12.35 -15.30
C SER A 21 -9.91 -12.57 -13.86
N MET A 22 -10.73 -12.30 -12.83
CA MET A 22 -10.35 -12.53 -11.41
C MET A 22 -10.52 -14.02 -11.03
N GLY A 23 -11.16 -14.83 -11.86
CA GLY A 23 -11.52 -16.23 -11.56
C GLY A 23 -12.80 -16.36 -10.75
N LEU A 24 -13.71 -15.36 -10.84
CA LEU A 24 -14.99 -15.31 -10.09
C LEU A 24 -16.19 -15.31 -11.05
N GLY A 25 -15.96 -15.59 -12.33
CA GLY A 25 -17.00 -15.66 -13.36
C GLY A 25 -17.78 -16.96 -13.24
N VAL A 26 -18.69 -17.05 -12.28
CA VAL A 26 -19.55 -18.24 -12.07
C VAL A 26 -20.99 -17.76 -11.83
N GLU A 27 -21.98 -18.55 -12.24
CA GLU A 27 -23.42 -18.28 -11.97
C GLU A 27 -23.91 -19.26 -10.91
N TYR A 28 -24.28 -18.75 -9.74
CA TYR A 28 -24.89 -19.57 -8.68
C TYR A 28 -26.37 -19.79 -9.05
N VAL A 29 -26.81 -21.05 -9.17
CA VAL A 29 -28.15 -21.39 -9.70
C VAL A 29 -29.07 -21.74 -8.54
N ARG A 30 -28.55 -22.07 -7.36
CA ARG A 30 -29.39 -22.46 -6.21
C ARG A 30 -28.58 -22.22 -4.94
N ALA A 31 -29.25 -22.04 -3.83
CA ALA A 31 -28.58 -21.73 -2.55
C ALA A 31 -29.40 -22.31 -1.40
N GLU A 32 -28.70 -22.86 -0.41
CA GLU A 32 -29.35 -23.37 0.79
C GLU A 32 -28.37 -23.30 1.95
N GLY A 33 -28.76 -22.68 3.06
CA GLY A 33 -27.90 -22.55 4.23
C GLY A 33 -26.61 -21.88 3.83
N ASN A 34 -25.47 -22.53 4.06
CA ASN A 34 -24.12 -21.94 3.85
C ASN A 34 -23.59 -22.34 2.48
N THR A 35 -24.42 -22.94 1.63
CA THR A 35 -23.99 -23.47 0.31
C THR A 35 -24.71 -22.74 -0.83
N VAL A 36 -23.93 -22.28 -1.80
CA VAL A 36 -24.39 -21.89 -3.15
C VAL A 36 -23.90 -22.95 -4.13
N TYR A 37 -24.66 -23.21 -5.20
CA TYR A 37 -24.33 -24.22 -6.24
C TYR A 37 -24.18 -23.53 -7.59
N TYR A 38 -23.12 -23.86 -8.31
CA TYR A 38 -22.95 -23.54 -9.75
C TYR A 38 -22.99 -24.86 -10.53
N LEU A 39 -23.12 -24.77 -11.85
CA LEU A 39 -23.16 -25.94 -12.75
C LEU A 39 -21.79 -26.08 -13.43
N ASP A 40 -21.17 -27.29 -13.38
CA ASP A 40 -19.94 -27.65 -14.14
C ASP A 40 -20.27 -27.80 -15.64
N ASP A 41 -19.26 -28.10 -16.48
CA ASP A 41 -19.40 -28.26 -17.95
C ASP A 41 -20.54 -29.22 -18.31
N GLU A 42 -20.75 -30.30 -17.53
CA GLU A 42 -21.72 -31.38 -17.86
C GLU A 42 -23.05 -31.14 -17.12
N GLY A 43 -23.25 -29.97 -16.50
CA GLY A 43 -24.54 -29.54 -15.91
C GLY A 43 -24.81 -30.13 -14.52
N ARG A 44 -23.79 -30.67 -13.83
CA ARG A 44 -23.89 -31.12 -12.41
C ARG A 44 -23.72 -29.93 -11.44
N GLU A 45 -24.46 -29.95 -10.33
CA GLU A 45 -24.36 -28.97 -9.22
C GLU A 45 -23.06 -29.21 -8.45
N VAL A 46 -22.26 -28.17 -8.32
CA VAL A 46 -21.04 -28.16 -7.47
C VAL A 46 -21.35 -27.33 -6.22
N PRO A 47 -21.29 -27.92 -5.02
CA PRO A 47 -21.50 -27.15 -3.78
C PRO A 47 -20.30 -26.22 -3.51
N VAL A 48 -20.58 -24.96 -3.21
CA VAL A 48 -19.54 -23.97 -2.77
C VAL A 48 -19.95 -23.44 -1.40
N LEU A 49 -19.01 -23.40 -0.47
CA LEU A 49 -19.20 -22.79 0.87
C LEU A 49 -19.15 -21.25 0.75
N ASP A 50 -20.22 -20.58 1.17
CA ASP A 50 -20.37 -19.11 1.04
C ASP A 50 -19.92 -18.44 2.35
N HIS A 51 -18.79 -17.73 2.34
CA HIS A 51 -18.29 -16.92 3.47
C HIS A 51 -18.65 -15.43 3.27
N ALA A 52 -19.22 -15.06 2.13
CA ALA A 52 -19.62 -13.66 1.82
C ALA A 52 -21.05 -13.43 2.34
N CYS A 53 -21.98 -14.32 1.98
CA CYS A 53 -23.36 -14.37 2.52
C CYS A 53 -24.03 -12.99 2.43
N GLY A 54 -24.04 -12.42 1.24
CA GLY A 54 -24.73 -11.14 0.99
C GLY A 54 -24.10 -10.02 1.80
N PHE A 55 -22.77 -10.07 1.93
CA PHE A 55 -21.96 -9.11 2.72
C PHE A 55 -22.53 -9.06 4.14
N GLY A 56 -22.90 -10.21 4.70
CA GLY A 56 -23.40 -10.30 6.08
C GLY A 56 -24.91 -10.11 6.18
N SER A 57 -25.67 -10.31 5.10
CA SER A 57 -27.16 -10.34 5.13
C SER A 57 -27.69 -11.68 5.68
N LEU A 58 -26.91 -12.75 5.66
CA LEU A 58 -27.49 -14.12 5.84
C LEU A 58 -27.02 -14.73 7.16
N ILE A 59 -27.33 -14.09 8.27
CA ILE A 59 -27.02 -14.65 9.62
C ILE A 59 -27.68 -16.04 9.74
N PHE A 60 -28.84 -16.26 9.10
CA PHE A 60 -29.59 -17.55 9.16
C PHE A 60 -29.36 -18.37 7.88
N GLY A 61 -28.40 -17.98 7.05
CA GLY A 61 -28.09 -18.67 5.79
C GLY A 61 -29.03 -18.30 4.65
N HIS A 62 -28.77 -18.84 3.48
CA HIS A 62 -29.60 -18.66 2.26
C HIS A 62 -30.90 -19.44 2.46
N ASN A 63 -32.05 -18.82 2.17
CA ASN A 63 -33.32 -19.56 1.98
C ASN A 63 -33.61 -20.46 3.20
N HIS A 64 -33.56 -19.89 4.41
CA HIS A 64 -33.86 -20.62 5.65
C HIS A 64 -35.31 -21.10 5.60
N PRO A 65 -35.55 -22.41 5.81
CA PRO A 65 -36.89 -22.99 5.62
C PRO A 65 -37.99 -22.24 6.39
N GLU A 66 -37.64 -21.79 7.60
CA GLU A 66 -38.57 -21.07 8.49
C GLU A 66 -38.91 -19.70 7.89
N ILE A 67 -37.97 -19.02 7.24
CA ILE A 67 -38.22 -17.71 6.60
C ILE A 67 -39.01 -17.97 5.31
N ILE A 68 -38.65 -19.00 4.55
CA ILE A 68 -39.36 -19.35 3.28
C ILE A 68 -40.82 -19.68 3.59
N ALA A 69 -41.07 -20.52 4.59
CA ALA A 69 -42.42 -20.94 5.02
C ALA A 69 -43.24 -19.71 5.42
N HIS A 70 -42.69 -18.85 6.26
CA HIS A 70 -43.38 -17.62 6.71
C HIS A 70 -43.70 -16.71 5.51
N ALA A 71 -42.75 -16.50 4.60
CA ALA A 71 -43.00 -15.68 3.40
C ALA A 71 -44.16 -16.29 2.59
N LYS A 72 -44.16 -17.60 2.38
CA LYS A 72 -45.24 -18.25 1.59
C LYS A 72 -46.58 -18.09 2.33
N ALA A 73 -46.61 -18.24 3.66
CA ALA A 73 -47.86 -18.02 4.43
C ALA A 73 -48.34 -16.58 4.27
N ALA A 74 -47.45 -15.59 4.38
CA ALA A 74 -47.82 -14.16 4.23
C ALA A 74 -48.44 -13.93 2.85
N LEU A 75 -47.87 -14.51 1.80
CA LEU A 75 -48.35 -14.31 0.41
C LEU A 75 -49.73 -14.97 0.25
N ASP A 76 -49.90 -16.16 0.83
CA ASP A 76 -51.16 -16.94 0.75
C ASP A 76 -52.25 -16.29 1.62
N ALA A 77 -51.91 -15.56 2.68
CA ALA A 77 -52.91 -14.86 3.52
C ALA A 77 -53.42 -13.58 2.85
N GLY A 78 -52.87 -13.16 1.71
CA GLY A 78 -53.30 -11.90 1.06
C GLY A 78 -52.86 -10.72 1.88
N THR A 79 -51.66 -10.79 2.44
CA THR A 79 -51.02 -9.64 3.13
C THR A 79 -51.15 -8.39 2.26
N VAL A 80 -51.50 -7.28 2.89
CA VAL A 80 -51.55 -5.94 2.24
C VAL A 80 -50.12 -5.41 2.19
N VAL A 81 -49.53 -5.50 1.01
CA VAL A 81 -48.16 -5.02 0.73
C VAL A 81 -48.21 -3.49 0.59
N HIS A 82 -49.17 -2.99 -0.18
CA HIS A 82 -49.40 -1.56 -0.51
C HIS A 82 -50.64 -1.00 0.22
N ALA A 83 -50.41 -0.39 1.37
CA ALA A 83 -51.40 0.17 2.29
C ALA A 83 -50.95 1.57 2.69
N GLN A 84 -50.34 2.32 1.77
CA GLN A 84 -49.79 3.67 2.05
C GLN A 84 -50.92 4.55 2.64
N LEU A 85 -50.59 5.35 3.63
CA LEU A 85 -51.51 6.29 4.32
C LEU A 85 -52.73 5.52 4.85
N SER A 86 -52.48 4.42 5.56
CA SER A 86 -53.48 3.72 6.38
C SER A 86 -52.75 3.23 7.65
N ARG A 87 -53.47 2.71 8.64
CA ARG A 87 -52.84 2.23 9.91
C ARG A 87 -52.09 0.94 9.60
N GLN A 88 -50.79 0.91 9.91
CA GLN A 88 -49.91 -0.26 9.75
C GLN A 88 -49.25 -0.55 11.11
N PRO A 89 -49.98 -1.22 12.04
CA PRO A 89 -49.47 -1.45 13.40
C PRO A 89 -48.17 -2.29 13.50
N ARG A 90 -47.86 -3.08 12.48
CA ARG A 90 -46.65 -3.93 12.49
C ARG A 90 -45.40 -3.05 12.61
N ALA A 91 -45.43 -1.85 12.05
CA ALA A 91 -44.27 -0.91 12.10
C ALA A 91 -44.01 -0.56 13.58
N ASN A 92 -45.06 -0.19 14.32
CA ASN A 92 -44.98 0.07 15.79
C ASN A 92 -44.55 -1.20 16.52
N GLN A 93 -45.03 -2.36 16.10
CA GLN A 93 -44.75 -3.67 16.76
C GLN A 93 -43.25 -3.99 16.60
N ILE A 94 -42.70 -3.81 15.39
CA ILE A 94 -41.26 -4.01 15.10
C ILE A 94 -40.43 -3.04 15.95
N SER A 95 -40.79 -1.76 15.98
CA SER A 95 -40.01 -0.74 16.72
C SER A 95 -40.05 -1.07 18.23
N ARG A 96 -41.20 -1.51 18.73
CA ARG A 96 -41.32 -1.92 20.16
C ARG A 96 -40.29 -3.00 20.49
N ILE A 97 -40.20 -4.05 19.68
CA ILE A 97 -39.23 -5.15 19.88
C ILE A 97 -37.80 -4.58 19.86
N LEU A 98 -37.47 -3.76 18.87
CA LEU A 98 -36.08 -3.23 18.76
C LEU A 98 -35.77 -2.42 20.02
N ASN A 99 -36.72 -1.59 20.45
CA ASN A 99 -36.67 -0.78 21.69
C ASN A 99 -36.41 -1.68 22.92
N ASP A 100 -37.15 -2.77 23.08
CA ASP A 100 -37.00 -3.72 24.23
C ASP A 100 -35.59 -4.33 24.17
N ILE A 101 -35.14 -4.75 23.00
CA ILE A 101 -33.81 -5.39 22.83
C ILE A 101 -32.71 -4.37 23.17
N MET A 102 -32.80 -3.15 22.66
CA MET A 102 -31.81 -2.08 22.93
C MET A 102 -31.74 -1.85 24.45
N ARG A 103 -32.88 -1.77 25.14
CA ARG A 103 -32.94 -1.55 26.61
C ARG A 103 -32.23 -2.69 27.34
N ARG A 104 -32.55 -3.93 26.98
CA ARG A 104 -31.93 -5.13 27.60
C ARG A 104 -30.41 -5.08 27.42
N GLU A 105 -29.91 -4.73 26.22
CA GLU A 105 -28.48 -4.89 25.90
C GLU A 105 -27.70 -3.70 26.43
N THR A 106 -28.29 -2.52 26.62
CA THR A 106 -27.54 -1.31 27.08
C THR A 106 -27.83 -0.99 28.56
N GLY A 107 -28.89 -1.56 29.12
CA GLY A 107 -29.46 -1.19 30.42
C GLY A 107 -29.96 0.24 30.45
N ARG A 108 -29.99 0.98 29.34
CA ARG A 108 -30.58 2.34 29.25
C ARG A 108 -32.07 2.24 28.93
N ASP A 109 -32.85 3.14 29.47
CA ASP A 109 -34.33 3.13 29.34
C ASP A 109 -34.70 4.24 28.35
N ASP A 110 -34.01 4.26 27.22
CA ASP A 110 -34.20 5.23 26.10
C ASP A 110 -35.22 4.68 25.12
N ARG A 111 -36.01 5.56 24.54
CA ARG A 111 -37.08 5.20 23.60
C ARG A 111 -36.74 5.77 22.22
N TYR A 112 -37.05 4.99 21.17
CA TYR A 112 -36.67 5.32 19.78
C TYR A 112 -37.92 5.23 18.90
N ASN A 113 -38.10 6.25 18.08
CA ASN A 113 -39.03 6.23 16.94
C ASN A 113 -38.37 5.53 15.77
N ALA A 114 -39.16 4.79 15.00
CA ALA A 114 -38.75 4.03 13.82
C ALA A 114 -39.31 4.72 12.56
N ILE A 115 -38.43 4.95 11.60
CA ILE A 115 -38.79 5.22 10.19
C ILE A 115 -38.20 4.12 9.33
N PHE A 116 -39.01 3.49 8.48
CA PHE A 116 -38.58 2.37 7.61
C PHE A 116 -38.17 2.83 6.22
N ALA A 117 -37.28 2.07 5.60
CA ALA A 117 -36.88 2.32 4.20
C ALA A 117 -36.55 0.98 3.52
N ASN A 118 -35.83 1.05 2.39
CA ASN A 118 -35.74 -0.05 1.40
C ASN A 118 -34.30 -0.56 1.31
N SER A 119 -33.35 0.17 1.89
CA SER A 119 -31.90 -0.19 1.85
C SER A 119 -31.19 0.48 3.03
N GLY A 120 -29.97 0.00 3.31
CA GLY A 120 -29.06 0.59 4.29
C GLY A 120 -28.77 2.06 3.98
N ALA A 121 -28.50 2.38 2.73
CA ALA A 121 -28.22 3.78 2.35
C ALA A 121 -29.45 4.64 2.64
N GLU A 122 -30.65 4.19 2.26
CA GLU A 122 -31.89 4.98 2.48
C GLU A 122 -32.07 5.23 3.97
N ALA A 123 -31.76 4.26 4.83
CA ALA A 123 -31.89 4.41 6.30
C ALA A 123 -30.86 5.44 6.80
N ASN A 124 -29.63 5.36 6.32
CA ASN A 124 -28.57 6.36 6.63
C ASN A 124 -29.04 7.73 6.15
N GLU A 125 -29.74 7.82 5.03
CA GLU A 125 -30.15 9.15 4.45
C GLU A 125 -31.34 9.74 5.22
N ILE A 126 -32.22 8.89 5.76
CA ILE A 126 -33.25 9.35 6.72
C ILE A 126 -32.55 10.04 7.92
N CYS A 127 -31.48 9.45 8.42
CA CYS A 127 -30.71 10.02 9.56
C CYS A 127 -30.03 11.32 9.14
N MET A 128 -29.49 11.41 7.92
CA MET A 128 -28.85 12.66 7.43
C MET A 128 -29.92 13.75 7.39
N LYS A 129 -31.11 13.44 6.88
CA LYS A 129 -32.25 14.39 6.75
C LYS A 129 -32.72 14.81 8.14
N HIS A 130 -32.96 13.88 9.05
CA HIS A 130 -33.42 14.24 10.40
C HIS A 130 -32.35 15.09 11.10
N ALA A 131 -31.07 14.78 10.92
CA ALA A 131 -29.94 15.53 11.53
C ALA A 131 -29.98 16.98 11.04
N GLU A 132 -30.32 17.15 9.76
CA GLU A 132 -30.41 18.49 9.13
C GLU A 132 -31.67 19.21 9.64
N LEU A 133 -32.76 18.51 9.98
CA LEU A 133 -33.92 19.17 10.66
C LEU A 133 -33.47 19.73 12.02
N GLU A 134 -32.70 18.94 12.79
CA GLU A 134 -32.16 19.33 14.12
C GLU A 134 -31.28 20.58 13.97
N ARG A 135 -30.41 20.60 12.94
CA ARG A 135 -29.47 21.72 12.69
C ARG A 135 -30.28 22.97 12.28
N GLN A 136 -31.34 22.83 11.50
CA GLN A 136 -32.18 24.00 11.09
C GLN A 136 -32.94 24.54 12.31
N GLU A 137 -33.35 23.69 13.25
CA GLU A 137 -33.92 24.13 14.56
C GLU A 137 -32.86 24.97 15.31
N ARG A 138 -31.61 24.50 15.40
CA ARG A 138 -30.55 25.19 16.18
C ARG A 138 -30.27 26.52 15.48
N ILE A 139 -30.23 26.53 14.15
CA ILE A 139 -29.99 27.75 13.34
C ILE A 139 -31.11 28.80 13.60
N THR A 140 -32.38 28.39 13.57
CA THR A 140 -33.54 29.30 13.79
C THR A 140 -33.40 29.98 15.16
N ALA A 141 -33.13 29.18 16.21
CA ALA A 141 -32.91 29.67 17.60
C ALA A 141 -31.78 30.70 17.62
N LEU A 142 -30.62 30.36 17.03
CA LEU A 142 -29.42 31.21 17.04
C LEU A 142 -29.71 32.55 16.34
N PHE A 143 -30.36 32.51 15.17
CA PHE A 143 -30.66 33.69 14.34
C PHE A 143 -31.71 34.56 15.05
N ALA A 144 -32.67 33.97 15.77
CA ALA A 144 -33.68 34.71 16.57
C ALA A 144 -32.96 35.49 17.70
N GLU A 145 -32.00 34.86 18.36
CA GLU A 145 -31.21 35.51 19.44
C GLU A 145 -30.41 36.67 18.89
N ILE A 146 -29.81 36.49 17.70
CA ILE A 146 -28.92 37.50 17.07
C ILE A 146 -29.78 38.72 16.72
N ASP A 147 -30.99 38.52 16.19
CA ASP A 147 -31.96 39.61 15.88
C ASP A 147 -32.19 40.45 17.15
N ALA A 148 -32.56 39.81 18.26
CA ALA A 148 -32.75 40.45 19.59
C ALA A 148 -31.49 41.19 20.06
N GLU A 149 -30.30 40.58 19.96
CA GLU A 149 -29.00 41.23 20.32
C GLU A 149 -28.76 42.46 19.41
N LEU A 150 -29.15 42.40 18.14
CA LEU A 150 -28.95 43.53 17.18
C LEU A 150 -29.92 44.66 17.55
N ASP A 151 -31.20 44.34 17.82
CA ASP A 151 -32.23 45.31 18.28
C ASP A 151 -31.76 46.05 19.55
N THR A 152 -31.27 45.33 20.56
CA THR A 152 -30.77 45.87 21.85
C THR A 152 -29.53 46.74 21.60
N ALA A 153 -28.61 46.32 20.73
CA ALA A 153 -27.40 47.11 20.37
C ALA A 153 -27.82 48.38 19.61
N ARG A 154 -28.84 48.31 18.76
CA ARG A 154 -29.35 49.45 17.95
C ARG A 154 -30.05 50.47 18.85
N GLU A 155 -30.91 50.01 19.77
CA GLU A 155 -31.57 50.82 20.83
C GLU A 155 -30.51 51.66 21.55
N ALA A 156 -29.37 51.05 21.89
CA ALA A 156 -28.32 51.66 22.75
C ALA A 156 -27.50 52.67 21.94
N LEU A 157 -27.29 52.44 20.64
CA LEU A 157 -26.42 53.28 19.78
C LEU A 157 -27.20 54.50 19.28
N THR A 158 -28.48 54.32 18.91
CA THR A 158 -29.36 55.40 18.37
C THR A 158 -29.95 56.25 19.50
N THR A 159 -29.82 55.81 20.76
CA THR A 159 -30.21 56.58 21.98
C THR A 159 -29.03 56.59 22.96
N GLY A 160 -28.09 57.53 22.77
CA GLY A 160 -27.03 57.88 23.73
C GLY A 160 -26.28 56.66 24.28
N THR A 161 -26.93 55.88 25.15
CA THR A 161 -26.34 54.84 26.06
C THR A 161 -24.88 54.53 25.64
N ALA A 162 -24.69 53.93 24.46
CA ALA A 162 -23.43 53.23 24.11
C ALA A 162 -22.82 53.79 22.82
N THR A 163 -21.50 53.62 22.71
CA THR A 163 -20.66 53.98 21.55
C THR A 163 -20.18 52.69 20.88
N LEU A 164 -20.32 52.59 19.55
CA LEU A 164 -19.81 51.44 18.77
C LEU A 164 -18.29 51.50 18.74
N ASP A 165 -17.59 50.54 19.37
CA ASP A 165 -16.11 50.41 19.32
C ASP A 165 -15.68 50.03 17.90
N THR A 166 -14.80 50.81 17.27
CA THR A 166 -14.35 50.69 15.86
C THR A 166 -13.14 49.73 15.76
N ALA A 167 -12.58 49.25 16.89
CA ALA A 167 -11.53 48.21 16.94
C ALA A 167 -12.07 46.87 16.39
N SER A 168 -13.39 46.64 16.48
CA SER A 168 -14.08 45.38 16.11
C SER A 168 -14.57 45.40 14.65
N LEU A 169 -14.55 46.55 13.97
CA LEU A 169 -15.07 46.73 12.58
C LEU A 169 -14.29 45.90 11.54
N PRO A 170 -13.00 45.52 11.73
CA PRO A 170 -12.35 44.56 10.83
C PRO A 170 -13.14 43.27 10.57
N LEU A 171 -14.14 42.96 11.40
CA LEU A 171 -15.01 41.77 11.19
C LEU A 171 -16.08 42.09 10.12
N VAL A 172 -16.21 43.34 9.63
CA VAL A 172 -17.22 43.73 8.60
C VAL A 172 -16.62 44.73 7.59
N ASP A 178 -20.85 52.93 11.22
CA ASP A 178 -22.20 53.41 10.83
C ASP A 178 -23.25 52.35 11.19
N VAL A 179 -24.07 52.64 12.20
CA VAL A 179 -25.06 51.72 12.84
C VAL A 179 -25.74 50.84 11.77
N ASP A 180 -26.52 51.46 10.89
CA ASP A 180 -27.48 50.76 9.98
C ASP A 180 -26.71 49.91 8.96
N GLY A 181 -25.54 50.38 8.50
CA GLY A 181 -24.70 49.71 7.50
C GLY A 181 -23.94 48.52 8.08
N VAL A 182 -23.48 48.63 9.33
CA VAL A 182 -22.83 47.51 10.08
C VAL A 182 -23.83 46.36 10.24
N ILE A 183 -25.10 46.65 10.50
CA ILE A 183 -26.19 45.64 10.70
C ILE A 183 -26.53 44.96 9.36
N ALA A 184 -26.55 45.72 8.26
CA ALA A 184 -26.74 45.18 6.89
C ALA A 184 -25.60 44.22 6.56
N ASP A 185 -24.34 44.59 6.89
CA ASP A 185 -23.12 43.79 6.59
C ASP A 185 -23.12 42.48 7.39
N ILE A 186 -23.61 42.53 8.63
CA ILE A 186 -23.76 41.36 9.54
C ILE A 186 -24.82 40.42 8.96
N HIS A 187 -26.00 40.94 8.59
CA HIS A 187 -27.11 40.16 8.01
C HIS A 187 -26.65 39.49 6.70
N ARG A 188 -25.86 40.18 5.88
CA ARG A 188 -25.34 39.63 4.60
C ARG A 188 -24.39 38.47 4.92
N HIS A 189 -23.41 38.71 5.80
CA HIS A 189 -22.45 37.68 6.30
C HIS A 189 -23.21 36.45 6.82
N ASN A 190 -24.19 36.67 7.70
CA ASN A 190 -24.92 35.58 8.38
C ASN A 190 -25.72 34.75 7.35
N ASP A 191 -26.37 35.42 6.38
CA ASP A 191 -27.24 34.77 5.36
C ASP A 191 -26.38 33.88 4.46
N GLU A 192 -25.18 34.36 4.10
CA GLU A 192 -24.22 33.56 3.29
C GLU A 192 -23.89 32.29 4.08
N ARG A 193 -23.46 32.44 5.33
CA ARG A 193 -23.13 31.32 6.23
C ARG A 193 -24.30 30.30 6.31
N ARG A 194 -25.53 30.80 6.39
CA ARG A 194 -26.71 29.97 6.67
C ARG A 194 -27.00 29.06 5.48
N ALA A 195 -26.75 29.52 4.25
CA ALA A 195 -27.05 28.78 3.01
C ALA A 195 -25.91 27.79 2.69
N GLU A 196 -24.73 27.88 3.33
CA GLU A 196 -23.58 26.99 3.05
C GLU A 196 -23.95 25.55 3.42
N ARG A 197 -23.39 24.59 2.71
CA ARG A 197 -23.67 23.15 2.96
C ARG A 197 -23.13 22.79 4.35
N PRO A 198 -23.77 21.88 5.11
CA PRO A 198 -23.17 21.37 6.34
C PRO A 198 -22.05 20.37 6.06
N LEU A 199 -21.40 19.92 7.12
CA LEU A 199 -20.39 18.84 7.13
C LEU A 199 -20.98 17.62 7.83
N PHE A 200 -20.53 16.42 7.45
CA PHE A 200 -20.73 15.18 8.23
C PHE A 200 -19.36 14.75 8.72
N LEU A 201 -19.29 14.17 9.91
CA LEU A 201 -18.05 13.54 10.38
C LEU A 201 -18.21 12.03 10.26
N THR A 202 -17.20 11.36 9.71
CA THR A 202 -17.10 9.88 9.58
C THR A 202 -15.69 9.48 10.00
N LEU A 203 -15.43 8.18 10.12
CA LEU A 203 -14.07 7.61 10.33
C LEU A 203 -13.42 7.35 8.99
N ASP A 204 -12.08 7.32 8.96
CA ASP A 204 -11.32 6.84 7.77
C ASP A 204 -11.79 5.41 7.46
N GLY A 205 -11.96 5.06 6.18
CA GLY A 205 -12.37 3.72 5.76
C GLY A 205 -13.87 3.51 5.88
N SER A 206 -14.63 4.57 6.21
CA SER A 206 -16.09 4.51 6.48
C SER A 206 -16.80 4.00 5.22
N PHE A 207 -17.82 3.17 5.40
CA PHE A 207 -18.78 2.79 4.36
C PHE A 207 -20.20 2.95 4.89
N HIS A 208 -20.96 3.89 4.29
CA HIS A 208 -22.33 4.26 4.73
C HIS A 208 -23.32 4.23 3.55
N GLY A 209 -22.91 3.70 2.40
CA GLY A 209 -23.76 3.59 1.19
C GLY A 209 -23.26 4.43 0.05
N LYS A 210 -24.01 4.42 -1.06
CA LYS A 210 -23.49 4.90 -2.38
C LYS A 210 -24.54 5.70 -3.14
N LEU A 211 -25.54 6.27 -2.48
CA LEU A 211 -26.50 7.20 -3.15
C LEU A 211 -25.91 8.61 -3.12
N VAL A 212 -26.62 9.62 -3.61
CA VAL A 212 -26.05 10.99 -3.82
C VAL A 212 -25.58 11.55 -2.47
N GLY A 213 -26.40 11.44 -1.42
CA GLY A 213 -26.04 11.89 -0.05
C GLY A 213 -24.99 10.97 0.58
N SER A 214 -25.29 9.67 0.67
CA SER A 214 -24.51 8.70 1.46
C SER A 214 -23.12 8.51 0.86
N ILE A 215 -22.95 8.64 -0.48
CA ILE A 215 -21.63 8.34 -1.12
C ILE A 215 -20.59 9.30 -0.53
N GLN A 216 -20.98 10.51 -0.21
CA GLN A 216 -20.02 11.51 0.35
C GLN A 216 -19.50 11.01 1.71
N LEU A 217 -20.19 10.06 2.36
CA LEU A 217 -19.85 9.54 3.71
C LEU A 217 -18.99 8.28 3.55
N THR A 218 -18.68 7.90 2.31
CA THR A 218 -17.95 6.64 2.01
C THR A 218 -16.53 7.01 1.54
N GLN A 219 -15.51 6.52 2.25
CA GLN A 219 -14.09 6.91 2.03
C GLN A 219 -13.65 6.53 0.61
N ASN A 220 -13.86 5.25 0.23
CA ASN A 220 -13.30 4.61 -1.00
C ASN A 220 -13.26 5.65 -2.14
N GLU A 221 -12.06 6.09 -2.54
CA GLU A 221 -11.87 7.33 -3.35
C GLU A 221 -12.44 7.18 -4.77
N PRO A 222 -12.22 6.05 -5.47
CA PRO A 222 -12.81 5.88 -6.80
C PRO A 222 -14.35 5.83 -6.79
N TRP A 223 -14.96 5.41 -5.66
CA TRP A 223 -16.44 5.31 -5.52
C TRP A 223 -17.03 6.70 -5.30
N ARG A 224 -16.29 7.58 -4.62
CA ARG A 224 -16.80 8.86 -4.08
C ARG A 224 -16.36 10.05 -4.94
N THR A 225 -15.07 10.18 -5.25
CA THR A 225 -14.50 11.50 -5.70
C THR A 225 -15.17 11.98 -6.98
N PRO A 226 -15.67 11.14 -7.90
CA PRO A 226 -16.38 11.63 -9.09
C PRO A 226 -17.64 12.46 -8.77
N PHE A 227 -18.20 12.27 -7.57
CA PHE A 227 -19.53 12.75 -7.13
C PHE A 227 -19.42 13.88 -6.11
N THR A 228 -18.20 14.34 -5.80
CA THR A 228 -17.86 15.35 -4.75
C THR A 228 -18.76 16.59 -4.83
N ALA A 229 -19.03 17.08 -6.03
CA ALA A 229 -19.71 18.37 -6.28
C ALA A 229 -21.22 18.27 -5.98
N LEU A 230 -21.77 17.07 -5.89
CA LEU A 230 -23.26 16.88 -5.83
C LEU A 230 -23.84 17.24 -4.47
N SER A 231 -23.13 16.93 -3.38
CA SER A 231 -23.73 16.83 -2.03
C SER A 231 -22.71 17.17 -0.94
N SER A 232 -23.20 17.44 0.26
CA SER A 232 -22.40 17.81 1.45
C SER A 232 -21.29 16.79 1.67
N PRO A 233 -20.07 17.27 1.93
CA PRO A 233 -18.95 16.38 2.16
C PRO A 233 -18.92 15.91 3.61
N ALA A 234 -18.08 14.91 3.83
CA ALA A 234 -17.66 14.38 5.14
C ALA A 234 -16.21 14.77 5.38
N ARG A 235 -15.82 14.93 6.65
CA ARG A 235 -14.40 14.88 7.05
C ARG A 235 -14.19 13.52 7.68
N PHE A 236 -13.19 12.81 7.15
CA PHE A 236 -12.85 11.43 7.51
C PHE A 236 -11.80 11.50 8.62
N LEU A 237 -12.22 11.19 9.84
CA LEU A 237 -11.39 11.36 11.05
C LEU A 237 -10.50 10.14 11.18
N PRO A 238 -9.23 10.32 11.60
CA PRO A 238 -8.29 9.20 11.71
C PRO A 238 -8.57 8.36 12.96
N ALA A 239 -9.14 7.16 12.77
CA ALA A 239 -9.63 6.27 13.85
C ALA A 239 -8.49 5.89 14.80
N ASP A 240 -7.29 5.70 14.24
CA ASP A 240 -6.10 5.13 14.93
C ASP A 240 -5.44 6.19 15.83
N GLU A 241 -5.73 7.49 15.63
CA GLU A 241 -5.05 8.62 16.31
C GLU A 241 -6.09 9.63 16.79
N PRO A 242 -6.98 9.26 17.75
CA PRO A 242 -7.94 10.20 18.34
C PRO A 242 -7.39 11.56 18.78
N GLU A 243 -6.11 11.61 19.12
CA GLU A 243 -5.32 12.83 19.45
C GLU A 243 -5.60 13.93 18.42
N LEU A 244 -5.63 13.56 17.13
CA LEU A 244 -5.61 14.49 15.96
C LEU A 244 -7.02 14.94 15.55
N ILE A 245 -8.07 14.26 16.02
CA ILE A 245 -9.50 14.52 15.67
C ILE A 245 -9.91 15.92 16.17
N GLY A 246 -9.61 16.23 17.44
CA GLY A 246 -9.82 17.54 18.08
C GLY A 246 -9.47 18.69 17.15
N LYS A 247 -8.26 18.68 16.60
CA LYS A 247 -7.71 19.78 15.77
C LYS A 247 -8.45 19.82 14.42
N ILE A 248 -8.72 18.66 13.83
CA ILE A 248 -9.41 18.61 12.50
C ILE A 248 -10.80 19.24 12.64
N VAL A 249 -11.51 18.97 13.74
CA VAL A 249 -12.90 19.46 13.96
C VAL A 249 -12.83 20.95 14.29
N GLU A 250 -11.84 21.37 15.07
CA GLU A 250 -11.60 22.80 15.44
C GLU A 250 -11.36 23.60 14.15
N ASP A 251 -10.61 23.11 13.16
CA ASP A 251 -10.44 23.81 11.86
C ASP A 251 -11.78 24.04 11.15
N GLU A 252 -12.80 23.22 11.39
CA GLU A 252 -14.12 23.33 10.69
C GLU A 252 -15.07 24.30 11.37
N ARG A 253 -14.70 24.83 12.54
CA ARG A 253 -15.43 25.93 13.24
C ARG A 253 -15.81 26.99 12.23
N ARG A 254 -17.04 27.51 12.27
CA ARG A 254 -17.44 28.72 11.50
C ARG A 254 -18.24 29.63 12.41
N SER A 255 -18.19 30.93 12.14
CA SER A 255 -18.82 32.01 12.95
C SER A 255 -19.93 32.67 12.16
N VAL A 256 -20.97 33.08 12.87
CA VAL A 256 -21.88 34.19 12.47
C VAL A 256 -21.50 35.43 13.29
N LEU A 257 -21.95 36.60 12.88
CA LEU A 257 -21.64 37.87 13.59
C LEU A 257 -22.87 38.33 14.34
N THR A 258 -22.65 39.04 15.44
CA THR A 258 -23.69 39.80 16.17
C THR A 258 -23.06 41.05 16.81
N LEU A 259 -23.89 41.88 17.41
CA LEU A 259 -23.50 43.02 18.27
C LEU A 259 -23.74 42.66 19.75
N SER A 260 -22.69 42.73 20.56
CA SER A 260 -22.73 42.50 22.04
C SER A 260 -22.66 43.85 22.78
N LEU A 261 -23.70 44.19 23.55
CA LEU A 261 -23.77 45.40 24.42
C LEU A 261 -23.14 45.11 25.79
N ASP A 262 -22.11 45.88 26.18
CA ASP A 262 -21.51 45.89 27.55
C ASP A 262 -21.86 47.23 28.25
N LYS A 263 -23.15 47.55 28.26
CA LYS A 263 -23.79 48.83 28.68
C LYS A 263 -23.09 50.07 28.09
N ASP A 264 -21.77 50.21 28.29
CA ASP A 264 -21.01 51.39 27.81
C ASP A 264 -20.65 51.25 26.33
N THR A 265 -20.04 50.13 25.94
CA THR A 265 -19.47 49.86 24.59
C THR A 265 -20.33 48.81 23.85
N VAL A 266 -20.49 48.96 22.52
CA VAL A 266 -21.05 47.93 21.60
C VAL A 266 -19.92 47.43 20.72
N ARG A 267 -19.75 46.11 20.63
CA ARG A 267 -18.69 45.42 19.83
C ARG A 267 -19.37 44.47 18.82
N VAL A 268 -18.83 44.44 17.61
CA VAL A 268 -19.06 43.31 16.66
C VAL A 268 -18.28 42.12 17.21
N VAL A 269 -18.94 40.97 17.39
CA VAL A 269 -18.29 39.72 17.88
C VAL A 269 -18.76 38.55 17.03
N GLU A 270 -17.87 37.58 16.88
CA GLU A 270 -18.16 36.24 16.30
C GLU A 270 -18.87 35.39 17.36
N ARG A 271 -19.91 34.63 16.98
CA ARG A 271 -20.46 33.52 17.79
C ARG A 271 -20.56 32.25 16.92
N ASP A 272 -20.67 31.09 17.56
CA ASP A 272 -20.49 29.79 16.87
C ASP A 272 -21.68 29.49 15.97
N PHE A 273 -21.42 28.99 14.76
CA PHE A 273 -22.45 28.51 13.81
C PHE A 273 -22.42 26.99 13.79
N PRO A 274 -23.58 26.32 13.87
CA PRO A 274 -23.65 24.86 13.73
C PRO A 274 -23.42 24.41 12.27
N VAL A 275 -22.20 23.91 11.98
CA VAL A 275 -21.79 23.42 10.62
C VAL A 275 -21.97 21.90 10.53
N VAL A 276 -21.69 21.14 11.60
CA VAL A 276 -21.71 19.66 11.55
C VAL A 276 -23.14 19.15 11.78
N ALA A 277 -23.74 18.51 10.78
CA ALA A 277 -25.09 17.91 10.81
C ALA A 277 -25.08 16.66 11.70
N ALA A 278 -24.09 15.79 11.56
CA ALA A 278 -24.07 14.48 12.23
C ALA A 278 -22.68 13.87 12.19
N ILE A 279 -22.40 13.01 13.16
CA ILE A 279 -21.24 12.08 13.18
C ILE A 279 -21.81 10.69 12.84
N PHE A 280 -21.18 9.95 11.92
CA PHE A 280 -21.56 8.55 11.60
C PHE A 280 -20.46 7.60 12.07
N VAL A 281 -20.84 6.43 12.58
CA VAL A 281 -19.85 5.39 12.98
C VAL A 281 -20.45 4.01 12.77
N GLU A 282 -19.62 3.12 12.22
CA GLU A 282 -19.89 1.66 12.19
C GLU A 282 -19.21 1.03 13.40
N PRO A 283 -19.91 0.26 14.24
CA PRO A 283 -19.26 -0.40 15.38
C PRO A 283 -18.09 -1.32 14.97
N VAL A 284 -18.21 -1.96 13.82
CA VAL A 284 -17.14 -2.76 13.19
C VAL A 284 -17.04 -2.25 11.76
N ARG A 285 -15.86 -1.77 11.36
CA ARG A 285 -15.69 -0.89 10.20
C ARG A 285 -15.46 -1.74 8.94
N GLY A 286 -16.54 -2.05 8.22
CA GLY A 286 -16.54 -2.86 6.98
C GLY A 286 -15.48 -2.42 5.99
N GLY A 287 -15.50 -1.13 5.61
CA GLY A 287 -14.57 -0.55 4.61
C GLY A 287 -13.14 -0.43 5.12
N SER A 288 -12.87 -0.76 6.38
CA SER A 288 -11.53 -0.74 7.02
C SER A 288 -10.99 -2.16 7.20
N GLY A 289 -11.68 -3.18 6.68
CA GLY A 289 -11.32 -4.60 6.90
C GLY A 289 -11.77 -5.12 8.26
N MET A 290 -12.92 -4.70 8.75
CA MET A 290 -13.65 -5.27 9.93
C MET A 290 -12.95 -4.88 11.24
N LYS A 291 -12.34 -3.70 11.32
CA LYS A 291 -11.74 -3.20 12.59
C LYS A 291 -12.88 -2.76 13.53
N THR A 292 -12.89 -3.27 14.76
CA THR A 292 -13.84 -2.82 15.83
C THR A 292 -13.40 -1.44 16.33
N VAL A 293 -14.36 -0.56 16.61
CA VAL A 293 -14.17 0.74 17.30
C VAL A 293 -13.58 0.43 18.68
N THR A 294 -12.43 1.02 18.99
CA THR A 294 -11.74 0.92 20.32
C THR A 294 -12.49 1.77 21.33
N PRO A 295 -12.38 1.50 22.65
CA PRO A 295 -12.98 2.36 23.66
C PRO A 295 -12.50 3.81 23.57
N GLU A 296 -11.23 4.01 23.22
CA GLU A 296 -10.63 5.36 23.09
C GLU A 296 -11.37 6.14 21.98
N LEU A 297 -11.65 5.47 20.87
CA LEU A 297 -12.33 6.16 19.74
C LEU A 297 -13.81 6.41 20.09
N ALA A 298 -14.48 5.45 20.71
CA ALA A 298 -15.86 5.57 21.23
C ALA A 298 -15.95 6.83 22.09
N GLU A 299 -15.00 7.02 22.99
CA GLU A 299 -15.05 8.18 23.93
C GLU A 299 -14.80 9.48 23.16
N GLU A 300 -13.97 9.47 22.12
CA GLU A 300 -13.75 10.69 21.31
C GLU A 300 -15.04 11.05 20.55
N LEU A 301 -15.78 10.06 20.05
CA LEU A 301 -17.06 10.31 19.32
C LEU A 301 -18.10 10.85 20.29
N HIS A 302 -18.16 10.29 21.49
CA HIS A 302 -19.02 10.80 22.60
C HIS A 302 -18.68 12.28 22.90
N ARG A 303 -17.39 12.61 23.01
CA ARG A 303 -16.93 14.00 23.27
C ARG A 303 -17.42 14.89 22.13
N LEU A 304 -17.20 14.48 20.87
CA LEU A 304 -17.56 15.30 19.70
C LEU A 304 -19.07 15.53 19.72
N ARG A 305 -19.86 14.48 19.95
CA ARG A 305 -21.35 14.56 19.98
C ARG A 305 -21.78 15.54 21.08
N ASP A 306 -21.28 15.39 22.30
CA ASP A 306 -21.62 16.28 23.46
C ASP A 306 -21.17 17.70 23.11
N THR A 307 -20.03 17.89 22.44
CA THR A 307 -19.45 19.23 22.17
C THR A 307 -20.21 19.96 21.08
N LEU A 308 -20.56 19.32 19.96
CA LEU A 308 -21.10 20.02 18.76
C LEU A 308 -22.63 20.11 18.87
N GLY A 309 -23.24 19.19 19.63
CA GLY A 309 -24.70 19.12 19.84
C GLY A 309 -25.42 18.49 18.65
N CYS A 310 -24.70 17.88 17.72
CA CYS A 310 -25.30 17.11 16.62
C CYS A 310 -25.41 15.65 17.03
N PRO A 311 -26.32 14.87 16.42
CA PRO A 311 -26.43 13.45 16.76
C PRO A 311 -25.24 12.62 16.28
N LEU A 312 -24.95 11.59 17.07
CA LEU A 312 -24.08 10.46 16.70
C LEU A 312 -24.98 9.35 16.10
N VAL A 313 -24.76 9.05 14.83
CA VAL A 313 -25.55 8.04 14.09
C VAL A 313 -24.72 6.76 14.03
N VAL A 314 -25.22 5.71 14.67
CA VAL A 314 -24.59 4.36 14.69
C VAL A 314 -25.18 3.49 13.55
N ASP A 315 -24.34 3.24 12.54
CA ASP A 315 -24.69 2.45 11.33
C ASP A 315 -24.47 0.99 11.66
N GLU A 316 -25.55 0.26 11.94
CA GLU A 316 -25.55 -1.20 12.26
C GLU A 316 -26.17 -1.97 11.08
N VAL A 317 -26.18 -1.36 9.91
CA VAL A 317 -26.64 -2.03 8.66
C VAL A 317 -25.97 -3.40 8.55
N GLN A 318 -24.68 -3.50 8.84
CA GLN A 318 -23.89 -4.76 8.76
C GLN A 318 -23.73 -5.40 10.14
N THR A 319 -23.45 -4.62 11.20
CA THR A 319 -23.18 -5.16 12.57
C THR A 319 -24.44 -5.61 13.32
N GLY A 320 -25.64 -5.19 12.93
CA GLY A 320 -26.90 -5.52 13.63
C GLY A 320 -27.44 -6.95 13.41
N ILE A 321 -28.47 -7.29 14.17
CA ILE A 321 -29.29 -8.54 14.09
C ILE A 321 -28.34 -9.72 14.38
N GLY A 322 -27.45 -9.55 15.35
CA GLY A 322 -26.80 -10.66 16.06
C GLY A 322 -25.41 -10.98 15.54
N ARG A 323 -24.98 -10.32 14.46
CA ARG A 323 -23.70 -10.61 13.74
C ARG A 323 -22.49 -10.62 14.71
N THR A 324 -22.45 -9.70 15.67
CA THR A 324 -21.27 -9.51 16.55
C THR A 324 -21.41 -10.33 17.83
N GLY A 325 -22.51 -11.04 18.03
CA GLY A 325 -22.75 -11.83 19.25
C GLY A 325 -23.66 -11.10 20.20
N ALA A 326 -24.15 -9.91 19.82
CA ALA A 326 -25.29 -9.21 20.45
C ALA A 326 -26.22 -8.73 19.32
N PHE A 327 -27.45 -8.34 19.63
CA PHE A 327 -28.32 -7.75 18.58
C PHE A 327 -27.63 -6.49 18.06
N PHE A 328 -27.29 -5.56 18.94
CA PHE A 328 -26.59 -4.29 18.62
C PHE A 328 -25.10 -4.42 18.94
N GLY A 329 -24.27 -4.27 17.92
CA GLY A 329 -22.81 -4.17 18.06
C GLY A 329 -22.41 -2.99 18.91
N SER A 330 -23.11 -1.86 18.79
CA SER A 330 -22.88 -0.64 19.60
C SER A 330 -23.02 -0.95 21.11
N ALA A 331 -23.98 -1.78 21.48
CA ALA A 331 -24.24 -2.18 22.89
C ALA A 331 -23.04 -2.97 23.40
N LEU A 332 -22.56 -3.88 22.59
CA LEU A 332 -21.39 -4.72 22.89
C LEU A 332 -20.16 -3.83 23.08
N LEU A 333 -19.93 -2.85 22.22
CA LEU A 333 -18.68 -2.04 22.22
C LEU A 333 -18.82 -0.74 23.02
N GLY A 334 -19.99 -0.47 23.62
CA GLY A 334 -20.22 0.73 24.45
C GLY A 334 -20.28 2.02 23.63
N ILE A 335 -20.86 1.99 22.42
CA ILE A 335 -21.06 3.21 21.59
C ILE A 335 -22.48 3.75 21.84
N ARG A 336 -22.60 4.94 22.41
CA ARG A 336 -23.91 5.49 22.85
C ARG A 336 -24.38 6.43 21.77
N GLY A 337 -25.09 5.89 20.78
CA GLY A 337 -25.59 6.67 19.63
C GLY A 337 -26.87 7.38 19.98
N ASP A 338 -27.23 8.39 19.20
CA ASP A 338 -28.53 9.09 19.25
C ASP A 338 -29.50 8.46 18.25
N TYR A 339 -29.00 8.05 17.08
CA TYR A 339 -29.76 7.41 15.97
C TYR A 339 -29.04 6.12 15.63
N TYR A 340 -29.81 5.10 15.23
CA TYR A 340 -29.28 3.79 14.82
C TYR A 340 -29.90 3.39 13.48
N THR A 341 -29.14 2.70 12.64
CA THR A 341 -29.69 2.18 11.37
C THR A 341 -29.46 0.68 11.31
N LEU A 342 -30.45 0.00 10.74
CA LEU A 342 -30.40 -1.45 10.46
C LEU A 342 -30.89 -1.70 9.03
N ALA A 343 -30.38 -2.74 8.39
CA ALA A 343 -30.92 -3.30 7.12
C ALA A 343 -30.58 -4.81 7.05
N LYS A 344 -29.48 -5.15 6.40
CA LYS A 344 -29.13 -6.48 5.83
C LYS A 344 -30.04 -7.63 6.31
N ALA A 345 -29.79 -8.19 7.50
CA ALA A 345 -30.37 -9.49 7.93
C ALA A 345 -31.87 -9.37 8.21
N ILE A 346 -32.41 -8.16 8.33
CA ILE A 346 -33.83 -7.91 8.73
C ILE A 346 -34.80 -8.39 7.63
N GLY A 347 -34.34 -8.48 6.38
CA GLY A 347 -35.10 -9.02 5.24
C GLY A 347 -35.10 -10.54 5.17
N GLY A 348 -34.48 -11.24 6.11
CA GLY A 348 -34.45 -12.72 6.18
C GLY A 348 -33.70 -13.35 5.03
N GLY A 349 -32.94 -12.55 4.27
CA GLY A 349 -32.18 -12.99 3.08
C GLY A 349 -33.06 -13.11 1.86
N ILE A 350 -34.32 -12.62 1.91
CA ILE A 350 -35.28 -12.78 0.79
C ILE A 350 -35.92 -11.44 0.41
N VAL A 351 -36.13 -10.51 1.34
CA VAL A 351 -36.77 -9.22 0.98
C VAL A 351 -35.89 -8.05 1.42
N LYS A 352 -36.35 -6.83 1.12
CA LYS A 352 -35.55 -5.58 1.28
C LYS A 352 -36.27 -4.69 2.28
N ASN A 353 -35.58 -4.33 3.34
CA ASN A 353 -36.15 -3.59 4.49
C ASN A 353 -34.99 -2.92 5.24
N SER A 354 -35.25 -1.75 5.82
CA SER A 354 -34.28 -1.05 6.66
C SER A 354 -35.04 -0.17 7.65
N VAL A 355 -34.34 0.29 8.68
CA VAL A 355 -35.00 1.13 9.71
C VAL A 355 -33.97 2.10 10.30
N ALA A 356 -34.42 3.33 10.50
CA ALA A 356 -33.73 4.38 11.25
C ALA A 356 -34.46 4.48 12.59
N LEU A 357 -33.74 4.31 13.69
CA LEU A 357 -34.23 4.48 15.08
C LEU A 357 -33.70 5.82 15.58
N ILE A 358 -34.58 6.77 15.89
CA ILE A 358 -34.20 8.15 16.34
C ILE A 358 -34.74 8.38 17.76
N ARG A 359 -33.87 8.78 18.69
CA ARG A 359 -34.24 8.90 20.13
C ARG A 359 -35.42 9.86 20.20
N GLN A 360 -36.47 9.47 20.93
CA GLN A 360 -37.75 10.22 20.95
C GLN A 360 -37.56 11.61 21.54
N ASP A 361 -36.58 11.83 22.42
CA ASP A 361 -36.37 13.18 23.00
C ASP A 361 -35.75 14.10 21.93
N ARG A 362 -35.22 13.58 20.82
CA ARG A 362 -34.66 14.43 19.73
C ARG A 362 -35.58 14.42 18.50
N PHE A 363 -36.55 13.49 18.44
CA PHE A 363 -37.32 13.22 17.20
C PHE A 363 -38.25 14.39 16.91
N LEU A 364 -38.20 14.93 15.69
CA LEU A 364 -39.03 16.08 15.24
C LEU A 364 -40.23 15.53 14.49
N PRO A 365 -41.46 15.71 15.04
CA PRO A 365 -42.66 15.07 14.50
C PRO A 365 -42.89 15.33 13.00
N ALA A 366 -42.42 16.46 12.48
CA ALA A 366 -42.55 16.82 11.05
C ALA A 366 -42.03 15.67 10.17
N MET A 367 -40.96 15.01 10.62
CA MET A 367 -40.27 13.91 9.86
C MET A 367 -41.28 12.80 9.50
N GLU A 368 -42.26 12.52 10.35
CA GLU A 368 -43.24 11.42 10.16
C GLU A 368 -44.18 11.73 8.99
N VAL A 369 -44.34 13.01 8.63
CA VAL A 369 -45.30 13.43 7.56
C VAL A 369 -44.58 14.09 6.39
N ILE A 370 -43.34 14.56 6.50
CA ILE A 370 -42.65 15.14 5.31
C ILE A 370 -41.76 14.07 4.65
N HIS A 371 -41.33 13.02 5.37
CA HIS A 371 -40.54 11.91 4.77
C HIS A 371 -41.48 10.75 4.44
N SER A 372 -41.29 10.12 3.29
CA SER A 372 -42.06 8.92 2.87
C SER A 372 -41.35 8.26 1.68
N SER A 373 -41.82 7.09 1.30
CA SER A 373 -41.26 6.21 0.25
C SER A 373 -42.39 5.26 -0.16
N THR A 374 -42.60 5.00 -1.45
CA THR A 374 -43.67 4.09 -1.94
C THR A 374 -43.59 2.74 -1.21
N PHE A 375 -42.41 2.11 -1.21
CA PHE A 375 -42.21 0.69 -0.86
C PHE A 375 -41.92 0.54 0.65
N ALA A 376 -41.64 1.63 1.36
CA ALA A 376 -41.23 1.59 2.79
C ALA A 376 -42.40 1.07 3.62
N LYS A 377 -42.11 0.27 4.63
CA LYS A 377 -43.17 -0.22 5.56
C LYS A 377 -44.16 -1.15 4.83
N ASP A 378 -43.78 -1.73 3.69
CA ASP A 378 -44.66 -2.67 2.96
C ASP A 378 -45.03 -3.82 3.91
N GLY A 379 -46.20 -4.40 3.72
CA GLY A 379 -46.71 -5.45 4.63
C GLY A 379 -45.89 -6.72 4.56
N LEU A 380 -45.27 -7.04 3.42
CA LEU A 380 -44.56 -8.31 3.26
C LEU A 380 -43.27 -8.29 4.07
N SER A 381 -42.41 -7.27 3.88
CA SER A 381 -41.12 -7.17 4.61
C SER A 381 -41.40 -6.92 6.10
N ALA A 382 -42.51 -6.27 6.44
CA ALA A 382 -42.96 -6.10 7.84
C ALA A 382 -43.19 -7.46 8.50
N SER A 383 -43.94 -8.35 7.85
CA SER A 383 -44.21 -9.72 8.34
C SER A 383 -42.88 -10.47 8.52
N ILE A 384 -41.99 -10.38 7.53
CA ILE A 384 -40.70 -11.12 7.55
C ILE A 384 -39.77 -10.57 8.64
N ALA A 385 -39.69 -9.24 8.82
CA ALA A 385 -38.99 -8.60 9.95
C ALA A 385 -39.44 -9.22 11.27
N LEU A 386 -40.74 -9.28 11.56
CA LEU A 386 -41.27 -9.86 12.84
C LEU A 386 -40.80 -11.30 13.01
N LYS A 387 -40.73 -12.07 11.92
CA LYS A 387 -40.27 -13.48 11.99
C LYS A 387 -38.79 -13.52 12.33
N VAL A 388 -37.97 -12.74 11.62
CA VAL A 388 -36.51 -12.66 11.86
C VAL A 388 -36.29 -12.28 13.34
N LEU A 389 -37.02 -11.30 13.89
CA LEU A 389 -36.86 -10.82 15.28
C LEU A 389 -37.26 -11.96 16.23
N GLU A 390 -38.32 -12.68 15.92
CA GLU A 390 -38.74 -13.84 16.76
C GLU A 390 -37.61 -14.87 16.73
N MET A 391 -36.99 -15.14 15.58
CA MET A 391 -35.95 -16.20 15.45
C MET A 391 -34.69 -15.79 16.23
N VAL A 392 -34.25 -14.55 16.12
CA VAL A 392 -32.94 -14.14 16.71
C VAL A 392 -33.10 -14.06 18.24
N GLU A 393 -34.32 -13.79 18.73
CA GLU A 393 -34.65 -13.66 20.17
C GLU A 393 -35.03 -15.01 20.80
N ALA A 394 -35.26 -16.08 20.03
CA ALA A 394 -35.84 -17.35 20.55
C ALA A 394 -34.92 -17.99 21.60
N ASP A 395 -35.55 -18.76 22.50
CA ASP A 395 -34.89 -19.65 23.50
C ASP A 395 -33.95 -18.85 24.40
N GLY A 396 -34.47 -17.75 24.96
CA GLY A 396 -33.79 -16.93 25.96
C GLY A 396 -32.45 -16.43 25.46
N GLY A 397 -32.31 -16.17 24.16
CA GLY A 397 -31.11 -15.54 23.58
C GLY A 397 -30.02 -16.54 23.21
N ARG A 398 -30.36 -17.80 22.95
CA ARG A 398 -29.37 -18.86 22.60
C ARG A 398 -28.71 -18.52 21.26
N VAL A 399 -29.40 -17.81 20.38
CA VAL A 399 -28.90 -17.54 19.01
C VAL A 399 -27.64 -16.68 19.11
N TYR A 400 -27.66 -15.68 20.00
CA TYR A 400 -26.51 -14.78 20.26
C TYR A 400 -25.32 -15.62 20.75
N GLN A 401 -25.61 -16.55 21.66
CA GLN A 401 -24.62 -17.47 22.25
C GLN A 401 -23.99 -18.30 21.13
N ARG A 402 -24.80 -18.85 20.24
CA ARG A 402 -24.33 -19.62 19.06
C ARG A 402 -23.43 -18.75 18.20
N VAL A 403 -23.82 -17.52 17.89
CA VAL A 403 -22.97 -16.62 17.06
C VAL A 403 -21.61 -16.49 17.76
N ARG A 404 -21.61 -16.25 19.08
CA ARG A 404 -20.37 -16.02 19.88
C ARG A 404 -19.47 -17.26 19.79
N GLU A 405 -20.00 -18.49 19.92
CA GLU A 405 -19.16 -19.71 19.96
C GLU A 405 -18.74 -20.10 18.54
N ARG A 406 -19.60 -19.93 17.53
CA ARG A 406 -19.20 -20.10 16.10
C ARG A 406 -18.12 -19.05 15.74
N GLY A 407 -18.32 -17.79 16.12
CA GLY A 407 -17.31 -16.72 15.94
C GLY A 407 -15.97 -17.10 16.55
N GLN A 408 -15.94 -17.56 17.81
CA GLN A 408 -14.69 -17.93 18.53
C GLN A 408 -13.99 -19.04 17.75
N ARG A 409 -14.72 -20.07 17.34
CA ARG A 409 -14.18 -21.21 16.58
C ARG A 409 -13.58 -20.72 15.26
N LEU A 410 -14.25 -19.82 14.53
CA LEU A 410 -13.79 -19.33 13.20
C LEU A 410 -12.61 -18.40 13.40
N GLU A 411 -12.67 -17.51 14.39
CA GLU A 411 -11.56 -16.58 14.70
C GLU A 411 -10.30 -17.37 15.10
N ALA A 412 -10.44 -18.41 15.95
CA ALA A 412 -9.31 -19.26 16.42
C ALA A 412 -8.66 -19.92 15.21
N MET A 413 -9.46 -20.42 14.29
CA MET A 413 -8.94 -21.03 13.05
C MET A 413 -8.17 -19.94 12.30
N LEU A 414 -8.73 -18.74 12.17
CA LEU A 414 -8.09 -17.68 11.34
C LEU A 414 -6.74 -17.28 11.98
N GLU A 415 -6.69 -17.21 13.31
CA GLU A 415 -5.48 -16.88 14.13
C GLU A 415 -4.42 -17.98 13.96
N SER A 416 -4.87 -19.24 13.98
CA SER A 416 -4.01 -20.43 13.77
C SER A 416 -3.38 -20.34 12.38
N VAL A 417 -4.17 -19.91 11.39
CA VAL A 417 -3.65 -19.76 10.01
C VAL A 417 -2.66 -18.59 9.98
N ARG A 418 -3.01 -17.45 10.55
CA ARG A 418 -2.12 -16.26 10.55
C ARG A 418 -0.75 -16.61 11.12
N ALA A 419 -0.73 -17.31 12.27
CA ALA A 419 0.48 -17.64 13.06
C ALA A 419 1.50 -18.40 12.19
N ASP A 420 1.05 -19.29 11.30
CA ASP A 420 1.91 -20.15 10.43
C ASP A 420 2.11 -19.47 9.07
N HIS A 421 1.45 -18.34 8.82
CA HIS A 421 1.48 -17.66 7.50
C HIS A 421 1.62 -16.14 7.69
N SER A 422 2.30 -15.72 8.76
CA SER A 422 2.56 -14.29 9.12
C SER A 422 3.34 -13.58 8.01
N ASP A 423 3.99 -14.31 7.10
CA ASP A 423 4.73 -13.71 5.97
C ASP A 423 3.75 -13.08 4.98
N VAL A 424 2.52 -13.60 4.88
CA VAL A 424 1.53 -13.06 3.89
C VAL A 424 0.25 -12.52 4.59
N VAL A 425 0.03 -12.82 5.86
CA VAL A 425 -1.18 -12.41 6.63
C VAL A 425 -0.72 -11.53 7.80
N SER A 426 -1.16 -10.26 7.87
CA SER A 426 -0.71 -9.28 8.89
C SER A 426 -1.59 -9.34 10.14
N ALA A 427 -2.87 -9.69 10.04
CA ALA A 427 -3.82 -9.56 11.19
C ALA A 427 -5.14 -10.30 10.92
N VAL A 428 -5.79 -10.66 12.02
CA VAL A 428 -7.24 -11.00 12.12
C VAL A 428 -7.95 -9.84 12.82
N TRP A 429 -9.05 -9.37 12.22
CA TRP A 429 -9.92 -8.27 12.70
C TRP A 429 -11.37 -8.75 12.81
N GLY A 430 -12.13 -8.08 13.67
CA GLY A 430 -13.60 -8.19 13.75
C GLY A 430 -14.04 -8.90 15.01
N THR A 431 -15.32 -9.24 15.10
CA THR A 431 -15.87 -9.91 16.29
C THR A 431 -17.12 -10.67 15.89
N GLY A 432 -17.51 -11.63 16.71
CA GLY A 432 -18.58 -12.60 16.44
C GLY A 432 -18.36 -13.22 15.09
N LEU A 433 -19.34 -13.13 14.19
CA LEU A 433 -19.20 -13.75 12.85
C LEU A 433 -18.96 -12.69 11.79
N MET A 434 -18.26 -11.62 12.15
CA MET A 434 -17.85 -10.57 11.19
C MET A 434 -16.34 -10.39 11.27
N LEU A 435 -15.60 -11.23 10.55
CA LEU A 435 -14.13 -11.40 10.67
C LEU A 435 -13.46 -11.15 9.32
N ALA A 436 -12.16 -10.86 9.33
CA ALA A 436 -11.36 -10.67 8.10
C ALA A 436 -9.89 -10.99 8.39
N LEU A 437 -9.18 -11.43 7.36
CA LEU A 437 -7.70 -11.53 7.37
C LEU A 437 -7.19 -10.32 6.63
N GLU A 438 -6.21 -9.61 7.20
CA GLU A 438 -5.47 -8.54 6.48
C GLU A 438 -4.32 -9.21 5.71
N LEU A 439 -4.27 -9.02 4.39
CA LEU A 439 -3.15 -9.45 3.50
C LEU A 439 -2.00 -8.44 3.59
N ARG A 440 -0.77 -8.93 3.70
CA ARG A 440 0.44 -8.08 3.57
C ARG A 440 0.54 -7.59 2.13
N ASP A 441 1.02 -6.37 1.95
CA ASP A 441 1.25 -5.75 0.62
C ASP A 441 2.03 -6.72 -0.25
N GLN A 442 1.67 -6.83 -1.53
CA GLN A 442 2.34 -7.71 -2.49
C GLN A 442 2.75 -6.88 -3.69
N SER A 443 2.84 -5.56 -3.56
CA SER A 443 3.23 -4.68 -4.68
C SER A 443 4.69 -4.93 -5.13
N ASN A 444 5.54 -5.54 -4.29
CA ASN A 444 6.94 -5.89 -4.63
C ASN A 444 7.12 -7.39 -4.75
N ALA A 445 6.08 -8.10 -5.18
CA ALA A 445 6.08 -9.57 -5.22
C ALA A 445 7.05 -9.99 -6.32
N THR A 446 7.73 -11.13 -6.13
CA THR A 446 8.69 -11.73 -7.09
C THR A 446 7.93 -12.00 -8.39
N SER A 447 6.83 -12.74 -8.30
CA SER A 447 5.96 -13.07 -9.47
C SER A 447 5.39 -11.78 -10.05
N GLN A 448 5.63 -11.57 -11.34
CA GLN A 448 5.12 -10.40 -12.08
C GLN A 448 3.58 -10.41 -12.08
N ALA A 449 2.94 -11.54 -12.32
CA ALA A 449 1.46 -11.64 -12.44
C ALA A 449 0.80 -11.21 -11.10
N ILE A 450 1.32 -11.69 -9.98
CA ILE A 450 0.82 -11.32 -8.62
C ILE A 450 1.03 -9.83 -8.39
N ARG A 451 2.25 -9.34 -8.65
CA ARG A 451 2.69 -7.93 -8.43
C ARG A 451 1.74 -7.00 -9.21
N GLU A 452 1.48 -7.35 -10.47
CA GLU A 452 0.64 -6.56 -11.40
C GLU A 452 -0.75 -6.44 -10.76
N LYS A 453 -1.33 -7.57 -10.33
CA LYS A 453 -2.68 -7.60 -9.73
C LYS A 453 -2.70 -6.82 -8.42
N ALA A 454 -1.69 -6.97 -7.56
CA ALA A 454 -1.59 -6.22 -6.29
C ALA A 454 -1.51 -4.72 -6.58
N ALA A 455 -0.76 -4.31 -7.59
CA ALA A 455 -0.55 -2.88 -7.92
C ALA A 455 -1.89 -2.25 -8.34
N HIS A 456 -2.73 -2.99 -9.06
CA HIS A 456 -4.06 -2.52 -9.55
C HIS A 456 -5.13 -2.60 -8.45
N GLY A 457 -4.80 -3.09 -7.25
CA GLY A 457 -5.74 -3.21 -6.12
C GLY A 457 -6.64 -4.45 -6.19
N PHE A 458 -6.23 -5.49 -6.93
CA PHE A 458 -7.06 -6.70 -7.22
C PHE A 458 -6.57 -7.96 -6.50
N LEU A 459 -5.58 -7.87 -5.61
CA LEU A 459 -4.97 -9.08 -4.99
C LEU A 459 -6.07 -9.94 -4.36
N GLY A 460 -6.89 -9.37 -3.49
CA GLY A 460 -7.95 -10.08 -2.75
C GLY A 460 -8.84 -10.86 -3.69
N TYR A 461 -9.21 -10.25 -4.82
CA TYR A 461 -10.14 -10.85 -5.80
C TYR A 461 -9.48 -12.07 -6.45
N VAL A 462 -8.19 -11.96 -6.78
CA VAL A 462 -7.37 -13.05 -7.39
C VAL A 462 -7.31 -14.24 -6.40
N LEU A 463 -6.99 -13.97 -5.14
CA LEU A 463 -6.91 -14.99 -4.07
C LEU A 463 -8.31 -15.64 -3.89
N ALA A 464 -9.38 -14.84 -3.98
CA ALA A 464 -10.78 -15.31 -3.90
C ALA A 464 -11.01 -16.31 -5.04
N GLY A 465 -10.57 -15.97 -6.26
CA GLY A 465 -10.67 -16.88 -7.41
C GLY A 465 -10.00 -18.22 -7.15
N PHE A 466 -8.80 -18.21 -6.57
CA PHE A 466 -8.06 -19.45 -6.22
C PHE A 466 -8.94 -20.27 -5.30
N LEU A 467 -9.42 -19.65 -4.22
CA LEU A 467 -10.26 -20.32 -3.20
C LEU A 467 -11.49 -20.95 -3.87
N LEU A 468 -12.06 -20.31 -4.91
CA LEU A 468 -13.25 -20.84 -5.61
C LEU A 468 -12.86 -22.07 -6.44
N ARG A 469 -11.95 -21.92 -7.41
CA ARG A 469 -11.68 -22.99 -8.42
C ARG A 469 -10.95 -24.16 -7.75
N GLU A 470 -10.11 -23.94 -6.73
CA GLU A 470 -9.27 -25.01 -6.15
C GLU A 470 -9.87 -25.60 -4.88
N HIS A 471 -10.72 -24.88 -4.13
CA HIS A 471 -11.29 -25.42 -2.87
C HIS A 471 -12.81 -25.26 -2.77
N HIS A 472 -13.47 -24.72 -3.80
CA HIS A 472 -14.95 -24.60 -3.79
C HIS A 472 -15.37 -23.79 -2.56
N ILE A 473 -14.68 -22.69 -2.30
CA ILE A 473 -15.04 -21.74 -1.22
C ILE A 473 -15.20 -20.34 -1.81
N ARG A 474 -16.34 -19.73 -1.53
CA ARG A 474 -16.70 -18.34 -1.94
C ARG A 474 -16.27 -17.40 -0.81
N VAL A 475 -15.24 -16.62 -1.10
CA VAL A 475 -14.78 -15.48 -0.24
C VAL A 475 -14.81 -14.24 -1.13
N LEU A 476 -15.20 -13.08 -0.58
CA LEU A 476 -14.99 -11.79 -1.28
C LEU A 476 -14.08 -10.91 -0.43
N PRO A 477 -13.26 -10.09 -1.09
CA PRO A 477 -12.38 -9.21 -0.35
C PRO A 477 -13.16 -8.04 0.25
N ALA A 478 -12.53 -7.33 1.17
CA ALA A 478 -13.01 -6.02 1.66
C ALA A 478 -11.84 -5.04 1.62
N GLY A 479 -12.11 -3.81 2.02
CA GLY A 479 -11.08 -2.79 2.25
C GLY A 479 -10.72 -2.14 0.93
N PRO A 480 -10.03 -0.99 0.97
CA PRO A 480 -9.91 -0.10 -0.19
C PRO A 480 -9.15 -0.64 -1.41
N ARG A 481 -8.19 -1.57 -1.25
CA ARG A 481 -7.46 -2.16 -2.40
C ARG A 481 -7.52 -3.68 -2.29
N SER A 482 -8.71 -4.20 -1.96
CA SER A 482 -8.97 -5.65 -1.78
C SER A 482 -7.81 -6.26 -0.99
N GLY A 483 -7.37 -5.54 0.06
CA GLY A 483 -6.30 -5.96 0.99
C GLY A 483 -6.80 -6.83 2.14
N PHE A 484 -8.10 -7.13 2.23
CA PHE A 484 -8.65 -8.00 3.31
C PHE A 484 -9.55 -9.09 2.69
N LEU A 485 -9.60 -10.26 3.33
CA LEU A 485 -10.52 -11.37 2.97
C LEU A 485 -11.57 -11.42 4.07
N ARG A 486 -12.83 -11.32 3.67
CA ARG A 486 -14.01 -11.26 4.59
C ARG A 486 -14.41 -12.69 4.94
N PHE A 487 -14.77 -12.94 6.19
CA PHE A 487 -15.41 -14.21 6.64
C PHE A 487 -16.65 -13.82 7.42
N SER A 488 -17.83 -13.92 6.81
CA SER A 488 -19.09 -13.55 7.48
C SER A 488 -20.17 -14.58 7.15
N PRO A 489 -19.96 -15.87 7.52
CA PRO A 489 -20.95 -16.90 7.25
C PRO A 489 -22.13 -16.86 8.22
N SER A 490 -23.09 -17.74 7.99
CA SER A 490 -24.25 -17.95 8.87
C SER A 490 -23.79 -18.60 10.17
N LEU A 491 -24.62 -18.49 11.21
CA LEU A 491 -24.40 -19.14 12.52
C LEU A 491 -24.50 -20.67 12.41
N TYR A 492 -24.86 -21.23 11.25
CA TYR A 492 -24.96 -22.70 11.03
C TYR A 492 -23.65 -23.26 10.47
N ILE A 493 -22.65 -22.42 10.20
CA ILE A 493 -21.32 -22.90 9.74
C ILE A 493 -20.92 -24.08 10.62
N THR A 494 -20.63 -25.24 10.03
CA THR A 494 -20.22 -26.47 10.76
C THR A 494 -18.71 -26.47 11.01
N ASP A 495 -18.28 -27.28 11.98
CA ASP A 495 -16.86 -27.55 12.32
C ASP A 495 -16.11 -28.04 11.07
N GLU A 496 -16.79 -28.86 10.28
CA GLU A 496 -16.22 -29.46 9.05
C GLU A 496 -15.98 -28.36 8.01
N GLU A 497 -16.89 -27.39 7.88
CA GLU A 497 -16.80 -26.27 6.91
C GLU A 497 -15.67 -25.33 7.35
N ILE A 498 -15.49 -25.16 8.66
CA ILE A 498 -14.35 -24.38 9.20
C ILE A 498 -13.03 -25.10 8.89
N ASP A 499 -12.97 -26.43 9.06
CA ASP A 499 -11.75 -27.24 8.73
C ASP A 499 -11.46 -27.12 7.23
N ARG A 500 -12.46 -27.23 6.36
CA ARG A 500 -12.22 -27.12 4.90
C ARG A 500 -11.69 -25.71 4.56
N THR A 501 -12.11 -24.69 5.30
CA THR A 501 -11.69 -23.28 5.10
C THR A 501 -10.23 -23.18 5.53
N GLU A 502 -9.88 -23.77 6.66
CA GLU A 502 -8.47 -23.82 7.16
C GLU A 502 -7.57 -24.43 6.08
N THR A 503 -7.89 -25.62 5.59
CA THR A 503 -7.15 -26.33 4.51
C THR A 503 -6.99 -25.43 3.30
N ALA A 504 -8.09 -24.80 2.86
CA ALA A 504 -8.13 -23.92 1.68
C ALA A 504 -7.15 -22.76 1.87
N LEU A 505 -7.14 -22.14 3.05
CA LEU A 505 -6.29 -20.96 3.39
C LEU A 505 -4.81 -21.36 3.47
N ARG A 506 -4.46 -22.45 4.16
CA ARG A 506 -3.07 -23.01 4.19
C ARG A 506 -2.61 -23.21 2.75
N SER A 507 -3.42 -23.90 1.93
CA SER A 507 -3.14 -24.08 0.47
C SER A 507 -2.89 -22.70 -0.17
N LEU A 508 -3.84 -21.76 -0.05
CA LEU A 508 -3.75 -20.42 -0.71
C LEU A 508 -2.47 -19.70 -0.26
N PHE A 509 -2.21 -19.68 1.05
CA PHE A 509 -1.09 -18.86 1.60
C PHE A 509 0.25 -19.56 1.37
N THR A 510 0.27 -20.89 1.15
CA THR A 510 1.49 -21.63 0.77
C THR A 510 1.85 -21.26 -0.67
N ALA A 511 0.88 -21.30 -1.59
CA ALA A 511 1.05 -20.83 -2.98
C ALA A 511 1.51 -19.37 -2.99
N LEU A 512 0.99 -18.52 -2.12
CA LEU A 512 1.34 -17.07 -2.15
C LEU A 512 2.79 -16.88 -1.65
N ARG A 513 3.18 -17.54 -0.56
CA ARG A 513 4.58 -17.62 -0.07
C ARG A 513 5.51 -18.05 -1.21
N ASP A 514 5.15 -19.09 -1.97
CA ASP A 514 5.95 -19.67 -3.09
C ASP A 514 5.87 -18.78 -4.33
N GLN A 515 5.12 -17.69 -4.28
CA GLN A 515 4.95 -16.75 -5.42
C GLN A 515 4.58 -17.51 -6.70
N ASP A 516 3.67 -18.46 -6.58
CA ASP A 516 3.22 -19.30 -7.73
C ASP A 516 2.16 -18.54 -8.53
N GLY A 517 2.59 -17.55 -9.31
CA GLY A 517 1.73 -16.71 -10.16
C GLY A 517 0.92 -17.50 -11.19
N ASP A 518 1.43 -18.63 -11.68
CA ASP A 518 0.73 -19.40 -12.73
C ASP A 518 -0.46 -20.12 -12.10
N ARG A 519 -0.39 -20.39 -10.80
CA ARG A 519 -1.46 -21.13 -10.07
C ARG A 519 -2.52 -20.15 -9.54
N LEU A 520 -2.12 -18.90 -9.26
CA LEU A 520 -2.95 -17.89 -8.55
C LEU A 520 -3.68 -17.00 -9.57
N VAL A 521 -2.96 -16.51 -10.58
CA VAL A 521 -3.49 -15.59 -11.62
C VAL A 521 -3.72 -16.40 -12.90
N LEU A 522 -4.92 -16.33 -13.48
CA LEU A 522 -5.31 -17.13 -14.68
C LEU A 522 -4.52 -16.66 -15.92
N GLY B 6 -51.64 8.30 26.86
CA GLY B 6 -50.19 8.59 27.09
C GLY B 6 -49.34 7.33 27.19
N GLU B 7 -49.72 6.24 26.50
CA GLU B 7 -48.96 4.96 26.54
C GLU B 7 -47.76 5.06 25.59
N PRO B 8 -46.69 4.26 25.85
CA PRO B 8 -45.53 4.23 24.96
C PRO B 8 -45.91 3.89 23.51
N VAL B 9 -45.39 4.66 22.56
CA VAL B 9 -45.58 4.45 21.10
C VAL B 9 -44.19 4.56 20.44
N TYR B 10 -43.93 3.69 19.48
CA TYR B 10 -42.58 3.43 18.94
C TYR B 10 -42.50 3.73 17.43
N ALA B 11 -43.64 4.00 16.77
CA ALA B 11 -43.71 4.45 15.37
C ALA B 11 -45.08 5.10 15.13
N ASP B 12 -45.13 6.12 14.27
CA ASP B 12 -46.35 6.47 13.49
C ASP B 12 -47.38 7.23 14.34
N ALA B 13 -47.05 7.71 15.54
CA ALA B 13 -48.04 8.41 16.41
C ALA B 13 -48.65 9.61 15.68
N VAL B 14 -47.80 10.46 15.10
CA VAL B 14 -48.24 11.72 14.44
C VAL B 14 -48.96 11.33 13.13
N LEU B 15 -48.40 10.38 12.36
CA LEU B 15 -49.01 9.90 11.10
C LEU B 15 -50.42 9.36 11.42
N ASN B 16 -50.55 8.48 12.42
CA ASN B 16 -51.86 7.85 12.76
C ASN B 16 -52.84 8.92 13.28
N GLY B 17 -52.40 9.79 14.21
CA GLY B 17 -53.25 10.90 14.70
C GLY B 17 -53.80 11.69 13.52
N TRP B 18 -52.93 12.09 12.61
CA TRP B 18 -53.35 12.88 11.43
C TRP B 18 -54.29 12.06 10.53
N LEU B 19 -54.00 10.80 10.21
CA LEU B 19 -54.92 9.98 9.36
C LEU B 19 -56.31 9.85 10.03
N THR B 20 -56.36 9.63 11.35
CA THR B 20 -57.65 9.52 12.12
C THR B 20 -58.47 10.80 11.92
N SER B 21 -57.85 11.97 12.06
CA SER B 21 -58.60 13.24 11.99
C SER B 21 -59.11 13.48 10.55
N MET B 22 -58.47 12.92 9.53
CA MET B 22 -58.90 13.05 8.11
C MET B 22 -60.03 12.06 7.80
N GLY B 23 -60.33 11.10 8.68
CA GLY B 23 -61.29 10.00 8.43
C GLY B 23 -60.68 8.82 7.69
N LEU B 24 -59.36 8.64 7.77
CA LEU B 24 -58.59 7.60 7.04
C LEU B 24 -57.90 6.65 8.02
N GLY B 25 -58.25 6.71 9.31
CA GLY B 25 -57.76 5.82 10.38
C GLY B 25 -58.38 4.43 10.25
N VAL B 26 -57.92 3.60 9.30
CA VAL B 26 -58.39 2.20 9.13
C VAL B 26 -57.16 1.29 8.94
N GLU B 27 -57.24 0.03 9.39
CA GLU B 27 -56.21 -1.02 9.14
C GLU B 27 -56.71 -1.99 8.09
N TYR B 28 -56.07 -2.06 6.94
CA TYR B 28 -56.41 -3.05 5.88
C TYR B 28 -55.73 -4.35 6.27
N VAL B 29 -56.49 -5.45 6.39
CA VAL B 29 -55.96 -6.73 6.93
C VAL B 29 -55.71 -7.71 5.78
N ARG B 30 -56.29 -7.48 4.61
CA ARG B 30 -56.17 -8.41 3.46
C ARG B 30 -56.46 -7.63 2.19
N ALA B 31 -55.97 -8.11 1.06
CA ALA B 31 -56.11 -7.42 -0.23
C ALA B 31 -56.12 -8.44 -1.35
N GLU B 32 -57.00 -8.23 -2.32
CA GLU B 32 -57.01 -9.07 -3.53
C GLU B 32 -57.56 -8.25 -4.67
N GLY B 33 -56.86 -8.26 -5.79
CA GLY B 33 -57.27 -7.48 -6.97
C GLY B 33 -57.43 -6.03 -6.59
N ASN B 34 -58.63 -5.49 -6.79
CA ASN B 34 -58.93 -4.04 -6.62
C ASN B 34 -59.56 -3.81 -5.25
N THR B 35 -59.53 -4.81 -4.37
CA THR B 35 -60.20 -4.73 -3.04
C THR B 35 -59.19 -4.88 -1.90
N VAL B 36 -59.23 -3.93 -0.97
CA VAL B 36 -58.63 -4.08 0.38
C VAL B 36 -59.78 -4.25 1.38
N TYR B 37 -59.54 -5.02 2.45
CA TYR B 37 -60.54 -5.35 3.50
C TYR B 37 -60.04 -4.81 4.84
N TYR B 38 -60.93 -4.16 5.58
CA TYR B 38 -60.73 -3.84 7.01
C TYR B 38 -61.72 -4.68 7.83
N LEU B 39 -61.53 -4.73 9.15
CA LEU B 39 -62.47 -5.47 10.05
C LEU B 39 -63.40 -4.48 10.74
N ASP B 40 -64.72 -4.70 10.67
CA ASP B 40 -65.75 -3.89 11.41
C ASP B 40 -65.71 -4.26 12.90
N ASP B 41 -66.54 -3.61 13.72
CA ASP B 41 -66.62 -3.80 15.19
C ASP B 41 -66.77 -5.30 15.55
N GLU B 42 -67.53 -6.06 14.75
CA GLU B 42 -67.88 -7.48 15.06
C GLU B 42 -66.92 -8.44 14.35
N GLY B 43 -65.81 -7.94 13.77
CA GLY B 43 -64.71 -8.76 13.22
C GLY B 43 -64.97 -9.29 11.81
N ARG B 44 -65.97 -8.76 11.09
CA ARG B 44 -66.27 -9.11 9.68
C ARG B 44 -65.39 -8.28 8.72
N GLU B 45 -64.97 -8.89 7.61
CA GLU B 45 -64.23 -8.20 6.52
C GLU B 45 -65.18 -7.30 5.73
N VAL B 46 -64.84 -6.03 5.61
CA VAL B 46 -65.58 -5.03 4.80
C VAL B 46 -64.77 -4.76 3.54
N PRO B 47 -65.31 -5.05 2.33
CA PRO B 47 -64.59 -4.77 1.10
C PRO B 47 -64.53 -3.25 0.82
N VAL B 48 -63.35 -2.73 0.50
CA VAL B 48 -63.13 -1.33 0.04
C VAL B 48 -62.50 -1.38 -1.35
N LEU B 49 -63.03 -0.60 -2.29
CA LEU B 49 -62.46 -0.47 -3.66
C LEU B 49 -61.23 0.46 -3.60
N ASP B 50 -60.07 -0.04 -4.03
CA ASP B 50 -58.77 0.68 -3.94
C ASP B 50 -58.50 1.37 -5.30
N HIS B 51 -58.56 2.69 -5.34
CA HIS B 51 -58.21 3.54 -6.49
C HIS B 51 -56.78 4.08 -6.34
N ALA B 52 -56.11 3.85 -5.21
CA ALA B 52 -54.75 4.37 -4.90
C ALA B 52 -53.75 3.33 -5.39
N CYS B 53 -53.92 2.06 -4.97
CA CYS B 53 -53.18 0.89 -5.50
C CYS B 53 -51.66 1.15 -5.46
N GLY B 54 -51.16 1.52 -4.29
CA GLY B 54 -49.73 1.69 -4.08
C GLY B 54 -49.19 2.84 -4.92
N PHE B 55 -50.00 3.90 -5.06
CA PHE B 55 -49.70 5.08 -5.91
C PHE B 55 -49.36 4.61 -7.31
N GLY B 56 -50.09 3.63 -7.82
CA GLY B 56 -49.91 3.13 -9.21
C GLY B 56 -48.87 2.03 -9.30
N SER B 57 -48.60 1.32 -8.21
CA SER B 57 -47.74 0.10 -8.22
C SER B 57 -48.54 -1.12 -8.74
N LEU B 58 -49.87 -1.11 -8.71
CA LEU B 58 -50.65 -2.37 -8.83
C LEU B 58 -51.44 -2.39 -10.14
N ILE B 59 -50.76 -2.28 -11.27
CA ILE B 59 -51.43 -2.40 -12.60
C ILE B 59 -52.18 -3.75 -12.67
N PHE B 60 -51.69 -4.80 -12.01
CA PHE B 60 -52.30 -6.17 -12.02
C PHE B 60 -53.08 -6.43 -10.73
N GLY B 61 -53.30 -5.40 -9.91
CA GLY B 61 -54.03 -5.50 -8.63
C GLY B 61 -53.15 -6.00 -7.51
N HIS B 62 -53.71 -6.06 -6.31
CA HIS B 62 -53.08 -6.62 -5.10
C HIS B 62 -52.98 -8.14 -5.27
N ASN B 63 -51.81 -8.71 -5.00
CA ASN B 63 -51.66 -10.17 -4.79
C ASN B 63 -52.21 -10.94 -6.00
N HIS B 64 -51.78 -10.57 -7.21
CA HIS B 64 -52.21 -11.28 -8.45
C HIS B 64 -51.73 -12.73 -8.36
N PRO B 65 -52.64 -13.70 -8.54
CA PRO B 65 -52.32 -15.12 -8.32
C PRO B 65 -51.09 -15.59 -9.12
N GLU B 66 -50.94 -15.04 -10.32
CA GLU B 66 -49.83 -15.35 -11.24
C GLU B 66 -48.51 -14.85 -10.65
N ILE B 67 -48.49 -13.68 -10.01
CA ILE B 67 -47.26 -13.16 -9.34
C ILE B 67 -47.05 -13.93 -8.03
N ILE B 68 -48.10 -14.25 -7.30
CA ILE B 68 -47.98 -14.99 -6.02
C ILE B 68 -47.40 -16.39 -6.28
N ALA B 69 -47.94 -17.10 -7.27
CA ALA B 69 -47.49 -18.44 -7.66
C ALA B 69 -46.01 -18.39 -8.07
N HIS B 70 -45.63 -17.45 -8.93
CA HIS B 70 -44.24 -17.26 -9.41
C HIS B 70 -43.31 -16.99 -8.22
N ALA B 71 -43.68 -16.11 -7.31
CA ALA B 71 -42.87 -15.81 -6.11
C ALA B 71 -42.67 -17.08 -5.28
N LYS B 72 -43.76 -17.82 -5.04
CA LYS B 72 -43.65 -19.08 -4.23
C LYS B 72 -42.78 -20.10 -4.97
N ALA B 73 -42.89 -20.22 -6.30
CA ALA B 73 -42.02 -21.16 -7.06
C ALA B 73 -40.55 -20.74 -6.93
N ALA B 74 -40.26 -19.44 -7.06
CA ALA B 74 -38.86 -18.96 -6.93
C ALA B 74 -38.31 -19.29 -5.53
N LEU B 75 -39.11 -19.11 -4.50
CA LEU B 75 -38.68 -19.38 -3.10
C LEU B 75 -38.44 -20.87 -2.89
N ASP B 76 -39.31 -21.72 -3.46
CA ASP B 76 -39.23 -23.19 -3.35
C ASP B 76 -38.08 -23.73 -4.19
N ALA B 77 -37.66 -23.05 -5.27
CA ALA B 77 -36.52 -23.50 -6.10
C ALA B 77 -35.17 -23.17 -5.41
N GLY B 78 -35.15 -22.44 -4.31
CA GLY B 78 -33.89 -22.01 -3.67
C GLY B 78 -33.20 -20.99 -4.54
N THR B 79 -33.93 -20.09 -5.16
CA THR B 79 -33.37 -18.94 -5.92
C THR B 79 -32.27 -18.29 -5.07
N VAL B 80 -31.16 -17.95 -5.70
CA VAL B 80 -30.05 -17.20 -5.03
C VAL B 80 -30.43 -15.72 -5.03
N VAL B 81 -30.87 -15.26 -3.87
CA VAL B 81 -31.23 -13.84 -3.64
C VAL B 81 -29.94 -13.02 -3.52
N HIS B 82 -28.97 -13.51 -2.74
CA HIS B 82 -27.65 -12.84 -2.46
C HIS B 82 -26.48 -13.53 -3.18
N ALA B 83 -26.14 -13.02 -4.34
CA ALA B 83 -25.10 -13.57 -5.25
C ALA B 83 -24.20 -12.41 -5.71
N GLN B 84 -23.88 -11.51 -4.81
CA GLN B 84 -23.12 -10.27 -5.16
C GLN B 84 -21.78 -10.69 -5.77
N LEU B 85 -21.33 -9.97 -6.80
CA LEU B 85 -20.03 -10.19 -7.51
C LEU B 85 -19.98 -11.65 -8.00
N SER B 86 -21.03 -12.06 -8.69
CA SER B 86 -21.07 -13.32 -9.45
C SER B 86 -21.91 -13.06 -10.70
N ARG B 87 -21.93 -13.98 -11.65
CA ARG B 87 -22.69 -13.81 -12.93
C ARG B 87 -24.18 -13.92 -12.61
N GLN B 88 -24.93 -12.87 -12.95
CA GLN B 88 -26.41 -12.83 -12.75
C GLN B 88 -27.04 -12.50 -14.10
N PRO B 89 -27.18 -13.50 -15.01
CA PRO B 89 -27.72 -13.27 -16.35
C PRO B 89 -29.13 -12.69 -16.44
N ARG B 90 -29.95 -12.82 -15.39
CA ARG B 90 -31.34 -12.31 -15.45
C ARG B 90 -31.31 -10.78 -15.61
N ALA B 91 -30.32 -10.11 -15.09
CA ALA B 91 -30.16 -8.64 -15.22
C ALA B 91 -30.06 -8.28 -16.70
N ASN B 92 -29.16 -8.94 -17.44
CA ASN B 92 -29.03 -8.75 -18.91
C ASN B 92 -30.33 -9.17 -19.62
N GLN B 93 -30.99 -10.21 -19.13
CA GLN B 93 -32.22 -10.75 -19.77
C GLN B 93 -33.35 -9.70 -19.62
N ILE B 94 -33.49 -9.09 -18.44
CA ILE B 94 -34.49 -8.02 -18.16
C ILE B 94 -34.19 -6.84 -19.06
N SER B 95 -32.93 -6.40 -19.12
CA SER B 95 -32.57 -5.22 -19.94
C SER B 95 -32.86 -5.51 -21.43
N ARG B 96 -32.56 -6.70 -21.89
CA ARG B 96 -32.86 -7.11 -23.29
C ARG B 96 -34.35 -6.89 -23.61
N ILE B 97 -35.24 -7.37 -22.76
CA ILE B 97 -36.70 -7.21 -22.95
C ILE B 97 -37.03 -5.71 -22.99
N LEU B 98 -36.56 -4.93 -22.03
CA LEU B 98 -36.93 -3.50 -21.97
C LEU B 98 -36.43 -2.82 -23.24
N ASN B 99 -35.21 -3.16 -23.69
CA ASN B 99 -34.60 -2.69 -24.96
C ASN B 99 -35.52 -3.00 -26.15
N ASP B 100 -36.01 -4.25 -26.26
CA ASP B 100 -36.88 -4.68 -27.39
C ASP B 100 -38.18 -3.86 -27.34
N ILE B 101 -38.77 -3.70 -26.15
CA ILE B 101 -40.06 -2.96 -25.99
C ILE B 101 -39.84 -1.50 -26.38
N MET B 102 -38.78 -0.87 -25.89
CA MET B 102 -38.47 0.55 -26.21
C MET B 102 -38.35 0.69 -27.74
N ARG B 103 -37.63 -0.19 -28.42
CA ARG B 103 -37.46 -0.16 -29.89
C ARG B 103 -38.82 -0.26 -30.59
N ARG B 104 -39.64 -1.23 -30.20
CA ARG B 104 -40.99 -1.43 -30.79
C ARG B 104 -41.82 -0.14 -30.62
N GLU B 105 -41.81 0.50 -29.46
CA GLU B 105 -42.78 1.57 -29.14
C GLU B 105 -42.27 2.89 -29.71
N THR B 106 -40.97 3.08 -29.91
CA THR B 106 -40.42 4.39 -30.38
C THR B 106 -40.00 4.30 -31.86
N GLY B 107 -39.85 3.08 -32.40
CA GLY B 107 -39.24 2.85 -33.72
C GLY B 107 -37.78 3.24 -33.77
N ARG B 108 -37.15 3.64 -32.65
CA ARG B 108 -35.68 3.94 -32.61
C ARG B 108 -34.89 2.68 -32.29
N ASP B 109 -33.70 2.54 -32.86
CA ASP B 109 -32.89 1.30 -32.75
C ASP B 109 -31.72 1.64 -31.82
N ASP B 110 -32.04 2.26 -30.69
CA ASP B 110 -31.09 2.66 -29.62
C ASP B 110 -30.95 1.51 -28.63
N ARG B 111 -29.77 1.38 -28.03
CA ARG B 111 -29.50 0.32 -27.04
C ARG B 111 -29.24 0.98 -25.68
N TYR B 112 -29.70 0.33 -24.61
CA TYR B 112 -29.65 0.86 -23.22
C TYR B 112 -28.97 -0.16 -22.31
N ASN B 113 -28.05 0.31 -21.49
CA ASN B 113 -27.51 -0.43 -20.33
C ASN B 113 -28.46 -0.27 -19.16
N ALA B 114 -28.59 -1.32 -18.36
CA ALA B 114 -29.44 -1.38 -17.15
C ALA B 114 -28.55 -1.41 -15.90
N ILE B 115 -28.86 -0.53 -14.97
CA ILE B 115 -28.40 -0.61 -13.57
C ILE B 115 -29.63 -0.73 -12.68
N PHE B 116 -29.65 -1.70 -11.77
CA PHE B 116 -30.80 -1.98 -10.87
C PHE B 116 -30.61 -1.31 -9.52
N ALA B 117 -31.72 -1.00 -8.86
CA ALA B 117 -31.71 -0.53 -7.46
C ALA B 117 -33.01 -0.98 -6.78
N ASN B 118 -33.37 -0.32 -5.68
CA ASN B 118 -34.32 -0.85 -4.65
C ASN B 118 -35.56 0.03 -4.57
N SER B 119 -35.52 1.21 -5.17
CA SER B 119 -36.64 2.19 -5.14
C SER B 119 -36.53 3.13 -6.34
N GLY B 120 -37.63 3.85 -6.61
CA GLY B 120 -37.68 4.87 -7.67
C GLY B 120 -36.67 5.97 -7.42
N ALA B 121 -36.53 6.41 -6.16
CA ALA B 121 -35.56 7.45 -5.82
C ALA B 121 -34.14 6.93 -6.13
N GLU B 122 -33.81 5.72 -5.71
CA GLU B 122 -32.45 5.15 -5.94
C GLU B 122 -32.17 5.09 -7.45
N ALA B 123 -33.16 4.76 -8.28
CA ALA B 123 -32.96 4.70 -9.75
C ALA B 123 -32.72 6.11 -10.30
N ASN B 124 -33.50 7.09 -9.85
CA ASN B 124 -33.30 8.50 -10.21
C ASN B 124 -31.90 8.93 -9.76
N GLU B 125 -31.40 8.44 -8.63
CA GLU B 125 -30.09 8.88 -8.09
C GLU B 125 -28.93 8.22 -8.85
N ILE B 126 -29.11 7.01 -9.35
CA ILE B 126 -28.16 6.40 -10.33
C ILE B 126 -28.03 7.33 -11.55
N CYS B 127 -29.15 7.86 -12.05
CA CYS B 127 -29.15 8.78 -13.21
C CYS B 127 -28.45 10.09 -12.84
N MET B 128 -28.68 10.62 -11.62
CA MET B 128 -28.02 11.87 -11.18
C MET B 128 -26.50 11.62 -11.15
N LYS B 129 -26.06 10.48 -10.62
CA LYS B 129 -24.64 10.09 -10.50
C LYS B 129 -24.04 9.91 -11.90
N HIS B 130 -24.68 9.15 -12.78
CA HIS B 130 -24.12 8.94 -14.14
C HIS B 130 -24.09 10.27 -14.89
N ALA B 131 -25.08 11.14 -14.70
CA ALA B 131 -25.13 12.47 -15.35
C ALA B 131 -23.94 13.31 -14.90
N GLU B 132 -23.56 13.16 -13.63
CA GLU B 132 -22.41 13.88 -13.05
C GLU B 132 -21.12 13.27 -13.57
N LEU B 133 -21.06 11.96 -13.87
CA LEU B 133 -19.85 11.36 -14.52
C LEU B 133 -19.69 11.98 -15.91
N GLU B 134 -20.80 12.11 -16.66
CA GLU B 134 -20.82 12.71 -18.03
C GLU B 134 -20.31 14.15 -17.96
N ARG B 135 -20.77 14.92 -16.98
CA ARG B 135 -20.39 16.35 -16.80
C ARG B 135 -18.89 16.43 -16.44
N GLN B 136 -18.38 15.52 -15.62
CA GLN B 136 -16.94 15.51 -15.26
C GLN B 136 -16.08 15.15 -16.47
N GLU B 137 -16.57 14.26 -17.35
CA GLU B 137 -15.91 13.99 -18.66
C GLU B 137 -15.87 15.29 -19.49
N ARG B 138 -16.99 16.04 -19.60
CA ARG B 138 -17.07 17.25 -20.44
C ARG B 138 -16.11 18.29 -19.86
N ILE B 139 -16.08 18.40 -18.54
CA ILE B 139 -15.20 19.36 -17.80
C ILE B 139 -13.72 19.02 -18.08
N THR B 140 -13.31 17.75 -17.99
CA THR B 140 -11.92 17.30 -18.25
C THR B 140 -11.50 17.71 -19.67
N ALA B 141 -12.34 17.41 -20.66
CA ALA B 141 -12.11 17.76 -22.09
C ALA B 141 -11.94 19.28 -22.22
N LEU B 142 -12.84 20.06 -21.66
CA LEU B 142 -12.84 21.55 -21.76
C LEU B 142 -11.56 22.11 -21.12
N PHE B 143 -11.18 21.62 -19.93
CA PHE B 143 -9.99 22.09 -19.18
C PHE B 143 -8.72 21.65 -19.92
N ALA B 144 -8.70 20.48 -20.59
CA ALA B 144 -7.56 20.02 -21.41
C ALA B 144 -7.35 20.98 -22.59
N GLU B 145 -8.45 21.39 -23.25
CA GLU B 145 -8.39 22.33 -24.39
C GLU B 145 -7.86 23.68 -23.92
N ILE B 146 -8.32 24.14 -22.75
CA ILE B 146 -7.96 25.47 -22.18
C ILE B 146 -6.46 25.48 -21.88
N ASP B 147 -5.92 24.39 -21.31
CA ASP B 147 -4.47 24.23 -21.03
C ASP B 147 -3.68 24.44 -22.33
N ALA B 148 -4.04 23.70 -23.40
CA ALA B 148 -3.43 23.81 -24.76
C ALA B 148 -3.54 25.26 -25.30
N GLU B 149 -4.73 25.90 -25.21
CA GLU B 149 -4.95 27.31 -25.62
C GLU B 149 -4.04 28.25 -24.82
N LEU B 150 -3.82 27.99 -23.52
CA LEU B 150 -2.99 28.84 -22.64
C LEU B 150 -1.51 28.67 -23.04
N ASP B 151 -1.06 27.43 -23.26
CA ASP B 151 0.31 27.10 -23.73
C ASP B 151 0.63 27.82 -25.05
N THR B 152 -0.28 27.73 -26.04
CA THR B 152 -0.16 28.37 -27.38
C THR B 152 -0.15 29.91 -27.24
N ALA B 153 -0.99 30.48 -26.37
CA ALA B 153 -1.04 31.93 -26.11
C ALA B 153 0.27 32.38 -25.43
N ARG B 154 0.83 31.56 -24.54
CA ARG B 154 2.09 31.87 -23.79
C ARG B 154 3.30 31.83 -24.74
N GLU B 155 3.37 30.79 -25.58
CA GLU B 155 4.37 30.64 -26.66
C GLU B 155 4.41 31.92 -27.50
N ALA B 156 3.24 32.47 -27.85
CA ALA B 156 3.09 33.59 -28.80
C ALA B 156 3.45 34.92 -28.14
N LEU B 157 3.20 35.05 -26.83
CA LEU B 157 3.40 36.33 -26.09
C LEU B 157 4.86 36.45 -25.67
N THR B 158 5.49 35.35 -25.21
CA THR B 158 6.90 35.33 -24.72
C THR B 158 7.88 35.22 -25.90
N THR B 159 7.40 34.95 -27.13
CA THR B 159 8.19 34.98 -28.39
C THR B 159 7.44 35.84 -29.43
N GLY B 160 7.63 37.16 -29.38
CA GLY B 160 7.26 38.11 -30.46
C GLY B 160 5.84 37.93 -30.95
N THR B 161 5.54 36.85 -31.70
CA THR B 161 4.31 36.64 -32.52
C THR B 161 3.24 37.67 -32.18
N ALA B 162 2.68 37.62 -30.97
CA ALA B 162 1.40 38.30 -30.64
C ALA B 162 1.57 39.23 -29.44
N THR B 163 0.69 40.22 -29.38
CA THR B 163 0.56 41.24 -28.31
C THR B 163 -0.72 40.94 -27.51
N LEU B 164 -0.64 40.91 -26.18
CA LEU B 164 -1.83 40.72 -25.31
C LEU B 164 -2.67 42.00 -25.36
N ASP B 165 -3.88 41.93 -25.91
CA ASP B 165 -4.86 43.06 -25.88
C ASP B 165 -5.34 43.29 -24.45
N THR B 166 -5.16 44.52 -23.93
CA THR B 166 -5.46 44.90 -22.51
C THR B 166 -6.94 45.34 -22.37
N ALA B 167 -7.69 45.45 -23.48
CA ALA B 167 -9.16 45.72 -23.48
C ALA B 167 -9.91 44.56 -22.81
N SER B 168 -9.35 43.34 -22.82
CA SER B 168 -9.98 42.08 -22.34
C SER B 168 -9.65 41.80 -20.86
N LEU B 169 -8.67 42.51 -20.27
CA LEU B 169 -8.16 42.26 -18.90
C LEU B 169 -9.23 42.51 -17.82
N PRO B 170 -10.28 43.35 -18.02
CA PRO B 170 -11.39 43.42 -17.06
C PRO B 170 -11.99 42.05 -16.66
N LEU B 171 -11.71 40.98 -17.41
CA LEU B 171 -12.17 39.61 -17.05
C LEU B 171 -11.26 39.02 -15.95
N VAL B 172 -10.14 39.66 -15.58
CA VAL B 172 -9.18 39.15 -14.54
C VAL B 172 -8.62 40.29 -13.68
N ASP B 178 0.18 41.31 -17.47
CA ASP B 178 1.37 40.47 -17.16
C ASP B 178 1.06 38.99 -17.44
N VAL B 179 1.65 38.43 -18.51
CA VAL B 179 1.44 37.04 -19.01
C VAL B 179 1.19 36.06 -17.85
N ASP B 180 2.20 35.83 -17.00
CA ASP B 180 2.24 34.71 -16.02
C ASP B 180 1.16 34.91 -14.94
N GLY B 181 0.90 36.16 -14.55
CA GLY B 181 -0.07 36.54 -13.51
C GLY B 181 -1.51 36.44 -14.01
N VAL B 182 -1.75 36.79 -15.27
CA VAL B 182 -3.07 36.65 -15.96
C VAL B 182 -3.44 35.15 -16.02
N ILE B 183 -2.49 34.27 -16.27
CA ILE B 183 -2.70 32.79 -16.36
C ILE B 183 -3.00 32.20 -14.98
N ALA B 184 -2.33 32.68 -13.93
CA ALA B 184 -2.60 32.31 -12.53
C ALA B 184 -4.03 32.70 -12.17
N ASP B 185 -4.46 33.92 -12.55
CA ASP B 185 -5.81 34.48 -12.24
C ASP B 185 -6.91 33.69 -12.97
N ILE B 186 -6.62 33.24 -14.19
CA ILE B 186 -7.51 32.39 -15.04
C ILE B 186 -7.67 31.02 -14.36
N HIS B 187 -6.55 30.39 -13.98
CA HIS B 187 -6.54 29.07 -13.29
C HIS B 187 -7.32 29.16 -11.97
N ARG B 188 -7.20 30.26 -11.23
CA ARG B 188 -7.91 30.46 -9.94
C ARG B 188 -9.41 30.57 -10.23
N HIS B 189 -9.80 31.44 -11.17
CA HIS B 189 -11.20 31.60 -11.65
C HIS B 189 -11.78 30.24 -12.06
N ASN B 190 -11.07 29.50 -12.90
CA ASN B 190 -11.53 28.22 -13.50
C ASN B 190 -11.73 27.17 -12.38
N ASP B 191 -10.79 27.09 -11.42
CA ASP B 191 -10.82 26.10 -10.31
C ASP B 191 -12.03 26.37 -9.42
N GLU B 192 -12.33 27.65 -9.15
CA GLU B 192 -13.51 28.03 -8.34
C GLU B 192 -14.74 27.51 -9.06
N ARG B 193 -14.89 27.87 -10.34
CA ARG B 193 -16.02 27.43 -11.19
C ARG B 193 -16.17 25.89 -11.15
N ARG B 194 -15.06 25.18 -11.20
CA ARG B 194 -15.05 23.70 -11.40
C ARG B 194 -15.61 23.02 -10.16
N ALA B 195 -15.34 23.57 -8.97
CA ALA B 195 -15.74 22.98 -7.68
C ALA B 195 -17.18 23.37 -7.34
N GLU B 196 -17.81 24.32 -8.03
CA GLU B 196 -19.21 24.76 -7.73
C GLU B 196 -20.17 23.60 -7.97
N ARG B 197 -21.25 23.54 -7.20
CA ARG B 197 -22.26 22.45 -7.34
C ARG B 197 -22.91 22.57 -8.71
N PRO B 198 -23.30 21.48 -9.39
CA PRO B 198 -24.11 21.57 -10.59
C PRO B 198 -25.56 21.94 -10.28
N LEU B 199 -26.34 22.13 -11.34
CA LEU B 199 -27.80 22.35 -11.30
C LEU B 199 -28.48 21.14 -11.92
N PHE B 200 -29.71 20.83 -11.52
CA PHE B 200 -30.62 19.92 -12.25
C PHE B 200 -31.78 20.78 -12.75
N LEU B 201 -32.34 20.45 -13.88
CA LEU B 201 -33.57 21.11 -14.38
C LEU B 201 -34.70 20.08 -14.22
N THR B 202 -35.83 20.55 -13.67
CA THR B 202 -37.09 19.77 -13.48
C THR B 202 -38.25 20.67 -13.94
N LEU B 203 -39.46 20.11 -14.00
CA LEU B 203 -40.71 20.89 -14.22
C LEU B 203 -41.27 21.34 -12.88
N ASP B 204 -42.04 22.44 -12.87
CA ASP B 204 -42.85 22.83 -11.69
C ASP B 204 -43.76 21.64 -11.31
N GLY B 205 -43.93 21.36 -10.01
CA GLY B 205 -44.80 20.27 -9.55
C GLY B 205 -44.09 18.91 -9.64
N SER B 206 -42.80 18.89 -9.97
CA SER B 206 -42.02 17.64 -10.21
C SER B 206 -42.00 16.81 -8.93
N PHE B 207 -42.11 15.49 -9.08
CA PHE B 207 -41.82 14.53 -8.00
C PHE B 207 -40.88 13.44 -8.51
N HIS B 208 -39.66 13.40 -7.95
CA HIS B 208 -38.59 12.45 -8.36
C HIS B 208 -38.02 11.64 -7.18
N GLY B 209 -38.68 11.69 -6.02
CA GLY B 209 -38.25 10.99 -4.79
C GLY B 209 -37.85 11.94 -3.69
N LYS B 210 -37.38 11.36 -2.57
CA LYS B 210 -37.30 12.08 -1.27
C LYS B 210 -36.00 11.74 -0.53
N LEU B 211 -34.98 11.21 -1.21
CA LEU B 211 -33.66 10.98 -0.54
C LEU B 211 -32.85 12.28 -0.64
N VAL B 212 -31.62 12.31 -0.14
CA VAL B 212 -30.85 13.58 0.03
C VAL B 212 -30.68 14.26 -1.34
N GLY B 213 -30.32 13.51 -2.38
CA GLY B 213 -30.19 14.01 -3.76
C GLY B 213 -31.53 14.31 -4.39
N SER B 214 -32.39 13.29 -4.46
CA SER B 214 -33.65 13.35 -5.23
C SER B 214 -34.62 14.38 -4.63
N ILE B 215 -34.58 14.63 -3.31
CA ILE B 215 -35.58 15.55 -2.67
C ILE B 215 -35.42 16.94 -3.29
N GLN B 216 -34.20 17.32 -3.65
CA GLN B 216 -33.97 18.66 -4.26
C GLN B 216 -34.71 18.74 -5.61
N LEU B 217 -35.06 17.60 -6.21
CA LEU B 217 -35.71 17.53 -7.57
C LEU B 217 -37.24 17.51 -7.38
N THR B 218 -37.71 17.57 -6.13
CA THR B 218 -39.15 17.48 -5.78
C THR B 218 -39.64 18.87 -5.36
N GLN B 219 -40.63 19.41 -6.08
CA GLN B 219 -41.12 20.78 -5.87
C GLN B 219 -41.67 20.95 -4.45
N ASN B 220 -42.62 20.08 -4.04
CA ASN B 220 -43.45 20.18 -2.80
C ASN B 220 -42.63 20.85 -1.69
N GLU B 221 -42.96 22.09 -1.32
CA GLU B 221 -42.04 22.98 -0.54
C GLU B 221 -41.81 22.45 0.88
N PRO B 222 -42.84 21.99 1.63
CA PRO B 222 -42.59 21.46 2.97
C PRO B 222 -41.75 20.17 2.96
N TRP B 223 -41.76 19.41 1.86
CA TRP B 223 -40.97 18.15 1.75
C TRP B 223 -39.50 18.46 1.47
N ARG B 224 -39.24 19.56 0.76
CA ARG B 224 -37.90 19.88 0.19
C ARG B 224 -37.18 20.95 1.02
N THR B 225 -37.81 22.08 1.30
CA THR B 225 -37.09 23.32 1.71
C THR B 225 -36.29 23.09 3.00
N PRO B 226 -36.68 22.19 3.94
CA PRO B 226 -35.86 21.94 5.13
C PRO B 226 -34.45 21.41 4.81
N PHE B 227 -34.29 20.81 3.61
CA PHE B 227 -33.10 20.01 3.20
C PHE B 227 -32.26 20.73 2.14
N THR B 228 -32.61 21.98 1.80
CA THR B 228 -32.02 22.82 0.73
C THR B 228 -30.50 22.82 0.77
N ALA B 229 -29.93 22.93 1.97
CA ALA B 229 -28.48 23.15 2.20
C ALA B 229 -27.68 21.87 1.88
N LEU B 230 -28.32 20.69 1.81
CA LEU B 230 -27.59 19.39 1.77
C LEU B 230 -26.96 19.13 0.40
N SER B 231 -27.65 19.50 -0.67
CA SER B 231 -27.45 18.85 -2.00
C SER B 231 -27.75 19.83 -3.12
N SER B 232 -27.27 19.53 -4.33
CA SER B 232 -27.46 20.34 -5.55
C SER B 232 -28.94 20.66 -5.75
N PRO B 233 -29.25 21.94 -6.03
CA PRO B 233 -30.64 22.31 -6.25
C PRO B 233 -31.03 22.01 -7.70
N ALA B 234 -32.34 22.06 -7.91
CA ALA B 234 -33.02 22.05 -9.21
C ALA B 234 -33.54 23.45 -9.51
N ARG B 235 -33.65 23.80 -10.78
CA ARG B 235 -34.50 24.93 -11.21
C ARG B 235 -35.75 24.29 -11.79
N PHE B 236 -36.90 24.68 -11.23
CA PHE B 236 -38.25 24.20 -11.57
C PHE B 236 -38.76 25.05 -12.73
N LEU B 237 -38.81 24.49 -13.92
CA LEU B 237 -39.18 25.23 -15.16
C LEU B 237 -40.70 25.23 -15.25
N PRO B 238 -41.31 26.36 -15.66
CA PRO B 238 -42.77 26.46 -15.71
C PRO B 238 -43.33 25.75 -16.94
N ALA B 239 -43.95 24.59 -16.74
CA ALA B 239 -44.42 23.65 -17.78
C ALA B 239 -45.42 24.34 -18.71
N ASP B 240 -46.27 25.21 -18.15
CA ASP B 240 -47.45 25.81 -18.83
C ASP B 240 -47.01 26.96 -19.76
N GLU B 241 -45.79 27.49 -19.58
CA GLU B 241 -45.28 28.69 -20.30
C GLU B 241 -43.86 28.43 -20.81
N PRO B 242 -43.70 27.50 -21.77
CA PRO B 242 -42.40 27.26 -22.40
C PRO B 242 -41.63 28.50 -22.88
N GLU B 243 -42.35 29.58 -23.20
CA GLU B 243 -41.81 30.92 -23.56
C GLU B 243 -40.70 31.31 -22.57
N LEU B 244 -40.95 31.08 -21.28
CA LEU B 244 -40.16 31.62 -20.13
C LEU B 244 -38.96 30.71 -19.77
N ILE B 245 -38.95 29.45 -20.22
CA ILE B 245 -37.91 28.42 -19.90
C ILE B 245 -36.55 28.86 -20.47
N GLY B 246 -36.53 29.26 -21.74
CA GLY B 246 -35.34 29.75 -22.45
C GLY B 246 -34.54 30.71 -21.61
N LYS B 247 -35.21 31.74 -21.10
CA LYS B 247 -34.59 32.85 -20.31
C LYS B 247 -34.11 32.31 -18.96
N ILE B 248 -34.89 31.45 -18.29
CA ILE B 248 -34.50 30.94 -16.94
C ILE B 248 -33.20 30.15 -17.07
N VAL B 249 -33.07 29.36 -18.14
CA VAL B 249 -31.87 28.48 -18.33
C VAL B 249 -30.70 29.36 -18.77
N GLU B 250 -30.97 30.35 -19.61
CA GLU B 250 -29.95 31.33 -20.09
C GLU B 250 -29.37 32.10 -18.89
N ASP B 251 -30.16 32.47 -17.88
CA ASP B 251 -29.61 33.10 -16.64
C ASP B 251 -28.62 32.19 -15.91
N GLU B 252 -28.70 30.86 -16.07
CA GLU B 252 -27.82 29.88 -15.35
C GLU B 252 -26.52 29.62 -16.11
N ARG B 253 -26.37 30.15 -17.32
CA ARG B 253 -25.10 30.10 -18.08
C ARG B 253 -23.95 30.53 -17.16
N ARG B 254 -22.81 29.84 -17.21
CA ARG B 254 -21.58 30.25 -16.48
C ARG B 254 -20.39 30.00 -17.39
N SER B 255 -19.34 30.82 -17.24
CA SER B 255 -18.13 30.86 -18.09
C SER B 255 -16.92 30.40 -17.30
N VAL B 256 -16.00 29.73 -17.99
CA VAL B 256 -14.57 29.66 -17.60
C VAL B 256 -13.79 30.60 -18.53
N LEU B 257 -12.55 30.92 -18.15
CA LEU B 257 -11.72 31.85 -18.96
C LEU B 257 -10.65 31.03 -19.68
N THR B 258 -10.23 31.54 -20.84
CA THR B 258 -9.03 31.09 -21.56
C THR B 258 -8.37 32.28 -22.27
N LEU B 259 -7.22 32.03 -22.88
CA LEU B 259 -6.55 32.95 -23.84
C LEU B 259 -6.76 32.43 -25.27
N SER B 260 -7.38 33.24 -26.14
CA SER B 260 -7.63 32.95 -27.58
C SER B 260 -6.59 33.70 -28.45
N LEU B 261 -5.74 32.95 -29.18
CA LEU B 261 -4.72 33.48 -30.12
C LEU B 261 -5.36 33.68 -31.49
N ASP B 262 -5.36 34.91 -32.02
CA ASP B 262 -5.81 35.28 -33.38
C ASP B 262 -4.57 35.69 -34.21
N LYS B 263 -3.55 34.83 -34.18
CA LYS B 263 -2.16 35.02 -34.70
C LYS B 263 -1.53 36.35 -34.29
N ASP B 264 -2.22 37.46 -34.58
CA ASP B 264 -1.90 38.90 -34.36
C ASP B 264 -1.96 39.20 -32.84
N THR B 265 -3.17 39.07 -32.30
CA THR B 265 -3.61 39.50 -30.93
C THR B 265 -3.90 38.27 -30.05
N VAL B 266 -3.63 38.35 -28.74
CA VAL B 266 -4.10 37.39 -27.70
C VAL B 266 -5.11 38.11 -26.81
N ARG B 267 -6.28 37.51 -26.60
CA ARG B 267 -7.41 38.08 -25.80
C ARG B 267 -7.78 37.08 -24.69
N VAL B 268 -8.09 37.58 -23.51
CA VAL B 268 -8.84 36.82 -22.46
C VAL B 268 -10.28 36.74 -22.95
N VAL B 269 -10.85 35.53 -23.01
CA VAL B 269 -12.25 35.32 -23.46
C VAL B 269 -12.95 34.30 -22.56
N GLU B 270 -14.25 34.49 -22.39
CA GLU B 270 -15.18 33.55 -21.74
C GLU B 270 -15.50 32.39 -22.69
N ARG B 271 -15.52 31.17 -22.20
CA ARG B 271 -16.11 29.96 -22.87
C ARG B 271 -17.13 29.31 -21.94
N ASP B 272 -18.09 28.58 -22.51
CA ASP B 272 -19.23 27.97 -21.78
C ASP B 272 -18.74 26.87 -20.83
N PHE B 273 -19.23 26.88 -19.60
CA PHE B 273 -18.95 25.83 -18.59
C PHE B 273 -20.20 24.98 -18.43
N PRO B 274 -20.08 23.64 -18.43
CA PRO B 274 -21.23 22.77 -18.17
C PRO B 274 -21.66 22.80 -16.69
N VAL B 275 -22.75 23.52 -16.40
CA VAL B 275 -23.36 23.72 -15.05
C VAL B 275 -24.47 22.67 -14.83
N VAL B 276 -25.26 22.38 -15.87
CA VAL B 276 -26.46 21.54 -15.73
C VAL B 276 -26.04 20.08 -15.90
N ALA B 277 -26.21 19.27 -14.85
CA ALA B 277 -25.95 17.81 -14.84
C ALA B 277 -26.99 17.07 -15.67
N ALA B 278 -28.26 17.39 -15.53
CA ALA B 278 -29.37 16.65 -16.17
C ALA B 278 -30.66 17.46 -16.11
N ILE B 279 -31.53 17.17 -17.07
CA ILE B 279 -32.97 17.57 -17.09
C ILE B 279 -33.76 16.31 -16.69
N PHE B 280 -34.69 16.43 -15.75
CA PHE B 280 -35.63 15.33 -15.39
C PHE B 280 -37.05 15.67 -15.83
N VAL B 281 -37.77 14.68 -16.31
CA VAL B 281 -39.20 14.88 -16.70
C VAL B 281 -40.00 13.61 -16.39
N GLU B 282 -41.20 13.79 -15.84
CA GLU B 282 -42.23 12.73 -15.76
C GLU B 282 -43.16 12.89 -16.97
N PRO B 283 -43.39 11.84 -17.78
CA PRO B 283 -44.33 11.95 -18.89
C PRO B 283 -45.76 12.38 -18.48
N VAL B 284 -46.19 11.93 -17.30
CA VAL B 284 -47.45 12.36 -16.66
C VAL B 284 -47.06 12.80 -15.26
N ARG B 285 -47.36 14.04 -14.91
CA ARG B 285 -46.71 14.74 -13.79
C ARG B 285 -47.51 14.48 -12.51
N GLY B 286 -47.14 13.43 -11.75
CA GLY B 286 -47.79 13.00 -10.50
C GLY B 286 -48.00 14.16 -9.53
N GLY B 287 -46.93 14.90 -9.20
CA GLY B 287 -46.97 16.03 -8.25
C GLY B 287 -47.71 17.27 -8.77
N SER B 288 -48.16 17.25 -10.03
CA SER B 288 -48.94 18.35 -10.68
C SER B 288 -50.41 17.93 -10.85
N GLY B 289 -50.83 16.79 -10.27
CA GLY B 289 -52.19 16.26 -10.44
C GLY B 289 -52.39 15.54 -11.77
N MET B 290 -51.38 14.82 -12.25
CA MET B 290 -51.45 13.86 -13.40
C MET B 290 -51.56 14.61 -14.74
N LYS B 291 -50.97 15.79 -14.86
CA LYS B 291 -50.94 16.52 -16.16
C LYS B 291 -49.93 15.83 -17.11
N THR B 292 -50.35 15.51 -18.32
CA THR B 292 -49.46 14.96 -19.38
C THR B 292 -48.58 16.08 -19.93
N VAL B 293 -47.32 15.79 -20.24
CA VAL B 293 -46.39 16.69 -20.99
C VAL B 293 -47.01 16.91 -22.37
N THR B 294 -47.24 18.18 -22.75
CA THR B 294 -47.72 18.62 -24.08
C THR B 294 -46.59 18.46 -25.11
N PRO B 295 -46.90 18.34 -26.42
CA PRO B 295 -45.87 18.34 -27.47
C PRO B 295 -44.95 19.57 -27.40
N GLU B 296 -45.51 20.73 -27.09
CA GLU B 296 -44.76 22.00 -27.02
C GLU B 296 -43.70 21.89 -25.93
N LEU B 297 -44.05 21.31 -24.78
CA LEU B 297 -43.10 21.21 -23.65
C LEU B 297 -42.02 20.16 -23.98
N ALA B 298 -42.44 19.01 -24.54
CA ALA B 298 -41.54 17.94 -25.02
C ALA B 298 -40.47 18.59 -25.90
N GLU B 299 -40.86 19.43 -26.84
CA GLU B 299 -39.91 20.01 -27.84
C GLU B 299 -38.98 21.00 -27.14
N GLU B 300 -39.46 21.72 -26.12
CA GLU B 300 -38.56 22.63 -25.36
C GLU B 300 -37.51 21.83 -24.59
N LEU B 301 -37.89 20.68 -24.02
CA LEU B 301 -36.94 19.83 -23.25
C LEU B 301 -35.91 19.23 -24.22
N HIS B 302 -36.34 18.80 -25.39
CA HIS B 302 -35.46 18.34 -26.50
C HIS B 302 -34.46 19.44 -26.87
N ARG B 303 -34.93 20.68 -27.05
CA ARG B 303 -34.05 21.84 -27.38
C ARG B 303 -33.03 22.01 -26.25
N LEU B 304 -33.47 22.01 -25.00
CA LEU B 304 -32.57 22.23 -23.83
C LEU B 304 -31.51 21.12 -23.82
N ARG B 305 -31.93 19.87 -24.00
CA ARG B 305 -31.01 18.70 -23.98
C ARG B 305 -29.97 18.85 -25.11
N ASP B 306 -30.41 19.12 -26.34
CA ASP B 306 -29.53 19.32 -27.52
C ASP B 306 -28.59 20.50 -27.25
N THR B 307 -29.06 21.56 -26.61
CA THR B 307 -28.28 22.81 -26.40
C THR B 307 -27.24 22.64 -25.31
N LEU B 308 -27.57 22.04 -24.15
CA LEU B 308 -26.67 22.04 -22.96
C LEU B 308 -25.73 20.83 -23.02
N GLY B 309 -26.11 19.77 -23.75
CA GLY B 309 -25.32 18.55 -23.89
C GLY B 309 -25.42 17.63 -22.68
N CYS B 310 -26.35 17.91 -21.77
CA CYS B 310 -26.61 17.03 -20.61
C CYS B 310 -27.73 16.07 -20.99
N PRO B 311 -27.82 14.90 -20.32
CA PRO B 311 -28.92 13.97 -20.61
C PRO B 311 -30.28 14.49 -20.13
N LEU B 312 -31.30 14.11 -20.90
CA LEU B 312 -32.73 14.20 -20.51
C LEU B 312 -33.11 12.85 -19.87
N VAL B 313 -33.45 12.88 -18.58
CA VAL B 313 -33.79 11.68 -17.80
C VAL B 313 -35.31 11.63 -17.71
N VAL B 314 -35.89 10.57 -18.28
CA VAL B 314 -37.36 10.32 -18.26
C VAL B 314 -37.71 9.41 -17.09
N ASP B 315 -38.38 9.97 -16.09
CA ASP B 315 -38.80 9.27 -14.84
C ASP B 315 -40.15 8.61 -15.13
N GLU B 316 -40.13 7.31 -15.37
CA GLU B 316 -41.31 6.44 -15.65
C GLU B 316 -41.57 5.53 -14.43
N VAL B 317 -41.04 5.92 -13.27
CA VAL B 317 -41.31 5.20 -12.01
C VAL B 317 -42.81 4.95 -11.85
N GLN B 318 -43.65 5.95 -12.18
CA GLN B 318 -45.13 5.87 -12.08
C GLN B 318 -45.77 5.59 -13.44
N THR B 319 -45.32 6.23 -14.53
CA THR B 319 -45.94 6.10 -15.88
C THR B 319 -45.57 4.79 -16.60
N GLY B 320 -44.52 4.08 -16.19
CA GLY B 320 -44.06 2.84 -16.86
C GLY B 320 -44.88 1.60 -16.56
N ILE B 321 -44.59 0.55 -17.31
CA ILE B 321 -45.14 -0.83 -17.19
C ILE B 321 -46.65 -0.72 -17.43
N GLY B 322 -47.02 0.07 -18.44
CA GLY B 322 -48.31 -0.08 -19.14
C GLY B 322 -49.38 0.87 -18.64
N ARG B 323 -49.11 1.61 -17.58
CA ARG B 323 -50.09 2.50 -16.88
C ARG B 323 -50.79 3.44 -17.87
N THR B 324 -50.08 4.01 -18.85
CA THR B 324 -50.62 5.03 -19.77
C THR B 324 -51.22 4.39 -21.02
N GLY B 325 -51.17 3.08 -21.17
CA GLY B 325 -51.70 2.39 -22.37
C GLY B 325 -50.59 2.04 -23.32
N ALA B 326 -49.33 2.34 -22.95
CA ALA B 326 -48.10 1.82 -23.58
C ALA B 326 -47.15 1.40 -22.46
N PHE B 327 -46.13 0.60 -22.76
CA PHE B 327 -45.12 0.27 -21.73
C PHE B 327 -44.47 1.58 -21.25
N PHE B 328 -43.94 2.37 -22.18
CA PHE B 328 -43.33 3.68 -21.91
C PHE B 328 -44.32 4.80 -22.24
N GLY B 329 -44.66 5.59 -21.22
CA GLY B 329 -45.42 6.84 -21.36
C GLY B 329 -44.71 7.82 -22.28
N SER B 330 -43.38 7.88 -22.19
CA SER B 330 -42.53 8.76 -23.03
C SER B 330 -42.73 8.43 -24.53
N ALA B 331 -42.88 7.16 -24.89
CA ALA B 331 -43.08 6.67 -26.27
C ALA B 331 -44.44 7.18 -26.76
N LEU B 332 -45.44 7.09 -25.91
CA LEU B 332 -46.82 7.56 -26.19
C LEU B 332 -46.79 9.07 -26.44
N LEU B 333 -46.10 9.85 -25.61
CA LEU B 333 -46.18 11.34 -25.66
C LEU B 333 -45.03 11.94 -26.48
N GLY B 334 -44.15 11.12 -27.07
CA GLY B 334 -43.05 11.60 -27.93
C GLY B 334 -41.94 12.30 -27.15
N ILE B 335 -41.60 11.84 -25.94
CA ILE B 335 -40.45 12.38 -25.15
C ILE B 335 -39.21 11.51 -25.40
N ARG B 336 -38.18 12.08 -26.02
CA ARG B 336 -36.98 11.32 -26.45
C ARG B 336 -35.91 11.51 -25.39
N GLY B 337 -35.92 10.65 -24.39
CA GLY B 337 -34.96 10.71 -23.28
C GLY B 337 -33.66 10.04 -23.64
N ASP B 338 -32.61 10.34 -22.88
CA ASP B 338 -31.29 9.67 -22.95
C ASP B 338 -31.25 8.55 -21.90
N TYR B 339 -31.83 8.79 -20.71
CA TYR B 339 -31.92 7.84 -19.57
C TYR B 339 -33.39 7.68 -19.21
N TYR B 340 -33.76 6.49 -18.74
CA TYR B 340 -35.15 6.19 -18.30
C TYR B 340 -35.10 5.49 -16.94
N THR B 341 -36.06 5.75 -16.07
CA THR B 341 -36.16 5.04 -14.78
C THR B 341 -37.51 4.37 -14.67
N LEU B 342 -37.49 3.19 -14.07
CA LEU B 342 -38.68 2.37 -13.77
C LEU B 342 -38.59 1.86 -12.33
N ALA B 343 -39.73 1.73 -11.65
CA ALA B 343 -39.83 1.05 -10.35
C ALA B 343 -41.25 0.48 -10.19
N LYS B 344 -42.15 1.20 -9.53
CA LYS B 344 -43.42 0.72 -8.91
C LYS B 344 -43.86 -0.68 -9.38
N ALA B 345 -44.49 -0.81 -10.56
CA ALA B 345 -45.21 -2.05 -10.97
C ALA B 345 -44.26 -3.23 -11.21
N ILE B 346 -42.96 -2.97 -11.36
CA ILE B 346 -41.95 -4.01 -11.75
C ILE B 346 -41.73 -5.01 -10.61
N GLY B 347 -42.06 -4.66 -9.37
CA GLY B 347 -42.07 -5.56 -8.20
C GLY B 347 -43.31 -6.43 -8.08
N GLY B 348 -44.24 -6.36 -9.03
CA GLY B 348 -45.44 -7.22 -9.06
C GLY B 348 -46.40 -6.95 -7.88
N GLY B 349 -46.18 -5.85 -7.14
CA GLY B 349 -46.98 -5.49 -5.97
C GLY B 349 -46.55 -6.26 -4.72
N ILE B 350 -45.43 -6.98 -4.77
CA ILE B 350 -44.96 -7.80 -3.62
C ILE B 350 -43.49 -7.50 -3.29
N VAL B 351 -42.63 -7.17 -4.26
CA VAL B 351 -41.18 -6.94 -3.93
C VAL B 351 -40.74 -5.54 -4.41
N LYS B 352 -39.48 -5.20 -4.14
CA LYS B 352 -38.92 -3.84 -4.35
C LYS B 352 -37.79 -3.94 -5.36
N ASN B 353 -37.93 -3.19 -6.44
CA ASN B 353 -37.02 -3.26 -7.61
C ASN B 353 -37.14 -1.96 -8.39
N SER B 354 -36.05 -1.56 -9.02
CA SER B 354 -36.01 -0.37 -9.88
C SER B 354 -34.86 -0.50 -10.87
N VAL B 355 -34.93 0.25 -11.95
CA VAL B 355 -33.90 0.15 -13.02
C VAL B 355 -33.72 1.53 -13.66
N ALA B 356 -32.47 1.85 -13.91
CA ALA B 356 -32.03 3.01 -14.70
C ALA B 356 -31.55 2.43 -16.03
N LEU B 357 -32.13 2.90 -17.13
CA LEU B 357 -31.69 2.56 -18.51
C LEU B 357 -30.92 3.75 -19.05
N ILE B 358 -29.63 3.55 -19.37
CA ILE B 358 -28.73 4.62 -19.87
C ILE B 358 -28.27 4.26 -21.29
N ARG B 359 -28.45 5.17 -22.25
CA ARG B 359 -28.15 4.88 -23.69
C ARG B 359 -26.68 4.47 -23.75
N GLN B 360 -26.38 3.38 -24.44
CA GLN B 360 -25.03 2.76 -24.46
C GLN B 360 -24.03 3.71 -25.10
N ASP B 361 -24.43 4.60 -26.00
CA ASP B 361 -23.45 5.52 -26.63
C ASP B 361 -23.07 6.60 -25.62
N ARG B 362 -23.80 6.76 -24.51
CA ARG B 362 -23.42 7.73 -23.43
C ARG B 362 -22.86 7.01 -22.20
N PHE B 363 -23.04 5.70 -22.08
CA PHE B 363 -22.81 4.95 -20.82
C PHE B 363 -21.31 4.88 -20.55
N LEU B 364 -20.88 5.26 -19.35
CA LEU B 364 -19.47 5.27 -18.93
C LEU B 364 -19.19 4.00 -18.13
N PRO B 365 -18.34 3.09 -18.67
CA PRO B 365 -18.14 1.76 -18.09
C PRO B 365 -17.77 1.77 -16.60
N ALA B 366 -17.12 2.84 -16.12
CA ALA B 366 -16.72 2.98 -14.70
C ALA B 366 -17.95 2.76 -13.80
N MET B 367 -19.12 3.21 -14.23
CA MET B 367 -20.39 3.17 -13.45
C MET B 367 -20.71 1.71 -13.03
N GLU B 368 -20.38 0.73 -13.87
CA GLU B 368 -20.71 -0.70 -13.64
C GLU B 368 -19.91 -1.24 -12.45
N VAL B 369 -18.76 -0.62 -12.15
CA VAL B 369 -17.83 -1.13 -11.09
C VAL B 369 -17.70 -0.13 -9.95
N ILE B 370 -18.04 1.15 -10.08
CA ILE B 370 -17.96 2.08 -8.91
C ILE B 370 -19.34 2.21 -8.24
N HIS B 371 -20.45 1.91 -8.92
CA HIS B 371 -21.80 1.94 -8.32
C HIS B 371 -22.20 0.51 -7.93
N SER B 372 -22.83 0.34 -6.79
CA SER B 372 -23.37 -0.95 -6.33
C SER B 372 -24.34 -0.69 -5.16
N SER B 373 -25.03 -1.73 -4.75
CA SER B 373 -26.00 -1.73 -3.63
C SER B 373 -26.09 -3.18 -3.15
N THR B 374 -26.13 -3.46 -1.86
CA THR B 374 -26.28 -4.85 -1.32
C THR B 374 -27.45 -5.57 -2.00
N PHE B 375 -28.64 -4.97 -2.00
CA PHE B 375 -29.92 -5.63 -2.32
C PHE B 375 -30.23 -5.54 -3.82
N ALA B 376 -29.51 -4.71 -4.58
CA ALA B 376 -29.79 -4.45 -6.02
C ALA B 376 -29.56 -5.73 -6.80
N LYS B 377 -30.41 -6.01 -7.78
CA LYS B 377 -30.20 -7.18 -8.69
C LYS B 377 -30.37 -8.48 -7.90
N ASP B 378 -31.06 -8.47 -6.75
CA ASP B 378 -31.30 -9.70 -5.98
C ASP B 378 -32.04 -10.70 -6.88
N GLY B 379 -31.83 -11.99 -6.70
CA GLY B 379 -32.42 -13.00 -7.60
C GLY B 379 -33.93 -13.05 -7.52
N LEU B 380 -34.54 -12.74 -6.38
CA LEU B 380 -36.01 -12.88 -6.21
C LEU B 380 -36.72 -11.79 -7.01
N SER B 381 -36.39 -10.52 -6.82
CA SER B 381 -37.03 -9.39 -7.56
C SER B 381 -36.67 -9.48 -9.06
N ALA B 382 -35.49 -10.03 -9.39
CA ALA B 382 -35.12 -10.31 -10.80
C ALA B 382 -36.12 -11.28 -11.45
N SER B 383 -36.42 -12.40 -10.78
CA SER B 383 -37.39 -13.41 -11.26
C SER B 383 -38.76 -12.74 -11.44
N ILE B 384 -39.20 -11.95 -10.47
CA ILE B 384 -40.54 -11.30 -10.46
C ILE B 384 -40.61 -10.24 -11.56
N ALA B 385 -39.57 -9.44 -11.77
CA ALA B 385 -39.45 -8.52 -12.94
C ALA B 385 -39.71 -9.27 -14.25
N LEU B 386 -39.04 -10.40 -14.50
CA LEU B 386 -39.22 -11.20 -15.75
C LEU B 386 -40.68 -11.63 -15.90
N LYS B 387 -41.33 -11.97 -14.79
CA LYS B 387 -42.75 -12.43 -14.80
C LYS B 387 -43.65 -11.25 -15.17
N VAL B 388 -43.47 -10.12 -14.49
CA VAL B 388 -44.26 -8.88 -14.77
C VAL B 388 -44.11 -8.52 -16.25
N LEU B 389 -42.90 -8.57 -16.80
CA LEU B 389 -42.61 -8.19 -18.22
C LEU B 389 -43.34 -9.18 -19.13
N GLU B 390 -43.30 -10.46 -18.79
CA GLU B 390 -44.00 -11.48 -19.61
C GLU B 390 -45.51 -11.18 -19.56
N MET B 391 -46.06 -10.80 -18.40
CA MET B 391 -47.52 -10.57 -18.26
C MET B 391 -47.95 -9.34 -19.06
N VAL B 392 -47.20 -8.26 -18.99
CA VAL B 392 -47.63 -6.99 -19.60
C VAL B 392 -47.50 -7.09 -21.13
N GLU B 393 -46.57 -7.91 -21.61
CA GLU B 393 -46.30 -8.14 -23.06
C GLU B 393 -47.20 -9.24 -23.66
N ALA B 394 -47.92 -10.03 -22.87
CA ALA B 394 -48.63 -11.23 -23.37
C ALA B 394 -49.69 -10.87 -24.44
N ASP B 395 -49.97 -11.85 -25.30
CA ASP B 395 -51.03 -11.85 -26.35
C ASP B 395 -50.84 -10.66 -27.30
N GLY B 396 -49.63 -10.48 -27.83
CA GLY B 396 -49.30 -9.45 -28.82
C GLY B 396 -49.71 -8.05 -28.37
N GLY B 397 -49.65 -7.76 -27.08
CA GLY B 397 -49.89 -6.41 -26.54
C GLY B 397 -51.36 -6.12 -26.24
N ARG B 398 -52.18 -7.14 -25.99
CA ARG B 398 -53.62 -6.96 -25.66
C ARG B 398 -53.73 -6.28 -24.29
N VAL B 399 -52.75 -6.45 -23.42
CA VAL B 399 -52.82 -5.90 -22.02
C VAL B 399 -52.82 -4.37 -22.11
N TYR B 400 -52.02 -3.80 -23.00
CA TYR B 400 -51.96 -2.32 -23.24
C TYR B 400 -53.34 -1.86 -23.76
N GLN B 401 -53.94 -2.63 -24.65
CA GLN B 401 -55.29 -2.37 -25.21
C GLN B 401 -56.32 -2.36 -24.07
N ARG B 402 -56.26 -3.34 -23.16
CA ARG B 402 -57.12 -3.38 -21.96
C ARG B 402 -56.92 -2.12 -21.12
N VAL B 403 -55.68 -1.72 -20.86
CA VAL B 403 -55.44 -0.50 -20.05
C VAL B 403 -56.13 0.68 -20.75
N ARG B 404 -55.97 0.80 -22.07
CA ARG B 404 -56.51 1.93 -22.88
C ARG B 404 -58.05 1.95 -22.78
N GLU B 405 -58.73 0.80 -22.88
CA GLU B 405 -60.23 0.78 -22.88
C GLU B 405 -60.75 0.91 -21.45
N ARG B 406 -60.08 0.34 -20.44
CA ARG B 406 -60.42 0.61 -19.00
C ARG B 406 -60.19 2.10 -18.70
N GLY B 407 -59.05 2.66 -19.11
CA GLY B 407 -58.76 4.10 -18.99
C GLY B 407 -59.86 4.98 -19.59
N GLN B 408 -60.29 4.69 -20.83
CA GLN B 408 -61.33 5.46 -21.55
C GLN B 408 -62.62 5.42 -20.74
N ARG B 409 -63.03 4.24 -20.29
CA ARG B 409 -64.26 4.03 -19.50
C ARG B 409 -64.19 4.86 -18.22
N LEU B 410 -63.04 4.86 -17.52
CA LEU B 410 -62.90 5.54 -16.20
C LEU B 410 -62.82 7.06 -16.45
N GLU B 411 -62.09 7.49 -17.47
CA GLU B 411 -61.96 8.92 -17.83
C GLU B 411 -63.34 9.49 -18.21
N ALA B 412 -64.13 8.74 -19.01
CA ALA B 412 -65.48 9.15 -19.47
C ALA B 412 -66.36 9.34 -18.24
N MET B 413 -66.30 8.40 -17.31
CA MET B 413 -67.07 8.52 -16.06
C MET B 413 -66.63 9.80 -15.34
N LEU B 414 -65.32 10.04 -15.24
CA LEU B 414 -64.83 11.21 -14.46
C LEU B 414 -65.31 12.52 -15.11
N GLU B 415 -65.31 12.57 -16.45
CA GLU B 415 -65.74 13.74 -17.28
C GLU B 415 -67.26 13.94 -17.11
N SER B 416 -68.03 12.84 -17.08
CA SER B 416 -69.49 12.85 -16.86
C SER B 416 -69.76 13.46 -15.48
N VAL B 417 -68.94 13.12 -14.49
CA VAL B 417 -69.08 13.67 -13.11
C VAL B 417 -68.71 15.16 -13.16
N ARG B 418 -67.59 15.51 -13.77
CA ARG B 418 -67.15 16.92 -13.83
C ARG B 418 -68.24 17.81 -14.42
N ALA B 419 -68.85 17.38 -15.52
CA ALA B 419 -69.85 18.13 -16.32
C ALA B 419 -71.04 18.55 -15.46
N ASP B 420 -71.48 17.71 -14.51
CA ASP B 420 -72.63 17.96 -13.61
C ASP B 420 -72.14 18.58 -12.29
N HIS B 421 -70.83 18.70 -12.08
CA HIS B 421 -70.28 19.16 -10.78
C HIS B 421 -69.10 20.13 -11.01
N SER B 422 -69.16 20.90 -12.12
CA SER B 422 -68.18 21.93 -12.51
C SER B 422 -68.03 23.02 -11.44
N ASP B 423 -69.00 23.15 -10.52
CA ASP B 423 -68.90 24.15 -9.42
C ASP B 423 -67.81 23.74 -8.44
N VAL B 424 -67.49 22.44 -8.30
CA VAL B 424 -66.46 21.97 -7.33
C VAL B 424 -65.31 21.23 -8.03
N VAL B 425 -65.46 20.83 -9.28
CA VAL B 425 -64.44 20.05 -10.05
C VAL B 425 -64.02 20.90 -11.25
N SER B 426 -62.73 21.27 -11.35
CA SER B 426 -62.21 22.17 -12.42
C SER B 426 -61.77 21.37 -13.65
N ALA B 427 -61.31 20.12 -13.51
CA ALA B 427 -60.68 19.38 -14.64
C ALA B 427 -60.52 17.88 -14.34
N VAL B 428 -60.44 17.11 -15.43
CA VAL B 428 -59.88 15.74 -15.48
C VAL B 428 -58.53 15.79 -16.21
N TRP B 429 -57.49 15.20 -15.61
CA TRP B 429 -56.10 15.11 -16.11
C TRP B 429 -55.67 13.63 -16.19
N GLY B 430 -54.69 13.36 -17.07
CA GLY B 430 -53.94 12.10 -17.12
C GLY B 430 -54.30 11.29 -18.35
N THR B 431 -53.85 10.04 -18.42
CA THR B 431 -54.09 9.18 -19.58
C THR B 431 -53.96 7.73 -19.14
N GLY B 432 -54.53 6.82 -19.93
CA GLY B 432 -54.69 5.41 -19.58
C GLY B 432 -55.30 5.28 -18.21
N LEU B 433 -54.66 4.56 -17.30
CA LEU B 433 -55.23 4.36 -15.95
C LEU B 433 -54.48 5.19 -14.92
N MET B 434 -53.99 6.37 -15.33
CA MET B 434 -53.37 7.35 -14.43
C MET B 434 -54.10 8.69 -14.54
N LEU B 435 -55.18 8.83 -13.79
CA LEU B 435 -56.18 9.91 -13.92
C LEU B 435 -56.32 10.65 -12.58
N ALA B 436 -56.84 11.88 -12.62
CA ALA B 436 -57.14 12.68 -11.41
C ALA B 436 -58.27 13.66 -11.71
N LEU B 437 -59.03 14.02 -10.67
CA LEU B 437 -59.96 15.18 -10.69
C LEU B 437 -59.25 16.33 -10.02
N GLU B 438 -59.27 17.51 -10.63
CA GLU B 438 -58.81 18.74 -9.95
C GLU B 438 -60.01 19.32 -9.16
N LEU B 439 -59.85 19.51 -7.85
CA LEU B 439 -60.83 20.20 -6.97
C LEU B 439 -60.66 21.72 -7.09
N ARG B 440 -61.76 22.46 -7.22
CA ARG B 440 -61.75 23.95 -7.12
C ARG B 440 -61.38 24.34 -5.70
N ASP B 441 -60.65 25.44 -5.56
CA ASP B 441 -60.28 26.05 -4.27
C ASP B 441 -61.53 26.17 -3.39
N GLN B 442 -61.39 25.88 -2.12
CA GLN B 442 -62.48 25.94 -1.13
C GLN B 442 -62.00 26.81 0.02
N SER B 443 -60.98 27.64 -0.18
CA SER B 443 -60.49 28.55 0.90
C SER B 443 -61.55 29.59 1.26
N ASN B 444 -62.55 29.87 0.41
CA ASN B 444 -63.66 30.82 0.70
C ASN B 444 -64.96 30.11 1.00
N ALA B 445 -64.92 28.87 1.45
CA ALA B 445 -66.10 28.01 1.58
C ALA B 445 -66.97 28.58 2.69
N THR B 446 -68.30 28.46 2.54
CA THR B 446 -69.33 28.94 3.51
C THR B 446 -69.08 28.20 4.84
N SER B 447 -69.04 26.87 4.78
CA SER B 447 -68.77 26.01 5.95
C SER B 447 -67.37 26.31 6.49
N GLN B 448 -67.31 26.66 7.77
CA GLN B 448 -66.04 26.94 8.48
C GLN B 448 -65.17 25.68 8.49
N ALA B 449 -65.74 24.50 8.77
CA ALA B 449 -64.95 23.25 8.91
C ALA B 449 -64.25 22.93 7.59
N ILE B 450 -64.95 23.04 6.46
CA ILE B 450 -64.40 22.82 5.10
C ILE B 450 -63.30 23.84 4.83
N ARG B 451 -63.60 25.13 5.05
CA ARG B 451 -62.71 26.28 4.77
C ARG B 451 -61.39 26.10 5.54
N GLU B 452 -61.50 25.70 6.80
CA GLU B 452 -60.34 25.51 7.70
C GLU B 452 -59.46 24.42 7.09
N LYS B 453 -60.05 23.29 6.72
CA LYS B 453 -59.31 22.13 6.13
C LYS B 453 -58.69 22.55 4.79
N ALA B 454 -59.42 23.27 3.93
CA ALA B 454 -58.89 23.73 2.63
C ALA B 454 -57.70 24.66 2.86
N ALA B 455 -57.77 25.55 3.85
CA ALA B 455 -56.70 26.53 4.12
C ALA B 455 -55.40 25.80 4.54
N HIS B 456 -55.53 24.72 5.29
CA HIS B 456 -54.37 23.91 5.80
C HIS B 456 -53.84 22.96 4.71
N GLY B 457 -54.47 22.91 3.53
CA GLY B 457 -54.06 22.02 2.41
C GLY B 457 -54.56 20.58 2.56
N PHE B 458 -55.63 20.35 3.33
CA PHE B 458 -56.12 18.99 3.70
C PHE B 458 -57.46 18.63 3.03
N LEU B 459 -57.98 19.46 2.12
CA LEU B 459 -59.32 19.25 1.53
C LEU B 459 -59.41 17.83 0.95
N GLY B 460 -58.47 17.47 0.06
CA GLY B 460 -58.49 16.17 -0.64
C GLY B 460 -58.58 15.01 0.34
N TYR B 461 -57.84 15.09 1.45
CA TYR B 461 -57.78 14.02 2.47
C TYR B 461 -59.14 13.87 3.14
N VAL B 462 -59.78 14.99 3.46
CA VAL B 462 -61.13 15.06 4.10
C VAL B 462 -62.15 14.39 3.15
N LEU B 463 -62.14 14.78 1.88
CA LEU B 463 -63.05 14.21 0.84
C LEU B 463 -62.78 12.71 0.69
N ALA B 464 -61.51 12.29 0.74
CA ALA B 464 -61.08 10.87 0.70
C ALA B 464 -61.74 10.14 1.88
N GLY B 465 -61.69 10.71 3.07
CA GLY B 465 -62.34 10.12 4.27
C GLY B 465 -63.83 9.92 4.06
N PHE B 466 -64.53 10.89 3.46
CA PHE B 466 -65.98 10.77 3.15
C PHE B 466 -66.17 9.55 2.27
N LEU B 467 -65.40 9.48 1.18
CA LEU B 467 -65.50 8.37 0.21
C LEU B 467 -65.27 7.02 0.94
N LEU B 468 -64.39 6.97 1.95
CA LEU B 468 -64.12 5.71 2.68
C LEU B 468 -65.32 5.35 3.58
N ARG B 469 -65.71 6.21 4.51
CA ARG B 469 -66.71 5.86 5.56
C ARG B 469 -68.11 5.76 4.92
N GLU B 470 -68.44 6.52 3.88
CA GLU B 470 -69.82 6.57 3.32
C GLU B 470 -69.97 5.69 2.09
N HIS B 471 -68.91 5.38 1.34
CA HIS B 471 -69.03 4.58 0.10
C HIS B 471 -68.04 3.42 0.05
N HIS B 472 -67.20 3.21 1.08
CA HIS B 472 -66.23 2.10 1.07
C HIS B 472 -65.35 2.18 -0.19
N ILE B 473 -64.87 3.37 -0.52
CA ILE B 473 -63.94 3.57 -1.67
C ILE B 473 -62.70 4.28 -1.14
N ARG B 474 -61.53 3.69 -1.42
CA ARG B 474 -60.19 4.22 -1.05
C ARG B 474 -59.69 5.05 -2.23
N VAL B 475 -59.65 6.36 -2.00
CA VAL B 475 -59.00 7.36 -2.89
C VAL B 475 -57.96 8.08 -2.03
N LEU B 476 -56.81 8.43 -2.60
CA LEU B 476 -55.86 9.36 -1.94
C LEU B 476 -55.68 10.58 -2.84
N PRO B 477 -55.47 11.75 -2.23
CA PRO B 477 -55.25 12.95 -3.02
C PRO B 477 -53.86 12.95 -3.63
N ALA B 478 -53.64 13.84 -4.59
CA ALA B 478 -52.31 14.17 -5.12
C ALA B 478 -52.13 15.69 -5.10
N GLY B 479 -50.96 16.16 -5.49
CA GLY B 479 -50.74 17.57 -5.82
C GLY B 479 -50.42 18.32 -4.53
N PRO B 480 -49.92 19.57 -4.64
CA PRO B 480 -49.23 20.21 -3.52
C PRO B 480 -50.07 20.56 -2.28
N ARG B 481 -51.39 20.78 -2.42
CA ARG B 481 -52.27 21.08 -1.26
C ARG B 481 -53.47 20.14 -1.34
N SER B 482 -53.23 18.86 -1.62
CA SER B 482 -54.26 17.80 -1.75
C SER B 482 -55.45 18.36 -2.54
N GLY B 483 -55.15 19.08 -3.62
CA GLY B 483 -56.09 19.72 -4.56
C GLY B 483 -56.54 18.80 -5.69
N PHE B 484 -56.06 17.56 -5.75
CA PHE B 484 -56.45 16.56 -6.78
C PHE B 484 -56.81 15.23 -6.09
N LEU B 485 -57.75 14.49 -6.68
CA LEU B 485 -58.13 13.11 -6.29
C LEU B 485 -57.58 12.18 -7.36
N ARG B 486 -56.76 11.22 -6.96
CA ARG B 486 -56.04 10.26 -7.84
C ARG B 486 -57.00 9.10 -8.13
N PHE B 487 -57.01 8.62 -9.37
CA PHE B 487 -57.69 7.36 -9.79
C PHE B 487 -56.67 6.54 -10.56
N SER B 488 -56.07 5.54 -9.91
CA SER B 488 -55.05 4.69 -10.59
C SER B 488 -55.28 3.24 -10.20
N PRO B 489 -56.46 2.67 -10.51
CA PRO B 489 -56.71 1.26 -10.20
C PRO B 489 -56.01 0.31 -11.19
N SER B 490 -56.17 -0.97 -10.92
CA SER B 490 -55.69 -2.06 -11.79
C SER B 490 -56.50 -2.09 -13.10
N LEU B 491 -55.95 -2.74 -14.12
CA LEU B 491 -56.64 -2.99 -15.41
C LEU B 491 -57.83 -3.97 -15.23
N TYR B 492 -58.05 -4.53 -14.05
CA TYR B 492 -59.21 -5.43 -13.75
C TYR B 492 -60.41 -4.65 -13.22
N ILE B 493 -60.28 -3.34 -13.00
CA ILE B 493 -61.43 -2.50 -12.54
C ILE B 493 -62.66 -2.87 -13.40
N THR B 494 -63.77 -3.28 -12.79
CA THR B 494 -65.01 -3.65 -13.51
C THR B 494 -65.87 -2.42 -13.76
N ASP B 495 -66.77 -2.52 -14.74
CA ASP B 495 -67.83 -1.53 -15.06
C ASP B 495 -68.66 -1.22 -13.79
N GLU B 496 -68.95 -2.23 -13.01
CA GLU B 496 -69.75 -2.09 -11.77
C GLU B 496 -68.97 -1.25 -10.74
N GLU B 497 -67.66 -1.45 -10.61
CA GLU B 497 -66.78 -0.71 -9.65
C GLU B 497 -66.68 0.75 -10.12
N ILE B 498 -66.65 0.96 -11.42
CA ILE B 498 -66.66 2.34 -11.99
C ILE B 498 -68.01 3.01 -11.69
N ASP B 499 -69.14 2.29 -11.82
CA ASP B 499 -70.50 2.83 -11.49
C ASP B 499 -70.54 3.17 -9.99
N ARG B 500 -70.06 2.30 -9.12
CA ARG B 500 -70.07 2.58 -7.65
C ARG B 500 -69.22 3.84 -7.36
N THR B 501 -68.15 4.07 -8.11
CA THR B 501 -67.23 5.23 -7.96
C THR B 501 -67.99 6.47 -8.41
N GLU B 502 -68.69 6.39 -9.53
CA GLU B 502 -69.53 7.51 -10.06
C GLU B 502 -70.53 7.93 -8.97
N THR B 503 -71.33 7.00 -8.45
CA THR B 503 -72.32 7.24 -7.38
C THR B 503 -71.64 7.92 -6.20
N ALA B 504 -70.50 7.39 -5.75
CA ALA B 504 -69.75 7.89 -4.57
C ALA B 504 -69.35 9.35 -4.83
N LEU B 505 -68.86 9.68 -6.03
CA LEU B 505 -68.38 11.03 -6.41
C LEU B 505 -69.57 12.03 -6.50
N ARG B 506 -70.65 11.68 -7.18
CA ARG B 506 -71.92 12.50 -7.21
C ARG B 506 -72.33 12.79 -5.77
N SER B 507 -72.42 11.76 -4.91
CA SER B 507 -72.71 11.93 -3.46
C SER B 507 -71.72 12.95 -2.85
N LEU B 508 -70.41 12.71 -2.98
CA LEU B 508 -69.35 13.57 -2.39
C LEU B 508 -69.50 15.02 -2.88
N PHE B 509 -69.65 15.22 -4.19
CA PHE B 509 -69.65 16.57 -4.80
C PHE B 509 -70.99 17.27 -4.56
N THR B 510 -72.07 16.53 -4.30
CA THR B 510 -73.39 17.10 -3.89
C THR B 510 -73.26 17.65 -2.47
N ALA B 511 -72.69 16.87 -1.54
CA ALA B 511 -72.39 17.33 -0.18
C ALA B 511 -71.47 18.56 -0.23
N LEU B 512 -70.49 18.60 -1.12
CA LEU B 512 -69.53 19.72 -1.17
C LEU B 512 -70.23 20.99 -1.69
N ARG B 513 -71.01 20.88 -2.76
CA ARG B 513 -71.90 21.96 -3.28
C ARG B 513 -72.76 22.53 -2.14
N ASP B 514 -73.38 21.65 -1.34
CA ASP B 514 -74.28 22.01 -0.21
C ASP B 514 -73.49 22.50 1.00
N GLN B 515 -72.17 22.51 0.93
CA GLN B 515 -71.27 22.96 2.04
C GLN B 515 -71.65 22.26 3.35
N ASP B 516 -71.92 20.94 3.28
CA ASP B 516 -72.31 20.13 4.46
C ASP B 516 -71.06 19.74 5.25
N GLY B 517 -70.48 20.68 5.98
CA GLY B 517 -69.30 20.49 6.84
C GLY B 517 -69.47 19.42 7.91
N ASP B 518 -70.67 19.22 8.44
CA ASP B 518 -70.87 18.22 9.53
C ASP B 518 -70.78 16.82 8.95
N ARG B 519 -71.07 16.66 7.66
CA ARG B 519 -71.07 15.34 6.99
C ARG B 519 -69.67 15.02 6.44
N LEU B 520 -68.89 16.05 6.10
CA LEU B 520 -67.60 15.94 5.35
C LEU B 520 -66.44 15.91 6.33
N VAL B 521 -66.43 16.81 7.31
CA VAL B 521 -65.35 16.95 8.33
C VAL B 521 -65.84 16.35 9.65
N LEU B 522 -65.10 15.41 10.25
CA LEU B 522 -65.49 14.68 11.47
C LEU B 522 -65.57 15.61 12.69
N GLY C 6 21.73 7.08 -29.17
CA GLY C 6 22.29 5.69 -29.23
C GLY C 6 23.82 5.65 -29.13
N GLU C 7 24.45 6.60 -28.42
CA GLU C 7 25.93 6.65 -28.31
C GLU C 7 26.40 5.69 -27.23
N PRO C 8 27.67 5.21 -27.31
CA PRO C 8 28.22 4.32 -26.29
C PRO C 8 28.10 4.89 -24.87
N VAL C 9 27.65 4.06 -23.94
CA VAL C 9 27.53 4.41 -22.50
C VAL C 9 28.13 3.25 -21.67
N TYR C 10 28.88 3.59 -20.63
CA TYR C 10 29.80 2.65 -19.92
C TYR C 10 29.42 2.49 -18.45
N ALA C 11 28.53 3.35 -17.92
CA ALA C 11 27.91 3.23 -16.57
C ALA C 11 26.58 3.98 -16.56
N ASP C 12 25.62 3.53 -15.77
CA ASP C 12 24.56 4.41 -15.19
C ASP C 12 23.47 4.75 -16.22
N ALA C 13 23.40 4.10 -17.39
CA ALA C 13 22.38 4.41 -18.41
C ALA C 13 20.98 4.25 -17.82
N VAL C 14 20.71 3.10 -17.19
CA VAL C 14 19.37 2.79 -16.66
C VAL C 14 19.11 3.68 -15.45
N LEU C 15 20.09 3.83 -14.56
CA LEU C 15 19.98 4.69 -13.36
C LEU C 15 19.66 6.13 -13.80
N ASN C 16 20.40 6.69 -14.76
CA ASN C 16 20.20 8.08 -15.23
C ASN C 16 18.83 8.19 -15.93
N GLY C 17 18.49 7.29 -16.86
CA GLY C 17 17.15 7.25 -17.49
C GLY C 17 16.05 7.32 -16.43
N TRP C 18 16.14 6.45 -15.43
CA TRP C 18 15.11 6.42 -14.37
C TRP C 18 15.13 7.73 -13.56
N LEU C 19 16.27 8.24 -13.13
CA LEU C 19 16.31 9.52 -12.36
C LEU C 19 15.67 10.65 -13.20
N THR C 20 15.98 10.74 -14.50
CA THR C 20 15.42 11.79 -15.40
C THR C 20 13.89 11.73 -15.39
N SER C 21 13.31 10.54 -15.51
CA SER C 21 11.85 10.40 -15.59
C SER C 21 11.20 10.77 -14.26
N MET C 22 11.91 10.66 -13.13
CA MET C 22 11.37 11.04 -11.80
C MET C 22 11.48 12.56 -11.56
N GLY C 23 12.20 13.28 -12.42
CA GLY C 23 12.50 14.71 -12.24
C GLY C 23 13.73 14.96 -11.37
N LEU C 24 14.64 13.99 -11.27
CA LEU C 24 15.84 14.03 -10.38
C LEU C 24 17.14 13.95 -11.20
N GLY C 25 17.03 14.08 -12.52
CA GLY C 25 18.17 14.14 -13.46
C GLY C 25 18.90 15.48 -13.37
N VAL C 26 19.73 15.69 -12.34
CA VAL C 26 20.57 16.90 -12.18
C VAL C 26 22.00 16.48 -11.80
N GLU C 27 23.01 17.26 -12.20
CA GLU C 27 24.44 17.05 -11.79
C GLU C 27 24.81 18.14 -10.79
N TYR C 28 25.08 17.76 -9.54
CA TYR C 28 25.57 18.70 -8.51
C TYR C 28 27.08 18.87 -8.74
N VAL C 29 27.55 20.11 -8.92
CA VAL C 29 28.96 20.39 -9.31
C VAL C 29 29.74 20.85 -8.08
N ARG C 30 29.07 21.30 -7.03
CA ARG C 30 29.76 21.84 -5.83
C ARG C 30 28.82 21.71 -4.64
N ALA C 31 29.38 21.61 -3.45
CA ALA C 31 28.60 21.41 -2.22
C ALA C 31 29.30 22.11 -1.06
N GLU C 32 28.52 22.77 -0.22
CA GLU C 32 29.06 23.52 0.94
C GLU C 32 27.97 23.52 2.00
N GLY C 33 28.28 23.05 3.19
CA GLY C 33 27.29 23.01 4.29
C GLY C 33 26.03 22.29 3.85
N ASN C 34 24.87 22.95 3.87
CA ASN C 34 23.57 22.30 3.62
C ASN C 34 23.16 22.52 2.16
N THR C 35 24.06 23.05 1.34
CA THR C 35 23.74 23.40 -0.07
C THR C 35 24.58 22.57 -1.04
N VAL C 36 23.89 22.00 -2.03
CA VAL C 36 24.50 21.49 -3.28
C VAL C 36 24.11 22.44 -4.41
N TYR C 37 24.98 22.62 -5.41
CA TYR C 37 24.79 23.53 -6.56
C TYR C 37 24.79 22.71 -7.85
N TYR C 38 23.83 22.97 -8.73
CA TYR C 38 23.85 22.52 -10.14
C TYR C 38 24.02 23.75 -11.04
N LEU C 39 24.30 23.54 -12.31
CA LEU C 39 24.47 24.64 -13.31
C LEU C 39 23.19 24.76 -14.13
N ASP C 40 22.61 25.98 -14.24
CA ASP C 40 21.48 26.29 -15.18
C ASP C 40 22.01 26.31 -16.63
N ASP C 41 21.12 26.53 -17.60
CA ASP C 41 21.41 26.55 -19.05
C ASP C 41 22.58 27.50 -19.37
N GLU C 42 22.70 28.63 -18.65
CA GLU C 42 23.69 29.70 -18.94
C GLU C 42 24.93 29.53 -18.06
N GLY C 43 25.07 28.40 -17.35
CA GLY C 43 26.30 28.02 -16.61
C GLY C 43 26.42 28.66 -15.23
N ARG C 44 25.36 29.25 -14.69
CA ARG C 44 25.31 29.82 -13.31
C ARG C 44 24.99 28.72 -12.27
N GLU C 45 25.57 28.84 -11.09
CA GLU C 45 25.32 27.96 -9.93
C GLU C 45 23.93 28.27 -9.34
N VAL C 46 23.09 27.25 -9.22
CA VAL C 46 21.78 27.31 -8.54
C VAL C 46 21.89 26.60 -7.18
N PRO C 47 21.70 27.31 -6.05
CA PRO C 47 21.73 26.65 -4.75
C PRO C 47 20.51 25.74 -4.52
N VAL C 48 20.73 24.52 -4.08
CA VAL C 48 19.67 23.56 -3.64
C VAL C 48 19.92 23.17 -2.19
N LEU C 49 18.88 23.20 -1.35
CA LEU C 49 18.94 22.77 0.07
C LEU C 49 18.89 21.24 0.13
N ASP C 50 19.92 20.61 0.73
CA ASP C 50 20.09 19.14 0.77
C ASP C 50 19.55 18.62 2.11
N HIS C 51 18.41 17.91 2.07
CA HIS C 51 17.80 17.21 3.23
C HIS C 51 18.19 15.73 3.22
N ALA C 52 18.88 15.24 2.19
CA ALA C 52 19.32 13.83 2.06
C ALA C 52 20.69 13.67 2.74
N CYS C 53 21.65 14.52 2.37
CA CYS C 53 22.98 14.64 3.02
C CYS C 53 23.65 13.27 3.16
N GLY C 54 23.78 12.58 2.05
CA GLY C 54 24.49 11.28 2.00
C GLY C 54 23.78 10.25 2.87
N PHE C 55 22.45 10.30 2.89
CA PHE C 55 21.57 9.43 3.71
C PHE C 55 22.00 9.54 5.16
N GLY C 56 22.31 10.76 5.61
CA GLY C 56 22.68 11.02 7.02
C GLY C 56 24.16 10.83 7.29
N SER C 57 25.03 10.90 6.27
CA SER C 57 26.50 10.96 6.44
C SER C 57 26.96 12.36 6.91
N LEU C 58 26.19 13.43 6.69
CA LEU C 58 26.74 14.81 6.79
C LEU C 58 26.16 15.57 7.98
N ILE C 59 26.35 15.05 9.17
CA ILE C 59 25.92 15.74 10.41
C ILE C 59 26.55 17.15 10.46
N PHE C 60 27.77 17.33 9.92
CA PHE C 60 28.50 18.62 9.91
C PHE C 60 28.40 19.30 8.54
N GLY C 61 27.52 18.80 7.66
CA GLY C 61 27.32 19.35 6.31
C GLY C 61 28.34 18.85 5.31
N HIS C 62 28.19 19.25 4.05
CA HIS C 62 29.14 18.94 2.96
C HIS C 62 30.42 19.75 3.18
N ASN C 63 31.59 19.11 3.09
CA ASN C 63 32.87 19.83 2.95
C ASN C 63 33.04 20.85 4.08
N HIS C 64 32.85 20.43 5.34
CA HIS C 64 33.03 21.30 6.53
C HIS C 64 34.47 21.77 6.54
N PRO C 65 34.71 23.10 6.62
CA PRO C 65 36.05 23.67 6.47
C PRO C 65 37.08 23.03 7.41
N GLU C 66 36.63 22.72 8.62
CA GLU C 66 37.48 22.12 9.67
C GLU C 66 37.86 20.67 9.26
N ILE C 67 36.97 19.93 8.61
CA ILE C 67 37.26 18.54 8.16
C ILE C 67 38.16 18.66 6.93
N ILE C 68 37.88 19.59 6.03
CA ILE C 68 38.70 19.78 4.79
C ILE C 68 40.14 20.14 5.17
N ALA C 69 40.29 21.11 6.08
CA ALA C 69 41.61 21.59 6.56
C ALA C 69 42.39 20.44 7.19
N HIS C 70 41.76 19.68 8.09
CA HIS C 70 42.39 18.52 8.76
C HIS C 70 42.82 17.50 7.71
N ALA C 71 41.98 17.17 6.74
CA ALA C 71 42.32 16.16 5.71
C ALA C 71 43.55 16.67 4.95
N LYS C 72 43.57 17.93 4.55
CA LYS C 72 44.71 18.47 3.78
C LYS C 72 45.98 18.45 4.65
N ALA C 73 45.90 18.78 5.93
CA ALA C 73 47.06 18.69 6.85
C ALA C 73 47.57 17.24 6.93
N ALA C 74 46.67 16.26 7.10
CA ALA C 74 47.07 14.84 7.18
C ALA C 74 47.78 14.42 5.87
N LEU C 75 47.28 14.84 4.72
CA LEU C 75 47.89 14.49 3.40
C LEU C 75 49.29 15.11 3.28
N ASP C 76 49.43 16.37 3.72
CA ASP C 76 50.70 17.10 3.65
C ASP C 76 51.69 16.59 4.70
N ALA C 77 51.24 16.00 5.81
CA ALA C 77 52.14 15.43 6.85
C ALA C 77 52.72 14.09 6.40
N GLY C 78 52.33 13.52 5.26
CA GLY C 78 52.87 12.23 4.81
C GLY C 78 52.32 11.13 5.72
N THR C 79 51.07 11.25 6.12
CA THR C 79 50.38 10.19 6.88
C THR C 79 50.65 8.83 6.22
N VAL C 80 50.90 7.81 7.02
CA VAL C 80 51.06 6.41 6.52
C VAL C 80 49.66 5.82 6.36
N VAL C 81 49.18 5.81 5.12
CA VAL C 81 47.82 5.33 4.77
C VAL C 81 47.86 3.80 4.78
N HIS C 82 48.90 3.24 4.15
CA HIS C 82 49.17 1.79 4.01
C HIS C 82 50.33 1.35 4.92
N ALA C 83 49.98 0.85 6.09
CA ALA C 83 50.90 0.40 7.15
C ALA C 83 50.46 -0.98 7.65
N GLN C 84 49.98 -1.83 6.74
CA GLN C 84 49.36 -3.13 7.12
C GLN C 84 50.41 -3.95 7.90
N LEU C 85 49.97 -4.66 8.93
CA LEU C 85 50.82 -5.50 9.81
C LEU C 85 51.98 -4.67 10.39
N SER C 86 51.64 -3.51 10.95
CA SER C 86 52.54 -2.69 11.79
C SER C 86 51.70 -2.09 12.92
N ARG C 87 52.32 -1.47 13.93
CA ARG C 87 51.58 -0.83 15.05
C ARG C 87 50.88 0.42 14.52
N GLN C 88 49.56 0.47 14.68
CA GLN C 88 48.72 1.63 14.32
C GLN C 88 47.93 2.04 15.57
N PRO C 89 48.55 2.80 16.48
CA PRO C 89 47.92 3.20 17.74
C PRO C 89 46.62 4.02 17.63
N ARG C 90 46.40 4.67 16.49
CA ARG C 90 45.20 5.52 16.30
C ARG C 90 43.95 4.66 16.38
N ALA C 91 44.02 3.40 15.98
CA ALA C 91 42.88 2.46 16.03
C ALA C 91 42.47 2.29 17.50
N ASN C 92 43.43 2.00 18.38
CA ASN C 92 43.20 1.89 19.84
C ASN C 92 42.71 3.24 20.39
N GLN C 93 43.25 4.34 19.89
CA GLN C 93 42.91 5.70 20.37
C GLN C 93 41.44 6.01 20.03
N ILE C 94 41.00 5.69 18.82
CA ILE C 94 39.58 5.84 18.37
C ILE C 94 38.70 4.98 19.26
N SER C 95 39.04 3.70 19.47
CA SER C 95 38.18 2.76 20.23
C SER C 95 38.09 3.26 21.69
N ARG C 96 39.18 3.75 22.24
CA ARG C 96 39.18 4.33 23.61
C ARG C 96 38.13 5.45 23.72
N ILE C 97 38.13 6.40 22.81
CA ILE C 97 37.14 7.52 22.80
C ILE C 97 35.73 6.93 22.70
N LEU C 98 35.47 6.01 21.77
CA LEU C 98 34.09 5.48 21.59
C LEU C 98 33.65 4.80 22.89
N ASN C 99 34.55 4.04 23.51
CA ASN C 99 34.38 3.37 24.82
C ASN C 99 34.02 4.40 25.91
N ASP C 100 34.76 5.51 26.01
CA ASP C 100 34.51 6.56 27.04
C ASP C 100 33.13 7.18 26.80
N ILE C 101 32.78 7.47 25.54
CA ILE C 101 31.45 8.06 25.17
C ILE C 101 30.35 7.06 25.53
N MET C 102 30.50 5.79 25.17
CA MET C 102 29.49 4.75 25.45
C MET C 102 29.26 4.69 26.97
N ARG C 103 30.33 4.69 27.78
CA ARG C 103 30.24 4.65 29.26
C ARG C 103 29.46 5.85 29.77
N ARG C 104 29.81 7.05 29.32
CA ARG C 104 29.13 8.30 29.74
C ARG C 104 27.64 8.22 29.41
N GLU C 105 27.27 7.74 28.22
CA GLU C 105 25.86 7.86 27.75
C GLU C 105 25.02 6.73 28.33
N THR C 106 25.60 5.59 28.69
CA THR C 106 24.81 4.44 29.20
C THR C 106 24.96 4.28 30.73
N GLY C 107 25.96 4.92 31.32
CA GLY C 107 26.37 4.69 32.71
C GLY C 107 26.90 3.29 32.95
N ARG C 108 27.02 2.42 31.93
CA ARG C 108 27.60 1.07 32.07
C ARG C 108 29.12 1.14 31.86
N ASP C 109 29.86 0.32 32.59
CA ASP C 109 31.33 0.29 32.59
C ASP C 109 31.75 -0.96 31.81
N ASP C 110 31.17 -1.13 30.62
CA ASP C 110 31.49 -2.20 29.65
C ASP C 110 32.61 -1.72 28.73
N ARG C 111 33.47 -2.65 28.33
CA ARG C 111 34.60 -2.37 27.44
C ARG C 111 34.37 -3.08 26.10
N TYR C 112 34.77 -2.43 25.01
CA TYR C 112 34.51 -2.89 23.63
C TYR C 112 35.83 -2.89 22.87
N ASN C 113 36.09 -3.99 22.17
CA ASN C 113 37.14 -4.08 21.13
C ASN C 113 36.58 -3.50 19.83
N ALA C 114 37.46 -2.87 19.06
CA ALA C 114 37.15 -2.24 17.77
C ALA C 114 37.81 -3.05 16.65
N ILE C 115 37.04 -3.37 15.63
CA ILE C 115 37.54 -3.81 14.30
C ILE C 115 37.05 -2.82 13.26
N PHE C 116 37.94 -2.29 12.42
CA PHE C 116 37.62 -1.28 11.39
C PHE C 116 37.35 -1.91 10.04
N ALA C 117 36.52 -1.24 9.25
CA ALA C 117 36.26 -1.64 7.86
C ALA C 117 35.99 -0.39 7.02
N ASN C 118 35.38 -0.58 5.85
CA ASN C 118 35.38 0.39 4.73
C ASN C 118 33.97 0.88 4.45
N SER C 119 32.96 0.22 5.00
CA SER C 119 31.53 0.55 4.77
C SER C 119 30.69 0.01 5.94
N GLY C 120 29.45 0.51 6.04
CA GLY C 120 28.45 0.03 7.00
C GLY C 120 28.19 -1.45 6.82
N ALA C 121 28.06 -1.91 5.58
CA ALA C 121 27.80 -3.34 5.33
C ALA C 121 28.99 -4.16 5.86
N GLU C 122 30.22 -3.77 5.56
CA GLU C 122 31.43 -4.51 5.98
C GLU C 122 31.46 -4.57 7.51
N ALA C 123 31.07 -3.52 8.22
CA ALA C 123 31.07 -3.51 9.70
C ALA C 123 29.99 -4.48 10.22
N ASN C 124 28.80 -4.46 9.61
CA ASN C 124 27.72 -5.42 9.94
C ASN C 124 28.22 -6.82 9.65
N GLU C 125 29.03 -7.03 8.61
CA GLU C 125 29.50 -8.40 8.23
C GLU C 125 30.61 -8.90 9.16
N ILE C 126 31.43 -8.00 9.70
CA ILE C 126 32.35 -8.32 10.80
C ILE C 126 31.55 -8.88 12.00
N CYS C 127 30.43 -8.25 12.33
CA CYS C 127 29.55 -8.70 13.45
C CYS C 127 28.91 -10.06 13.10
N MET C 128 28.50 -10.27 11.84
CA MET C 128 27.92 -11.56 11.41
C MET C 128 28.98 -12.66 11.59
N LYS C 129 30.22 -12.39 11.17
CA LYS C 129 31.37 -13.33 11.25
C LYS C 129 31.70 -13.60 12.73
N HIS C 130 31.85 -12.57 13.55
CA HIS C 130 32.20 -12.77 14.99
C HIS C 130 31.05 -13.54 15.67
N ALA C 131 29.79 -13.25 15.33
CA ALA C 131 28.61 -13.94 15.92
C ALA C 131 28.68 -15.44 15.58
N GLU C 132 29.14 -15.75 14.36
CA GLU C 132 29.28 -17.14 13.90
C GLU C 132 30.49 -17.78 14.60
N LEU C 133 31.54 -17.05 14.98
CA LEU C 133 32.64 -17.62 15.81
C LEU C 133 32.07 -18.02 17.17
N GLU C 134 31.24 -17.15 17.77
CA GLU C 134 30.59 -17.41 19.09
C GLU C 134 29.73 -18.68 19.00
N ARG C 135 28.95 -18.83 17.91
CA ARG C 135 28.03 -19.97 17.70
C ARG C 135 28.86 -21.25 17.50
N GLN C 136 30.00 -21.19 16.79
CA GLN C 136 30.86 -22.37 16.59
C GLN C 136 31.51 -22.78 17.93
N GLU C 137 31.85 -21.82 18.80
CA GLU C 137 32.31 -22.13 20.18
C GLU C 137 31.17 -22.87 20.93
N ARG C 138 29.91 -22.40 20.86
CA ARG C 138 28.78 -23.01 21.61
C ARG C 138 28.56 -24.41 21.05
N ILE C 139 28.65 -24.58 19.74
CA ILE C 139 28.48 -25.89 19.04
C ILE C 139 29.58 -26.87 19.50
N THR C 140 30.85 -26.45 19.55
CA THR C 140 31.98 -27.32 19.99
C THR C 140 31.72 -27.83 21.41
N ALA C 141 31.35 -26.94 22.32
CA ALA C 141 31.00 -27.26 23.73
C ALA C 141 29.86 -28.29 23.77
N LEU C 142 28.77 -28.04 23.04
CA LEU C 142 27.56 -28.89 23.02
C LEU C 142 27.92 -30.29 22.49
N PHE C 143 28.67 -30.37 21.41
CA PHE C 143 29.07 -31.64 20.75
C PHE C 143 30.06 -32.39 21.66
N ALA C 144 30.95 -31.70 22.39
CA ALA C 144 31.87 -32.33 23.38
C ALA C 144 31.05 -32.98 24.51
N GLU C 145 30.02 -32.30 25.00
CA GLU C 145 29.14 -32.84 26.06
C GLU C 145 28.40 -34.09 25.57
N ILE C 146 27.92 -34.03 24.32
CA ILE C 146 27.11 -35.12 23.70
C ILE C 146 28.02 -36.37 23.58
N ASP C 147 29.27 -36.21 23.16
CA ASP C 147 30.28 -37.30 23.07
C ASP C 147 30.39 -37.99 24.44
N ALA C 148 30.64 -37.22 25.50
CA ALA C 148 30.71 -37.71 26.91
C ALA C 148 29.41 -38.42 27.33
N GLU C 149 28.23 -37.85 27.05
CA GLU C 149 26.90 -38.47 27.33
C GLU C 149 26.76 -39.79 26.56
N LEU C 150 27.27 -39.88 25.33
CA LEU C 150 27.18 -41.11 24.49
C LEU C 150 28.12 -42.18 25.07
N ASP C 151 29.35 -41.80 25.45
CA ASP C 151 30.34 -42.69 26.11
C ASP C 151 29.75 -43.30 27.40
N THR C 152 29.16 -42.46 28.27
CA THR C 152 28.52 -42.87 29.55
C THR C 152 27.32 -43.79 29.28
N ALA C 153 26.50 -43.49 28.27
CA ALA C 153 25.34 -44.32 27.88
C ALA C 153 25.83 -45.67 27.33
N ARG C 154 26.95 -45.68 26.59
CA ARG C 154 27.55 -46.91 25.99
C ARG C 154 28.15 -47.80 27.08
N GLU C 155 28.91 -47.20 28.02
CA GLU C 155 29.45 -47.85 29.24
C GLU C 155 28.33 -48.62 29.94
N ALA C 156 27.14 -48.00 30.08
CA ALA C 156 26.01 -48.52 30.89
C ALA C 156 25.27 -49.62 30.14
N LEU C 157 25.23 -49.57 28.81
CA LEU C 157 24.45 -50.52 27.97
C LEU C 157 25.31 -51.78 27.73
N THR C 158 26.62 -51.64 27.49
CA THR C 158 27.55 -52.76 27.20
C THR C 158 28.04 -53.42 28.50
N THR C 159 27.76 -52.82 29.66
CA THR C 159 28.01 -53.40 31.03
C THR C 159 26.72 -53.31 31.84
N GLY C 160 25.81 -54.28 31.67
CA GLY C 160 24.63 -54.52 32.53
C GLY C 160 23.83 -53.26 32.85
N THR C 161 24.39 -52.37 33.69
CA THR C 161 23.72 -51.23 34.38
C THR C 161 22.32 -51.00 33.79
N ALA C 162 22.24 -50.54 32.54
CA ALA C 162 21.01 -49.91 31.98
C ALA C 162 20.55 -50.61 30.72
N THR C 163 19.25 -50.47 30.45
CA THR C 163 18.53 -51.00 29.28
C THR C 163 18.10 -49.82 28.39
N LEU C 164 18.38 -49.89 27.09
CA LEU C 164 17.95 -48.87 26.10
C LEU C 164 16.43 -48.94 25.94
N ASP C 165 15.69 -47.90 26.36
CA ASP C 165 14.22 -47.78 26.15
C ASP C 165 13.94 -47.57 24.66
N THR C 166 13.11 -48.44 24.07
CA THR C 166 12.79 -48.47 22.61
C THR C 166 11.59 -47.54 22.28
N ALA C 167 10.92 -46.94 23.28
CA ALA C 167 9.88 -45.91 23.11
C ALA C 167 10.47 -44.65 22.43
N SER C 168 11.78 -44.40 22.62
CA SER C 168 12.51 -43.18 22.18
C SER C 168 13.14 -43.37 20.78
N LEU C 169 13.19 -44.59 20.25
CA LEU C 169 13.86 -44.92 18.95
C LEU C 169 13.19 -44.24 17.75
N PRO C 170 11.89 -43.85 17.77
CA PRO C 170 11.33 -43.02 16.69
C PRO C 170 12.15 -41.77 16.35
N LEU C 171 13.06 -41.34 17.23
CA LEU C 171 13.96 -40.20 16.95
C LEU C 171 15.13 -40.64 16.03
N VAL C 172 15.29 -41.94 15.72
CA VAL C 172 16.39 -42.46 14.83
C VAL C 172 15.89 -43.58 13.92
N ASP C 178 19.61 -51.14 18.83
CA ASP C 178 20.98 -51.65 18.60
C ASP C 178 22.01 -50.55 18.94
N VAL C 179 22.72 -50.72 20.06
CA VAL C 179 23.67 -49.74 20.67
C VAL C 179 24.44 -48.98 19.57
N ASP C 180 25.29 -49.69 18.84
CA ASP C 180 26.34 -49.09 17.96
C ASP C 180 25.69 -48.38 16.76
N GLY C 181 24.56 -48.91 16.26
CA GLY C 181 23.83 -48.36 15.10
C GLY C 181 23.03 -47.12 15.46
N VAL C 182 22.45 -47.09 16.67
CA VAL C 182 21.73 -45.90 17.22
C VAL C 182 22.73 -44.74 17.35
N ILE C 183 23.96 -44.99 17.78
CA ILE C 183 25.01 -43.95 17.96
C ILE C 183 25.50 -43.42 16.59
N ALA C 184 25.64 -44.30 15.59
CA ALA C 184 25.96 -43.91 14.20
C ALA C 184 24.86 -42.99 13.65
N ASP C 185 23.58 -43.33 13.90
CA ASP C 185 22.39 -42.57 13.39
C ASP C 185 22.31 -41.20 14.06
N ILE C 186 22.68 -41.12 15.34
CA ILE C 186 22.75 -39.87 16.14
C ILE C 186 23.86 -38.96 15.57
N HIS C 187 25.06 -39.51 15.37
CA HIS C 187 26.23 -38.78 14.79
C HIS C 187 25.89 -38.26 13.40
N ARG C 188 25.17 -39.05 12.59
CA ARG C 188 24.77 -38.64 11.21
C ARG C 188 23.79 -37.48 11.33
N HIS C 189 22.74 -37.63 12.13
CA HIS C 189 21.72 -36.59 12.42
C HIS C 189 22.41 -35.29 12.88
N ASN C 190 23.30 -35.39 13.85
CA ASN C 190 23.96 -34.23 14.49
C ASN C 190 24.84 -33.51 13.45
N ASP C 191 25.59 -34.25 12.63
CA ASP C 191 26.53 -33.69 11.62
C ASP C 191 25.74 -32.94 10.55
N GLU C 192 24.59 -33.47 10.14
CA GLU C 192 23.70 -32.79 9.15
C GLU C 192 23.29 -31.45 9.78
N ARG C 193 22.74 -31.48 10.99
CA ARG C 193 22.31 -30.27 11.73
C ARG C 193 23.45 -29.24 11.79
N ARG C 194 24.68 -29.69 12.04
CA ARG C 194 25.83 -28.81 12.33
C ARG C 194 26.22 -28.03 11.07
N ALA C 195 26.08 -28.63 9.89
CA ALA C 195 26.48 -28.03 8.60
C ALA C 195 25.36 -27.12 8.06
N GLU C 196 24.14 -27.16 8.61
CA GLU C 196 23.01 -26.32 8.12
C GLU C 196 23.34 -24.85 8.38
N ARG C 197 22.87 -23.96 7.53
CA ARG C 197 23.16 -22.51 7.66
C ARG C 197 22.47 -22.01 8.94
N PRO C 198 23.04 -21.02 9.67
CA PRO C 198 22.34 -20.40 10.78
C PRO C 198 21.25 -19.44 10.29
N LEU C 199 20.52 -18.87 11.24
CA LEU C 199 19.52 -17.81 11.03
C LEU C 199 20.03 -16.51 11.64
N PHE C 200 19.64 -15.37 11.07
CA PHE C 200 19.75 -14.05 11.72
C PHE C 200 18.35 -13.59 12.04
N LEU C 201 18.17 -12.90 13.15
CA LEU C 201 16.88 -12.24 13.43
C LEU C 201 17.06 -10.73 13.16
N THR C 202 16.10 -10.14 12.46
CA THR C 202 16.02 -8.69 12.14
C THR C 202 14.57 -8.25 12.37
N LEU C 203 14.32 -6.96 12.30
CA LEU C 203 12.95 -6.39 12.32
C LEU C 203 12.41 -6.29 10.90
N ASP C 204 11.08 -6.28 10.75
CA ASP C 204 10.45 -5.94 9.45
C ASP C 204 10.96 -4.55 9.01
N GLY C 205 11.25 -4.35 7.73
CA GLY C 205 11.71 -3.05 7.21
C GLY C 205 13.19 -2.81 7.44
N SER C 206 13.91 -3.82 7.96
CA SER C 206 15.34 -3.70 8.38
C SER C 206 16.18 -3.36 7.15
N PHE C 207 17.18 -2.51 7.34
CA PHE C 207 18.23 -2.22 6.33
C PHE C 207 19.60 -2.30 7.01
N HIS C 208 20.42 -3.28 6.60
CA HIS C 208 21.73 -3.59 7.20
C HIS C 208 22.83 -3.67 6.13
N GLY C 209 22.54 -3.26 4.89
CA GLY C 209 23.49 -3.30 3.77
C GLY C 209 23.10 -4.28 2.68
N LYS C 210 23.95 -4.38 1.65
CA LYS C 210 23.55 -5.00 0.36
C LYS C 210 24.68 -5.88 -0.20
N LEU C 211 25.62 -6.35 0.62
CA LEU C 211 26.62 -7.35 0.15
C LEU C 211 26.02 -8.74 0.29
N VAL C 212 26.78 -9.79 -0.02
CA VAL C 212 26.22 -11.17 -0.13
C VAL C 212 25.59 -11.59 1.21
N GLY C 213 26.29 -11.36 2.32
CA GLY C 213 25.80 -11.66 3.68
C GLY C 213 24.72 -10.68 4.12
N SER C 214 25.02 -9.39 4.10
CA SER C 214 24.17 -8.33 4.69
C SER C 214 22.85 -8.20 3.93
N ILE C 215 22.83 -8.47 2.60
CA ILE C 215 21.57 -8.29 1.81
C ILE C 215 20.48 -9.19 2.39
N GLN C 216 20.83 -10.36 2.89
CA GLN C 216 19.80 -11.29 3.45
C GLN C 216 19.16 -10.64 4.68
N LEU C 217 19.79 -9.63 5.28
CA LEU C 217 19.32 -8.97 6.54
C LEU C 217 18.50 -7.72 6.18
N THR C 218 18.32 -7.47 4.87
CA THR C 218 17.61 -6.28 4.34
C THR C 218 16.25 -6.74 3.80
N GLN C 219 15.17 -6.20 4.36
CA GLN C 219 13.78 -6.62 4.02
C GLN C 219 13.49 -6.37 2.54
N ASN C 220 13.72 -5.14 2.05
CA ASN C 220 13.29 -4.63 0.70
C ASN C 220 13.37 -5.79 -0.32
N GLU C 221 12.21 -6.28 -0.78
CA GLU C 221 12.09 -7.61 -1.45
C GLU C 221 12.80 -7.63 -2.80
N PRO C 222 12.66 -6.60 -3.67
CA PRO C 222 13.37 -6.60 -4.94
C PRO C 222 14.91 -6.51 -4.79
N TRP C 223 15.41 -5.95 -3.67
CA TRP C 223 16.87 -5.84 -3.41
C TRP C 223 17.43 -7.19 -2.97
N ARG C 224 16.63 -7.99 -2.26
CA ARG C 224 17.08 -9.20 -1.52
C ARG C 224 16.71 -10.48 -2.28
N THR C 225 15.46 -10.66 -2.69
CA THR C 225 14.92 -12.01 -3.04
C THR C 225 15.71 -12.62 -4.21
N PRO C 226 16.31 -11.85 -5.16
CA PRO C 226 17.11 -12.48 -6.22
C PRO C 226 18.34 -13.26 -5.70
N PHE C 227 18.78 -12.95 -4.49
CA PHE C 227 20.07 -13.38 -3.88
C PHE C 227 19.88 -14.40 -2.76
N THR C 228 18.63 -14.82 -2.52
CA THR C 228 18.18 -15.72 -1.40
C THR C 228 19.09 -16.93 -1.25
N ALA C 229 19.46 -17.57 -2.35
CA ALA C 229 20.16 -18.88 -2.38
C ALA C 229 21.63 -18.73 -1.93
N LEU C 230 22.19 -17.52 -1.94
CA LEU C 230 23.65 -17.30 -1.76
C LEU C 230 24.08 -17.48 -0.30
N SER C 231 23.27 -17.06 0.65
CA SER C 231 23.71 -16.78 2.04
C SER C 231 22.59 -17.04 3.05
N SER C 232 22.97 -17.17 4.32
CA SER C 232 22.05 -17.42 5.47
C SER C 232 20.93 -16.40 5.48
N PRO C 233 19.69 -16.85 5.66
CA PRO C 233 18.55 -15.95 5.70
C PRO C 233 18.39 -15.35 7.09
N ALA C 234 17.56 -14.31 7.12
CA ALA C 234 17.03 -13.64 8.32
C ALA C 234 15.56 -14.02 8.46
N ARG C 235 15.04 -14.04 9.68
CA ARG C 235 13.59 -13.97 9.93
C ARG C 235 13.30 -12.55 10.38
N PHE C 236 12.38 -11.90 9.67
CA PHE C 236 11.98 -10.50 9.85
C PHE C 236 10.85 -10.47 10.86
N LEU C 237 11.14 -10.02 12.07
CA LEU C 237 10.20 -10.06 13.21
C LEU C 237 9.29 -8.85 13.11
N PRO C 238 7.98 -8.98 13.42
CA PRO C 238 7.05 -7.86 13.32
C PRO C 238 7.22 -6.89 14.49
N ALA C 239 7.83 -5.72 14.23
CA ALA C 239 8.22 -4.71 15.24
C ALA C 239 7.00 -4.23 16.03
N ASP C 240 5.86 -4.09 15.32
CA ASP C 240 4.64 -3.40 15.83
C ASP C 240 3.83 -4.35 16.73
N GLU C 241 4.13 -5.67 16.71
CA GLU C 241 3.36 -6.72 17.42
C GLU C 241 4.31 -7.68 18.14
N PRO C 242 5.10 -7.18 19.14
CA PRO C 242 6.04 -8.03 19.87
C PRO C 242 5.46 -9.34 20.43
N GLU C 243 4.15 -9.37 20.68
CA GLU C 243 3.43 -10.57 21.18
C GLU C 243 3.72 -11.76 20.26
N LEU C 244 3.88 -11.56 18.94
CA LEU C 244 3.95 -12.61 17.89
C LEU C 244 5.39 -13.12 17.65
N ILE C 245 6.40 -12.37 18.14
CA ILE C 245 7.86 -12.68 17.94
C ILE C 245 8.22 -14.00 18.62
N GLY C 246 7.80 -14.17 19.88
CA GLY C 246 7.97 -15.40 20.68
C GLY C 246 7.70 -16.64 19.86
N LYS C 247 6.54 -16.71 19.20
CA LYS C 247 6.07 -17.89 18.44
C LYS C 247 6.94 -18.06 17.19
N ILE C 248 7.27 -16.97 16.50
CA ILE C 248 8.07 -17.08 15.25
C ILE C 248 9.45 -17.68 15.58
N VAL C 249 10.04 -17.28 16.70
CA VAL C 249 11.42 -17.73 17.09
C VAL C 249 11.31 -19.18 17.57
N GLU C 250 10.25 -19.50 18.31
CA GLU C 250 10.00 -20.87 18.84
C GLU C 250 9.87 -21.86 17.66
N ASP C 251 9.22 -21.49 16.56
CA ASP C 251 9.15 -22.35 15.34
C ASP C 251 10.54 -22.67 14.78
N GLU C 252 11.54 -21.80 14.99
CA GLU C 252 12.91 -21.96 14.40
C GLU C 252 13.81 -22.83 15.29
N ARG C 253 13.36 -23.21 16.48
CA ARG C 253 14.04 -24.18 17.35
C ARG C 253 14.48 -25.40 16.52
N ARG C 254 15.69 -25.90 16.72
CA ARG C 254 16.16 -27.19 16.11
C ARG C 254 16.93 -27.97 17.17
N SER C 255 16.89 -29.29 17.05
CA SER C 255 17.45 -30.26 18.02
C SER C 255 18.62 -31.01 17.42
N VAL C 256 19.60 -31.31 18.27
CA VAL C 256 20.54 -32.43 18.06
C VAL C 256 20.10 -33.58 18.99
N LEU C 257 20.59 -34.78 18.76
CA LEU C 257 20.22 -35.96 19.59
C LEU C 257 21.39 -36.32 20.49
N THR C 258 21.06 -36.92 21.63
CA THR C 258 22.04 -37.60 22.53
C THR C 258 21.35 -38.79 23.21
N LEU C 259 22.14 -39.54 23.97
CA LEU C 259 21.65 -40.58 24.92
C LEU C 259 21.75 -40.05 26.36
N SER C 260 20.64 -40.01 27.07
CA SER C 260 20.52 -39.59 28.49
C SER C 260 20.40 -40.81 29.42
N LEU C 261 21.38 -41.02 30.31
CA LEU C 261 21.39 -42.12 31.31
C LEU C 261 20.64 -41.67 32.58
N ASP C 262 19.58 -42.39 32.96
CA ASP C 262 18.82 -42.20 34.23
C ASP C 262 19.09 -43.42 35.14
N LYS C 263 20.39 -43.72 35.35
CA LYS C 263 20.98 -44.94 36.00
C LYS C 263 20.33 -46.24 35.48
N ASP C 264 19.01 -46.35 35.54
CA ASP C 264 18.29 -47.59 35.18
C ASP C 264 18.06 -47.68 33.67
N THR C 265 17.48 -46.64 33.07
CA THR C 265 17.07 -46.56 31.64
C THR C 265 18.01 -45.60 30.86
N VAL C 266 18.30 -45.92 29.58
CA VAL C 266 18.96 -45.02 28.58
C VAL C 266 17.91 -44.66 27.53
N ARG C 267 17.75 -43.36 27.25
CA ARG C 267 16.76 -42.81 26.28
C ARG C 267 17.50 -41.97 25.24
N VAL C 268 17.09 -42.06 23.97
CA VAL C 268 17.41 -41.05 22.92
C VAL C 268 16.56 -39.81 23.25
N VAL C 269 17.21 -38.64 23.36
CA VAL C 269 16.51 -37.36 23.66
C VAL C 269 17.06 -36.26 22.77
N GLU C 270 16.19 -35.31 22.45
CA GLU C 270 16.50 -34.03 21.78
C GLU C 270 17.14 -33.08 22.80
N ARG C 271 18.19 -32.37 22.39
CA ARG C 271 18.75 -31.18 23.09
C ARG C 271 18.78 -30.01 22.12
N ASP C 272 18.73 -28.78 22.64
CA ASP C 272 18.63 -27.56 21.81
C ASP C 272 19.95 -27.36 21.04
N PHE C 273 19.85 -27.00 19.77
CA PHE C 273 20.99 -26.64 18.90
C PHE C 273 20.95 -25.13 18.71
N PRO C 274 22.11 -24.44 18.81
CA PRO C 274 22.16 -23.00 18.53
C PRO C 274 22.06 -22.72 17.01
N VAL C 275 20.89 -22.27 16.56
CA VAL C 275 20.56 -21.97 15.14
C VAL C 275 20.74 -20.47 14.89
N VAL C 276 20.38 -19.60 15.82
CA VAL C 276 20.43 -18.12 15.61
C VAL C 276 21.84 -17.59 15.90
N ALA C 277 22.53 -17.08 14.88
CA ALA C 277 23.87 -16.45 14.98
C ALA C 277 23.78 -15.11 15.70
N ALA C 278 22.81 -14.26 15.37
CA ALA C 278 22.72 -12.89 15.92
C ALA C 278 21.32 -12.32 15.67
N ILE C 279 20.94 -11.38 16.54
CA ILE C 279 19.80 -10.44 16.35
C ILE C 279 20.38 -9.09 15.92
N PHE C 280 19.85 -8.47 14.87
CA PHE C 280 20.25 -7.10 14.42
C PHE C 280 19.10 -6.12 14.65
N VAL C 281 19.44 -4.90 15.06
CA VAL C 281 18.42 -3.84 15.26
C VAL C 281 19.05 -2.49 14.95
N GLU C 282 18.28 -1.65 14.25
CA GLU C 282 18.57 -0.21 14.08
C GLU C 282 17.77 0.55 15.14
N PRO C 283 18.39 1.42 15.94
CA PRO C 283 17.63 2.20 16.94
C PRO C 283 16.53 3.06 16.34
N VAL C 284 16.77 3.58 15.14
CA VAL C 284 15.76 4.28 14.30
C VAL C 284 15.81 3.58 12.95
N ARG C 285 14.68 3.06 12.50
CA ARG C 285 14.60 2.04 11.44
C ARG C 285 14.50 2.72 10.08
N GLY C 286 15.65 2.97 9.43
CA GLY C 286 15.77 3.66 8.12
C GLY C 286 14.80 3.10 7.09
N GLY C 287 14.85 1.77 6.85
CA GLY C 287 14.03 1.08 5.82
C GLY C 287 12.55 1.00 6.20
N SER C 288 12.17 1.45 7.40
CA SER C 288 10.77 1.49 7.90
C SER C 288 10.23 2.92 7.90
N GLY C 289 10.97 3.87 7.33
CA GLY C 289 10.59 5.31 7.35
C GLY C 289 10.90 5.99 8.68
N MET C 290 12.01 5.62 9.32
CA MET C 290 12.63 6.35 10.48
C MET C 290 11.81 6.11 11.76
N LYS C 291 11.18 4.94 11.91
CA LYS C 291 10.47 4.59 13.17
C LYS C 291 11.51 4.28 14.26
N THR C 292 11.40 4.93 15.41
CA THR C 292 12.23 4.61 16.61
C THR C 292 11.73 3.28 17.22
N VAL C 293 12.65 2.45 17.69
CA VAL C 293 12.37 1.24 18.51
C VAL C 293 11.66 1.71 19.78
N THR C 294 10.47 1.19 20.05
CA THR C 294 9.66 1.42 21.29
C THR C 294 10.30 0.67 22.47
N PRO C 295 10.03 1.07 23.73
CA PRO C 295 10.51 0.33 24.89
C PRO C 295 10.07 -1.13 24.89
N GLU C 296 8.85 -1.39 24.44
CA GLU C 296 8.28 -2.76 24.40
C GLU C 296 9.11 -3.63 23.46
N LEU C 297 9.50 -3.08 22.31
CA LEU C 297 10.29 -3.87 21.32
C LEU C 297 11.72 -4.07 21.86
N ALA C 298 12.33 -3.03 22.43
CA ALA C 298 13.66 -3.10 23.08
C ALA C 298 13.67 -4.26 24.07
N GLU C 299 12.63 -4.37 24.90
CA GLU C 299 12.59 -5.42 25.94
C GLU C 299 12.39 -6.79 25.31
N GLU C 300 11.67 -6.90 24.20
CA GLU C 300 11.54 -8.23 23.52
C GLU C 300 12.90 -8.65 22.94
N LEU C 301 13.69 -7.70 22.41
CA LEU C 301 15.03 -8.01 21.83
C LEU C 301 15.98 -8.43 22.96
N HIS C 302 15.93 -7.73 24.09
CA HIS C 302 16.66 -8.12 25.34
C HIS C 302 16.30 -9.55 25.75
N ARG C 303 15.00 -9.88 25.78
CA ARG C 303 14.54 -11.24 26.15
C ARG C 303 15.12 -12.25 25.16
N LEU C 304 15.01 -11.97 23.86
CA LEU C 304 15.49 -12.92 22.82
C LEU C 304 16.98 -13.15 23.01
N ARG C 305 17.74 -12.06 23.18
CA ARG C 305 19.22 -12.15 23.36
C ARG C 305 19.55 -12.99 24.59
N ASP C 306 18.93 -12.69 25.74
CA ASP C 306 19.13 -13.44 27.01
C ASP C 306 18.74 -14.91 26.79
N THR C 307 17.67 -15.19 26.06
CA THR C 307 17.11 -16.55 25.89
C THR C 307 17.98 -17.40 24.96
N LEU C 308 18.41 -16.88 23.80
CA LEU C 308 19.08 -17.71 22.75
C LEU C 308 20.59 -17.76 23.01
N GLY C 309 21.12 -16.76 23.71
CA GLY C 309 22.55 -16.62 24.04
C GLY C 309 23.39 -16.14 22.86
N CYS C 310 22.74 -15.64 21.81
CA CYS C 310 23.47 -15.01 20.68
C CYS C 310 23.57 -13.52 20.95
N PRO C 311 24.53 -12.80 20.33
CA PRO C 311 24.61 -11.35 20.50
C PRO C 311 23.46 -10.60 19.82
N LEU C 312 23.08 -9.50 20.47
CA LEU C 312 22.24 -8.42 19.91
C LEU C 312 23.18 -7.37 19.29
N VAL C 313 23.10 -7.21 17.97
CA VAL C 313 23.97 -6.29 17.20
C VAL C 313 23.16 -5.03 16.94
N VAL C 314 23.62 -3.91 17.48
CA VAL C 314 23.02 -2.56 17.28
C VAL C 314 23.70 -1.85 16.11
N ASP C 315 22.96 -1.72 15.01
CA ASP C 315 23.41 -1.06 13.75
C ASP C 315 23.17 0.44 13.91
N GLU C 316 24.23 1.20 14.19
CA GLU C 316 24.20 2.68 14.36
C GLU C 316 24.93 3.31 13.17
N VAL C 317 25.05 2.58 12.06
CA VAL C 317 25.63 3.10 10.80
C VAL C 317 24.99 4.46 10.48
N GLN C 318 23.66 4.58 10.66
CA GLN C 318 22.89 5.82 10.37
C GLN C 318 22.60 6.62 11.65
N THR C 319 22.22 5.95 12.76
CA THR C 319 21.83 6.63 14.02
C THR C 319 23.01 7.16 14.85
N GLY C 320 24.24 6.71 14.62
CA GLY C 320 25.43 7.12 15.38
C GLY C 320 25.99 8.50 15.03
N ILE C 321 26.94 8.94 15.86
CA ILE C 321 27.76 10.17 15.74
C ILE C 321 26.80 11.35 15.80
N GLY C 322 25.81 11.27 16.70
CA GLY C 322 25.11 12.47 17.22
C GLY C 322 23.78 12.73 16.51
N ARG C 323 23.45 11.95 15.49
CA ARG C 323 22.24 12.14 14.63
C ARG C 323 20.96 12.25 15.48
N THR C 324 20.81 11.46 16.54
CA THR C 324 19.56 11.39 17.33
C THR C 324 19.59 12.35 18.50
N GLY C 325 20.68 13.08 18.71
CA GLY C 325 20.82 14.00 19.86
C GLY C 325 21.61 13.37 20.98
N ALA C 326 22.11 12.14 20.76
CA ALA C 326 23.17 11.51 21.56
C ALA C 326 24.19 10.93 20.59
N PHE C 327 25.39 10.56 21.05
CA PHE C 327 26.35 9.87 20.18
C PHE C 327 25.71 8.56 19.73
N PHE C 328 25.28 7.74 20.69
CA PHE C 328 24.62 6.44 20.43
C PHE C 328 23.11 6.59 20.58
N GLY C 329 22.38 6.32 19.49
CA GLY C 329 20.91 6.25 19.49
C GLY C 329 20.43 5.15 20.44
N SER C 330 21.14 4.04 20.52
CA SER C 330 20.83 2.91 21.43
C SER C 330 20.80 3.38 22.90
N ALA C 331 21.73 4.27 23.29
CA ALA C 331 21.84 4.82 24.66
C ALA C 331 20.59 5.66 24.94
N LEU C 332 20.18 6.46 23.97
CA LEU C 332 18.97 7.31 24.05
C LEU C 332 17.74 6.44 24.23
N LEU C 333 17.60 5.36 23.48
CA LEU C 333 16.35 4.55 23.43
C LEU C 333 16.42 3.34 24.37
N GLY C 334 17.53 3.16 25.11
CA GLY C 334 17.69 2.06 26.09
C GLY C 334 17.83 0.70 25.43
N ILE C 335 18.53 0.60 24.29
CA ILE C 335 18.83 -0.72 23.64
C ILE C 335 20.21 -1.19 24.10
N ARG C 336 20.27 -2.31 24.84
CA ARG C 336 21.55 -2.80 25.43
C ARG C 336 22.12 -3.85 24.50
N GLY C 337 22.91 -3.40 23.52
CA GLY C 337 23.53 -4.30 22.53
C GLY C 337 24.77 -4.96 23.09
N ASP C 338 25.18 -6.05 22.45
CA ASP C 338 26.47 -6.75 22.71
C ASP C 338 27.53 -6.21 21.73
N TYR C 339 27.15 -5.94 20.48
CA TYR C 339 28.02 -5.40 19.40
C TYR C 339 27.33 -4.16 18.84
N TYR C 340 28.11 -3.20 18.39
CA TYR C 340 27.64 -1.93 17.80
C TYR C 340 28.39 -1.68 16.48
N THR C 341 27.72 -1.11 15.48
CA THR C 341 28.39 -0.74 14.22
C THR C 341 28.18 0.74 13.97
N LEU C 342 29.21 1.37 13.43
CA LEU C 342 29.22 2.79 13.04
C LEU C 342 29.86 2.91 11.64
N ALA C 343 29.39 3.86 10.84
CA ALA C 343 30.02 4.24 9.56
C ALA C 343 29.71 5.72 9.24
N LYS C 344 28.69 5.97 8.44
CA LYS C 344 28.41 7.23 7.70
C LYS C 344 29.26 8.44 8.15
N ALA C 345 28.88 9.11 9.25
CA ALA C 345 29.44 10.45 9.61
C ALA C 345 30.90 10.37 10.05
N ILE C 346 31.44 9.18 10.33
CA ILE C 346 32.80 8.99 10.90
C ILE C 346 33.88 9.33 9.87
N GLY C 347 33.54 9.31 8.58
CA GLY C 347 34.39 9.74 7.46
C GLY C 347 34.41 11.24 7.24
N GLY C 348 33.69 12.03 8.07
CA GLY C 348 33.60 13.49 7.98
C GLY C 348 32.97 13.98 6.69
N GLY C 349 32.29 13.09 5.95
CA GLY C 349 31.67 13.40 4.65
C GLY C 349 32.67 13.43 3.51
N ILE C 350 33.89 12.94 3.74
CA ILE C 350 34.96 13.00 2.69
C ILE C 350 35.63 11.64 2.50
N VAL C 351 35.78 10.83 3.54
CA VAL C 351 36.46 9.49 3.39
C VAL C 351 35.53 8.38 3.87
N LYS C 352 36.01 7.14 3.71
CA LYS C 352 35.19 5.92 3.99
C LYS C 352 35.82 5.16 5.13
N ASN C 353 35.03 4.91 6.16
CA ASN C 353 35.49 4.27 7.42
C ASN C 353 34.26 3.67 8.13
N SER C 354 34.47 2.59 8.86
CA SER C 354 33.42 1.95 9.67
C SER C 354 34.08 1.19 10.81
N VAL C 355 33.30 0.87 11.82
CA VAL C 355 33.84 0.16 13.00
C VAL C 355 32.75 -0.73 13.59
N ALA C 356 33.17 -1.93 13.98
CA ALA C 356 32.41 -2.88 14.79
C ALA C 356 33.01 -2.81 16.18
N LEU C 357 32.19 -2.52 17.18
CA LEU C 357 32.55 -2.57 18.63
C LEU C 357 31.96 -3.85 19.21
N ILE C 358 32.80 -4.75 19.70
CA ILE C 358 32.38 -6.07 20.26
C ILE C 358 32.77 -6.13 21.74
N ARG C 359 31.83 -6.44 22.62
CA ARG C 359 32.05 -6.41 24.10
C ARG C 359 33.22 -7.35 24.40
N GLN C 360 34.18 -6.89 25.19
CA GLN C 360 35.45 -7.61 25.42
C GLN C 360 35.20 -8.95 26.11
N ASP C 361 34.16 -9.09 26.91
CA ASP C 361 33.89 -10.38 27.59
C ASP C 361 33.36 -11.39 26.56
N ARG C 362 32.96 -10.97 25.36
CA ARG C 362 32.50 -11.91 24.30
C ARG C 362 33.56 -12.03 23.19
N PHE C 363 34.52 -11.13 23.12
CA PHE C 363 35.42 -10.98 21.95
C PHE C 363 36.35 -12.18 21.88
N LEU C 364 36.42 -12.83 20.72
CA LEU C 364 37.28 -14.03 20.50
C LEU C 364 38.57 -13.57 19.82
N PRO C 365 39.73 -13.70 20.50
CA PRO C 365 40.96 -13.10 20.00
C PRO C 365 41.34 -13.54 18.57
N ALA C 366 40.90 -14.72 18.14
CA ALA C 366 41.15 -15.25 16.78
C ALA C 366 40.74 -14.22 15.73
N MET C 367 39.66 -13.47 15.99
CA MET C 367 39.08 -12.49 15.06
C MET C 367 40.12 -11.42 14.69
N GLU C 368 41.01 -11.05 15.60
CA GLU C 368 42.04 -9.98 15.40
C GLU C 368 43.07 -10.44 14.37
N VAL C 369 43.25 -11.75 14.19
CA VAL C 369 44.31 -12.31 13.30
C VAL C 369 43.70 -13.08 12.12
N ILE C 370 42.44 -13.51 12.14
CA ILE C 370 41.87 -14.20 10.93
C ILE C 370 41.07 -13.22 10.08
N HIS C 371 40.59 -12.10 10.63
CA HIS C 371 39.86 -11.06 9.85
C HIS C 371 40.83 -9.94 9.49
N SER C 372 40.75 -9.44 8.27
CA SER C 372 41.55 -8.29 7.78
C SER C 372 40.92 -7.77 6.48
N SER C 373 41.41 -6.64 6.03
CA SER C 373 40.95 -5.92 4.81
C SER C 373 42.11 -5.01 4.39
N THR C 374 42.45 -4.89 3.11
CA THR C 374 43.58 -4.04 2.64
C THR C 374 43.43 -2.60 3.19
N PHE C 375 42.26 -2.00 2.99
CA PHE C 375 42.03 -0.54 3.21
C PHE C 375 41.61 -0.25 4.65
N ALA C 376 41.26 -1.25 5.45
CA ALA C 376 40.73 -1.08 6.83
C ALA C 376 41.82 -0.48 7.70
N LYS C 377 41.45 0.42 8.58
CA LYS C 377 42.39 1.03 9.57
C LYS C 377 43.43 1.89 8.84
N ASP C 378 43.14 2.35 7.63
CA ASP C 378 44.10 3.22 6.88
C ASP C 378 44.39 4.46 7.73
N GLY C 379 45.59 5.02 7.61
CA GLY C 379 45.99 6.15 8.46
C GLY C 379 45.20 7.41 8.17
N LEU C 380 44.72 7.62 6.95
CA LEU C 380 44.03 8.88 6.60
C LEU C 380 42.66 8.92 7.26
N SER C 381 41.81 7.88 7.07
CA SER C 381 40.46 7.86 7.67
C SER C 381 40.57 7.77 9.21
N ALA C 382 41.64 7.18 9.72
CA ALA C 382 41.93 7.15 11.17
C ALA C 382 42.11 8.58 11.70
N SER C 383 42.93 9.39 11.04
CA SER C 383 43.15 10.82 11.41
C SER C 383 41.81 11.57 11.37
N ILE C 384 41.02 11.37 10.31
CA ILE C 384 39.74 12.10 10.12
C ILE C 384 38.71 11.64 11.17
N ALA C 385 38.62 10.35 11.48
CA ALA C 385 37.80 9.82 12.61
C ALA C 385 38.12 10.59 13.89
N LEU C 386 39.37 10.70 14.29
CA LEU C 386 39.80 11.42 15.53
C LEU C 386 39.31 12.86 15.49
N LYS C 387 39.34 13.51 14.34
CA LYS C 387 38.89 14.91 14.17
C LYS C 387 37.38 14.98 14.37
N VAL C 388 36.64 14.11 13.69
CA VAL C 388 35.16 14.04 13.80
C VAL C 388 34.79 13.85 15.28
N LEU C 389 35.46 12.93 15.99
CA LEU C 389 35.19 12.62 17.42
C LEU C 389 35.48 13.86 18.26
N GLU C 390 36.57 14.55 17.98
CA GLU C 390 36.91 15.79 18.70
C GLU C 390 35.80 16.81 18.47
N MET C 391 35.29 16.95 17.24
CA MET C 391 34.27 17.98 16.92
C MET C 391 32.94 17.67 17.62
N VAL C 392 32.50 16.43 17.61
CA VAL C 392 31.15 16.08 18.12
C VAL C 392 31.17 16.15 19.65
N GLU C 393 32.33 15.94 20.27
CA GLU C 393 32.57 15.96 21.74
C GLU C 393 32.89 17.36 22.26
N ALA C 394 33.20 18.34 21.42
CA ALA C 394 33.73 19.65 21.87
C ALA C 394 32.70 20.39 22.74
N ASP C 395 33.19 21.25 23.64
CA ASP C 395 32.43 22.23 24.46
C ASP C 395 31.41 21.49 25.31
N GLY C 396 31.86 20.46 26.03
CA GLY C 396 31.07 19.71 27.01
C GLY C 396 29.81 19.13 26.41
N GLY C 397 29.83 18.76 25.13
CA GLY C 397 28.72 18.09 24.43
C GLY C 397 27.66 19.05 23.89
N ARG C 398 28.04 20.28 23.54
CA ARG C 398 27.08 21.29 23.02
C ARG C 398 26.54 20.82 21.65
N VAL C 399 27.31 20.03 20.91
CA VAL C 399 26.92 19.58 19.56
C VAL C 399 25.66 18.74 19.66
N TYR C 400 25.58 17.85 20.65
CA TYR C 400 24.40 16.98 20.90
C TYR C 400 23.18 17.86 21.19
N GLN C 401 23.40 18.89 22.02
CA GLN C 401 22.37 19.90 22.38
C GLN C 401 21.84 20.58 21.12
N ARG C 402 22.75 21.03 20.27
CA ARG C 402 22.41 21.65 18.97
C ARG C 402 21.57 20.69 18.12
N VAL C 403 22.00 19.44 17.99
CA VAL C 403 21.23 18.46 17.17
C VAL C 403 19.80 18.37 17.73
N ARG C 404 19.67 18.27 19.06
CA ARG C 404 18.36 18.12 19.74
C ARG C 404 17.46 19.34 19.44
N GLU C 405 17.99 20.58 19.52
CA GLU C 405 17.15 21.80 19.35
C GLU C 405 16.88 22.04 17.85
N ARG C 406 17.83 21.76 16.96
CA ARG C 406 17.57 21.79 15.48
C ARG C 406 16.52 20.72 15.13
N GLY C 407 16.68 19.49 15.65
CA GLY C 407 15.68 18.41 15.48
C GLY C 407 14.28 18.85 15.92
N GLN C 408 14.15 19.44 17.12
CA GLN C 408 12.84 19.89 17.69
C GLN C 408 12.21 20.90 16.73
N ARG C 409 12.99 21.89 16.28
CA ARG C 409 12.53 22.93 15.34
C ARG C 409 12.03 22.29 14.05
N LEU C 410 12.76 21.32 13.49
CA LEU C 410 12.43 20.71 12.16
C LEU C 410 11.23 19.78 12.35
N GLU C 411 11.20 19.00 13.44
CA GLU C 411 10.08 18.08 13.76
C GLU C 411 8.78 18.90 13.94
N ALA C 412 8.84 20.03 14.67
CA ALA C 412 7.67 20.91 14.95
C ALA C 412 7.13 21.43 13.63
N MET C 413 8.04 21.86 12.74
CA MET C 413 7.62 22.30 11.40
C MET C 413 6.93 21.13 10.70
N LEU C 414 7.48 19.92 10.75
CA LEU C 414 6.91 18.79 9.98
C LEU C 414 5.52 18.44 10.54
N GLU C 415 5.34 18.53 11.86
CA GLU C 415 4.06 18.25 12.58
C GLU C 415 3.03 19.32 12.20
N SER C 416 3.46 20.58 12.13
CA SER C 416 2.62 21.73 11.69
C SER C 416 2.13 21.47 10.26
N VAL C 417 3.01 20.94 9.41
CA VAL C 417 2.63 20.62 8.01
C VAL C 417 1.65 19.43 8.02
N ARG C 418 1.94 18.37 8.76
CA ARG C 418 1.05 17.19 8.80
C ARG C 418 -0.37 17.60 9.20
N ALA C 419 -0.50 18.41 10.25
CA ALA C 419 -1.78 18.83 10.88
C ALA C 419 -2.70 19.49 9.85
N ASP C 420 -2.16 20.26 8.89
CA ASP C 420 -2.92 21.00 7.83
C ASP C 420 -3.00 20.15 6.56
N HIS C 421 -2.33 19.00 6.51
CA HIS C 421 -2.26 18.17 5.28
C HIS C 421 -2.41 16.68 5.62
N SER C 422 -3.15 16.36 6.68
CA SER C 422 -3.44 14.97 7.16
C SER C 422 -4.14 14.13 6.08
N ASP C 423 -4.72 14.76 5.05
CA ASP C 423 -5.36 14.02 3.93
C ASP C 423 -4.29 13.29 3.12
N VAL C 424 -3.06 13.81 3.04
CA VAL C 424 -1.98 13.17 2.23
C VAL C 424 -0.77 12.75 3.08
N VAL C 425 -0.66 13.21 4.33
CA VAL C 425 0.48 12.90 5.25
C VAL C 425 -0.08 12.14 6.46
N SER C 426 0.36 10.90 6.69
CA SER C 426 -0.18 10.03 7.77
C SER C 426 0.57 10.22 9.09
N ALA C 427 1.87 10.58 9.07
CA ALA C 427 2.68 10.62 10.31
C ALA C 427 4.03 11.34 10.09
N VAL C 428 4.57 11.83 11.21
CA VAL C 428 5.99 12.22 11.41
C VAL C 428 6.66 11.16 12.30
N TRP C 429 7.81 10.62 11.87
CA TRP C 429 8.62 9.59 12.54
C TRP C 429 10.05 10.10 12.75
N GLY C 430 10.74 9.54 13.73
CA GLY C 430 12.19 9.68 13.95
C GLY C 430 12.52 10.54 15.14
N THR C 431 13.77 10.90 15.32
CA THR C 431 14.20 11.71 16.48
C THR C 431 15.49 12.43 16.12
N GLY C 432 15.80 13.49 16.87
CA GLY C 432 16.90 14.41 16.56
C GLY C 432 16.81 14.87 15.14
N LEU C 433 17.87 14.67 14.34
CA LEU C 433 17.87 15.14 12.95
C LEU C 433 17.73 13.96 11.99
N MET C 434 16.98 12.94 12.41
CA MET C 434 16.67 11.77 11.54
C MET C 434 15.15 11.59 11.48
N LEU C 435 14.50 12.34 10.61
CA LEU C 435 13.02 12.51 10.57
C LEU C 435 12.49 12.08 9.19
N ALA C 436 11.19 11.78 9.12
CA ALA C 436 10.50 11.47 7.85
C ALA C 436 9.02 11.83 7.97
N LEU C 437 8.41 12.16 6.83
CA LEU C 437 6.92 12.21 6.69
C LEU C 437 6.49 10.91 6.05
N GLU C 438 5.46 10.28 6.60
CA GLU C 438 4.80 9.12 5.93
C GLU C 438 3.74 9.68 4.97
N LEU C 439 3.79 9.34 3.69
CA LEU C 439 2.75 9.63 2.67
C LEU C 439 1.60 8.61 2.78
N ARG C 440 0.35 9.10 2.74
CA ARG C 440 -0.84 8.21 2.60
C ARG C 440 -0.80 7.55 1.22
N ASP C 441 -1.26 6.31 1.14
CA ASP C 441 -1.34 5.52 -0.12
C ASP C 441 -2.05 6.38 -1.17
N GLN C 442 -1.55 6.34 -2.41
CA GLN C 442 -2.13 7.10 -3.53
C GLN C 442 -2.42 6.10 -4.67
N SER C 443 -2.53 4.83 -4.37
CA SER C 443 -2.68 3.82 -5.45
C SER C 443 -4.10 3.91 -6.06
N ASN C 444 -5.10 4.56 -5.43
CA ASN C 444 -6.39 4.81 -6.17
C ASN C 444 -6.62 6.32 -6.26
N ALA C 445 -5.58 7.04 -6.61
CA ALA C 445 -5.60 8.50 -6.80
C ALA C 445 -6.45 8.79 -8.03
N THR C 446 -7.15 9.93 -8.02
CA THR C 446 -8.01 10.42 -9.13
C THR C 446 -7.13 10.58 -10.38
N SER C 447 -6.03 11.32 -10.26
CA SER C 447 -5.06 11.53 -11.35
C SER C 447 -4.43 10.20 -11.75
N GLN C 448 -4.56 9.85 -13.02
CA GLN C 448 -3.95 8.69 -13.69
C GLN C 448 -2.43 8.66 -13.45
N ALA C 449 -1.76 9.79 -13.74
CA ALA C 449 -0.29 9.88 -13.71
C ALA C 449 0.23 9.59 -12.29
N ILE C 450 -0.39 10.17 -11.27
CA ILE C 450 -0.04 9.95 -9.85
C ILE C 450 -0.28 8.49 -9.49
N ARG C 451 -1.45 7.96 -9.82
CA ARG C 451 -1.90 6.56 -9.50
C ARG C 451 -0.89 5.58 -10.09
N GLU C 452 -0.50 5.81 -11.34
CA GLU C 452 0.44 4.95 -12.09
C GLU C 452 1.76 4.92 -11.30
N LYS C 453 2.29 6.09 -10.93
CA LYS C 453 3.58 6.22 -10.22
C LYS C 453 3.46 5.57 -8.83
N ALA C 454 2.37 5.80 -8.09
CA ALA C 454 2.14 5.18 -6.77
C ALA C 454 2.11 3.65 -6.91
N ALA C 455 1.48 3.13 -7.97
CA ALA C 455 1.34 1.67 -8.17
C ALA C 455 2.72 1.03 -8.37
N HIS C 456 3.63 1.72 -9.06
CA HIS C 456 5.00 1.22 -9.36
C HIS C 456 5.94 1.43 -8.16
N GLY C 457 5.48 2.04 -7.06
CA GLY C 457 6.30 2.34 -5.87
C GLY C 457 7.18 3.58 -6.01
N PHE C 458 6.85 4.52 -6.90
CA PHE C 458 7.70 5.70 -7.26
C PHE C 458 7.13 7.03 -6.75
N LEU C 459 6.05 7.02 -5.96
CA LEU C 459 5.40 8.29 -5.53
C LEU C 459 6.43 9.23 -4.90
N GLY C 460 7.17 8.77 -3.90
CA GLY C 460 8.13 9.61 -3.16
C GLY C 460 9.12 10.28 -4.09
N TYR C 461 9.61 9.53 -5.09
CA TYR C 461 10.62 10.04 -6.04
C TYR C 461 10.02 11.18 -6.89
N VAL C 462 8.77 11.01 -7.32
CA VAL C 462 8.00 12.02 -8.12
C VAL C 462 7.84 13.30 -7.29
N LEU C 463 7.42 13.17 -6.04
CA LEU C 463 7.25 14.31 -5.10
C LEU C 463 8.62 14.99 -4.86
N ALA C 464 9.69 14.20 -4.77
CA ALA C 464 11.08 14.70 -4.63
C ALA C 464 11.41 15.56 -5.86
N GLY C 465 11.07 15.08 -7.07
CA GLY C 465 11.29 15.85 -8.31
C GLY C 465 10.59 17.20 -8.27
N PHE C 466 9.35 17.23 -7.79
CA PHE C 466 8.56 18.50 -7.67
C PHE C 466 9.37 19.43 -6.77
N LEU C 467 9.75 18.94 -5.59
CA LEU C 467 10.50 19.74 -4.58
C LEU C 467 11.78 20.30 -5.22
N LEU C 468 12.44 19.56 -6.11
CA LEU C 468 13.70 20.03 -6.74
C LEU C 468 13.40 21.15 -7.74
N ARG C 469 12.59 20.88 -8.77
CA ARG C 469 12.38 21.83 -9.89
C ARG C 469 11.59 23.06 -9.42
N GLU C 470 10.66 22.94 -8.46
CA GLU C 470 9.76 24.05 -8.07
C GLU C 470 10.23 24.78 -6.82
N HIS C 471 11.02 24.17 -5.93
CA HIS C 471 11.47 24.84 -4.69
C HIS C 471 12.98 24.73 -4.46
N HIS C 472 13.75 24.11 -5.36
CA HIS C 472 15.21 23.97 -5.20
C HIS C 472 15.51 23.30 -3.84
N ILE C 473 14.78 22.24 -3.52
CA ILE C 473 15.04 21.45 -2.29
C ILE C 473 15.24 19.99 -2.70
N ARG C 474 16.36 19.42 -2.23
CA ARG C 474 16.75 18.00 -2.45
C ARG C 474 16.21 17.20 -1.26
N VAL C 475 15.21 16.38 -1.54
CA VAL C 475 14.68 15.33 -0.61
C VAL C 475 14.79 14.00 -1.36
N LEU C 476 15.11 12.92 -0.65
CA LEU C 476 15.00 11.54 -1.20
C LEU C 476 14.01 10.77 -0.35
N PRO C 477 13.26 9.87 -0.98
CA PRO C 477 12.30 9.08 -0.23
C PRO C 477 13.03 8.01 0.60
N ALA C 478 12.30 7.39 1.51
CA ALA C 478 12.72 6.18 2.24
C ALA C 478 11.58 5.16 2.17
N GLY C 479 11.81 3.99 2.74
CA GLY C 479 10.75 3.00 2.99
C GLY C 479 10.48 2.20 1.73
N PRO C 480 9.75 1.07 1.84
CA PRO C 480 9.79 0.02 0.81
C PRO C 480 9.16 0.39 -0.56
N ARG C 481 8.20 1.33 -0.62
CA ARG C 481 7.60 1.77 -1.90
C ARG C 481 7.68 3.29 -1.96
N SER C 482 8.82 3.86 -1.60
CA SER C 482 9.08 5.32 -1.57
C SER C 482 7.86 6.02 -0.96
N GLY C 483 7.32 5.45 0.11
CA GLY C 483 6.16 5.94 0.88
C GLY C 483 6.53 6.91 1.97
N PHE C 484 7.80 7.26 2.16
CA PHE C 484 8.26 8.26 3.17
C PHE C 484 9.20 9.28 2.52
N LEU C 485 9.20 10.51 3.03
CA LEU C 485 10.15 11.58 2.64
C LEU C 485 11.11 11.76 3.81
N ARG C 486 12.41 11.61 3.55
CA ARG C 486 13.48 11.69 4.56
C ARG C 486 13.86 13.15 4.78
N PHE C 487 14.10 13.55 6.02
CA PHE C 487 14.67 14.87 6.39
C PHE C 487 15.84 14.59 7.33
N SER C 488 17.07 14.64 6.83
CA SER C 488 18.27 14.36 7.65
C SER C 488 19.36 15.36 7.31
N PRO C 489 19.11 16.68 7.50
CA PRO C 489 20.14 17.67 7.22
C PRO C 489 21.22 17.75 8.31
N SER C 490 22.19 18.61 8.08
CA SER C 490 23.26 18.95 9.04
C SER C 490 22.67 19.72 10.23
N LEU C 491 23.40 19.73 11.35
CA LEU C 491 23.04 20.51 12.56
C LEU C 491 23.14 22.03 12.29
N TYR C 492 23.59 22.47 11.11
CA TYR C 492 23.68 23.90 10.74
C TYR C 492 22.43 24.37 10.02
N ILE C 493 21.48 23.48 9.73
CA ILE C 493 20.19 23.86 9.10
C ILE C 493 19.69 25.12 9.82
N THR C 494 19.45 26.20 9.07
CA THR C 494 18.97 27.50 9.62
C THR C 494 17.44 27.50 9.70
N ASP C 495 16.90 28.39 10.55
CA ASP C 495 15.44 28.68 10.67
C ASP C 495 14.88 29.06 9.29
N GLU C 496 15.63 29.80 8.51
CA GLU C 496 15.20 30.27 7.16
C GLU C 496 15.05 29.06 6.23
N GLU C 497 15.99 28.09 6.30
CA GLU C 497 16.00 26.87 5.44
C GLU C 497 14.82 25.98 5.84
N ILE C 498 14.51 25.94 7.14
CA ILE C 498 13.32 25.22 7.66
C ILE C 498 12.04 25.90 7.14
N ASP C 499 11.97 27.24 7.15
CA ASP C 499 10.80 27.99 6.61
C ASP C 499 10.65 27.71 5.11
N ARG C 500 11.74 27.73 4.34
CA ARG C 500 11.65 27.45 2.87
C ARG C 500 11.14 26.01 2.66
N THR C 501 11.49 25.08 3.55
CA THR C 501 11.09 23.65 3.48
C THR C 501 9.60 23.57 3.78
N GLU C 502 9.14 24.30 4.79
CA GLU C 502 7.69 24.38 5.15
C GLU C 502 6.89 24.83 3.93
N THR C 503 7.25 25.96 3.33
CA THR C 503 6.62 26.53 2.12
C THR C 503 6.58 25.48 1.01
N ALA C 504 7.72 24.82 0.77
CA ALA C 504 7.87 23.81 -0.30
C ALA C 504 6.88 22.66 -0.07
N LEU C 505 6.74 22.20 1.17
CA LEU C 505 5.89 21.04 1.57
C LEU C 505 4.39 21.42 1.46
N ARG C 506 3.98 22.59 1.99
CA ARG C 506 2.59 23.13 1.80
C ARG C 506 2.29 23.15 0.30
N SER C 507 3.17 23.74 -0.51
CA SER C 507 3.02 23.76 -1.99
C SER C 507 2.84 22.31 -2.50
N LEU C 508 3.77 21.41 -2.20
CA LEU C 508 3.74 20.00 -2.68
C LEU C 508 2.42 19.32 -2.27
N PHE C 509 2.04 19.43 -1.00
CA PHE C 509 0.88 18.68 -0.46
C PHE C 509 -0.45 19.34 -0.89
N THR C 510 -0.43 20.63 -1.26
CA THR C 510 -1.63 21.32 -1.85
C THR C 510 -1.84 20.77 -3.27
N ALA C 511 -0.79 20.71 -4.08
CA ALA C 511 -0.82 20.07 -5.41
C ALA C 511 -1.28 18.61 -5.29
N LEU C 512 -0.85 17.87 -4.27
CA LEU C 512 -1.20 16.44 -4.16
C LEU C 512 -2.70 16.31 -3.79
N ARG C 513 -3.18 17.10 -2.82
CA ARG C 513 -4.62 17.22 -2.47
C ARG C 513 -5.45 17.50 -3.74
N ASP C 514 -5.00 18.44 -4.58
CA ASP C 514 -5.68 18.86 -5.84
C ASP C 514 -5.50 17.82 -6.95
N GLN C 515 -4.75 16.76 -6.70
CA GLN C 515 -4.48 15.68 -7.68
C GLN C 515 -3.97 16.27 -9.00
N ASP C 516 -3.08 17.26 -8.93
CA ASP C 516 -2.54 17.97 -10.13
C ASP C 516 -1.39 17.14 -10.70
N GLY C 517 -1.72 16.04 -11.37
CA GLY C 517 -0.77 15.13 -12.05
C GLY C 517 0.09 15.82 -13.10
N ASP C 518 -0.40 16.87 -13.76
CA ASP C 518 0.39 17.52 -14.85
C ASP C 518 1.51 18.34 -14.22
N ARG C 519 1.34 18.77 -12.96
CA ARG C 519 2.33 19.60 -12.24
C ARG C 519 3.35 18.71 -11.51
N LEU C 520 2.93 17.50 -11.11
CA LEU C 520 3.69 16.59 -10.22
C LEU C 520 4.52 15.62 -11.05
N VAL C 521 3.89 14.98 -12.06
CA VAL C 521 4.52 13.95 -12.94
C VAL C 521 4.85 14.59 -14.28
N LEU C 522 6.10 14.50 -14.75
CA LEU C 522 6.59 15.14 -16.01
C LEU C 522 5.91 14.48 -17.23
N GLY D 6 48.73 -5.25 32.38
CA GLY D 6 47.26 -5.53 32.35
C GLY D 6 46.41 -4.25 32.27
N GLU D 7 46.87 -3.22 31.54
CA GLU D 7 46.12 -1.94 31.42
C GLU D 7 45.03 -2.10 30.37
N PRO D 8 43.94 -1.29 30.47
CA PRO D 8 42.88 -1.30 29.46
C PRO D 8 43.42 -1.06 28.04
N VAL D 9 42.98 -1.91 27.11
CA VAL D 9 43.33 -1.85 25.67
C VAL D 9 42.02 -2.03 24.89
N TYR D 10 41.85 -1.28 23.81
CA TYR D 10 40.55 -1.08 23.12
C TYR D 10 40.60 -1.60 21.68
N ALA D 11 41.80 -1.87 21.14
CA ALA D 11 42.00 -2.52 19.83
C ALA D 11 43.39 -3.18 19.81
N ASP D 12 43.53 -4.28 19.07
CA ASP D 12 44.83 -4.70 18.47
C ASP D 12 45.78 -5.33 19.50
N ALA D 13 45.34 -5.69 20.70
CA ALA D 13 46.24 -6.28 21.73
C ALA D 13 46.89 -7.55 21.19
N VAL D 14 46.10 -8.46 20.65
CA VAL D 14 46.56 -9.78 20.16
C VAL D 14 47.40 -9.55 18.90
N LEU D 15 46.92 -8.71 17.97
CA LEU D 15 47.64 -8.38 16.72
C LEU D 15 49.01 -7.79 17.08
N ASN D 16 49.06 -6.81 17.99
CA ASN D 16 50.34 -6.13 18.38
C ASN D 16 51.26 -7.13 19.10
N GLY D 17 50.76 -7.88 20.08
CA GLY D 17 51.55 -8.92 20.77
C GLY D 17 52.19 -9.84 19.75
N TRP D 18 51.41 -10.35 18.81
CA TRP D 18 51.94 -11.28 17.78
C TRP D 18 52.96 -10.55 16.88
N LEU D 19 52.69 -9.34 16.39
CA LEU D 19 53.69 -8.61 15.53
C LEU D 19 55.01 -8.42 16.31
N THR D 20 54.94 -8.04 17.59
CA THR D 20 56.14 -7.80 18.46
C THR D 20 56.97 -9.09 18.49
N SER D 21 56.36 -10.24 18.72
CA SER D 21 57.12 -11.50 18.87
C SER D 21 57.77 -11.91 17.52
N MET D 22 57.21 -11.48 16.38
CA MET D 22 57.78 -11.76 15.04
C MET D 22 58.95 -10.80 14.72
N GLY D 23 59.14 -9.74 15.51
CA GLY D 23 60.12 -8.68 15.22
C GLY D 23 59.59 -7.61 14.28
N LEU D 24 58.26 -7.43 14.22
CA LEU D 24 57.57 -6.47 13.30
C LEU D 24 56.78 -5.42 14.09
N GLY D 25 57.00 -5.36 15.40
CA GLY D 25 56.38 -4.36 16.29
C GLY D 25 57.03 -3.00 16.11
N VAL D 26 56.67 -2.27 15.06
CA VAL D 26 57.18 -0.90 14.80
C VAL D 26 55.99 -0.02 14.38
N GLU D 27 56.02 1.27 14.72
CA GLU D 27 55.01 2.28 14.30
C GLU D 27 55.64 3.17 13.23
N TYR D 28 55.12 3.11 12.01
CA TYR D 28 55.57 4.00 10.92
C TYR D 28 54.88 5.36 11.12
N VAL D 29 55.64 6.45 11.20
CA VAL D 29 55.09 7.78 11.56
C VAL D 29 54.97 8.64 10.31
N ARG D 30 55.66 8.29 9.22
CA ARG D 30 55.59 9.07 7.96
C ARG D 30 55.95 8.15 6.80
N ALA D 31 55.56 8.50 5.59
CA ALA D 31 55.81 7.67 4.39
C ALA D 31 55.92 8.59 3.17
N GLU D 32 56.87 8.27 2.31
CA GLU D 32 57.05 9.05 1.06
C GLU D 32 57.68 8.13 0.03
N GLY D 33 57.08 8.04 -1.15
CA GLY D 33 57.59 7.16 -2.21
C GLY D 33 57.76 5.73 -1.69
N ASN D 34 58.98 5.18 -1.73
CA ASN D 34 59.25 3.76 -1.40
C ASN D 34 59.70 3.64 0.05
N THR D 35 59.60 4.72 0.83
CA THR D 35 60.13 4.76 2.20
C THR D 35 59.01 5.00 3.22
N VAL D 36 58.99 4.18 4.27
CA VAL D 36 58.27 4.44 5.53
C VAL D 36 59.31 4.75 6.61
N TYR D 37 58.98 5.59 7.57
CA TYR D 37 59.87 6.04 8.68
C TYR D 37 59.28 5.63 10.03
N TYR D 38 60.10 5.05 10.90
CA TYR D 38 59.78 4.88 12.34
C TYR D 38 60.74 5.77 13.16
N LEU D 39 60.48 5.92 14.45
CA LEU D 39 61.36 6.67 15.38
C LEU D 39 62.20 5.68 16.19
N ASP D 40 63.53 5.84 16.22
CA ASP D 40 64.45 5.06 17.11
C ASP D 40 64.31 5.54 18.56
N ASP D 41 65.00 4.89 19.50
CA ASP D 41 64.99 5.21 20.95
C ASP D 41 65.23 6.71 21.22
N GLU D 42 66.08 7.37 20.44
CA GLU D 42 66.52 8.78 20.68
C GLU D 42 65.66 9.75 19.82
N GLY D 43 64.58 9.26 19.19
CA GLY D 43 63.56 10.09 18.52
C GLY D 43 63.93 10.50 17.09
N ARG D 44 64.97 9.89 16.49
CA ARG D 44 65.36 10.12 15.07
C ARG D 44 64.48 9.28 14.11
N GLU D 45 64.13 9.84 12.96
CA GLU D 45 63.43 9.15 11.84
C GLU D 45 64.39 8.18 11.15
N VAL D 46 64.03 6.90 11.09
CA VAL D 46 64.81 5.84 10.42
C VAL D 46 64.10 5.48 9.12
N PRO D 47 64.75 5.68 7.94
CA PRO D 47 64.14 5.27 6.68
C PRO D 47 64.12 3.74 6.52
N VAL D 48 62.97 3.17 6.17
CA VAL D 48 62.81 1.74 5.83
C VAL D 48 62.29 1.63 4.40
N LEU D 49 62.91 0.79 3.60
CA LEU D 49 62.46 0.48 2.21
C LEU D 49 61.24 -0.47 2.27
N ASP D 50 60.12 -0.03 1.67
CA ASP D 50 58.82 -0.75 1.72
C ASP D 50 58.67 -1.59 0.44
N HIS D 51 58.75 -2.91 0.56
CA HIS D 51 58.50 -3.89 -0.52
C HIS D 51 57.07 -4.43 -0.43
N ALA D 52 56.29 -4.08 0.59
CA ALA D 52 54.91 -4.56 0.81
C ALA D 52 53.96 -3.59 0.12
N CYS D 53 54.11 -2.29 0.39
CA CYS D 53 53.42 -1.18 -0.31
C CYS D 53 51.91 -1.45 -0.40
N GLY D 54 51.29 -1.67 0.74
CA GLY D 54 49.83 -1.82 0.83
C GLY D 54 49.38 -3.06 0.08
N PHE D 55 50.19 -4.12 0.12
CA PHE D 55 49.97 -5.39 -0.62
C PHE D 55 49.76 -5.07 -2.10
N GLY D 56 50.54 -4.13 -2.64
CA GLY D 56 50.50 -3.77 -4.07
C GLY D 56 49.49 -2.68 -4.38
N SER D 57 49.11 -1.88 -3.38
CA SER D 57 48.28 -0.66 -3.59
C SER D 57 49.11 0.51 -4.13
N LEU D 58 50.44 0.51 -3.97
CA LEU D 58 51.23 1.76 -4.15
C LEU D 58 52.14 1.65 -5.36
N ILE D 59 51.56 1.47 -6.54
CA ILE D 59 52.35 1.42 -7.79
C ILE D 59 53.10 2.76 -7.94
N PHE D 60 52.53 3.87 -7.46
CA PHE D 60 53.14 5.23 -7.54
C PHE D 60 53.78 5.62 -6.20
N GLY D 61 53.94 4.69 -5.28
CA GLY D 61 54.55 4.94 -3.96
C GLY D 61 53.57 5.53 -2.97
N HIS D 62 54.02 5.72 -1.74
CA HIS D 62 53.27 6.38 -0.65
C HIS D 62 53.17 7.88 -0.97
N ASN D 63 51.98 8.47 -0.87
CA ASN D 63 51.79 9.94 -0.83
C ASN D 63 52.46 10.60 -2.03
N HIS D 64 52.19 10.13 -3.25
CA HIS D 64 52.76 10.71 -4.49
C HIS D 64 52.33 12.17 -4.59
N PRO D 65 53.28 13.11 -4.76
CA PRO D 65 52.96 14.54 -4.70
C PRO D 65 51.84 14.96 -5.65
N GLU D 66 51.82 14.33 -6.82
CA GLU D 66 50.83 14.59 -7.88
C GLU D 66 49.45 14.11 -7.43
N ILE D 67 49.35 13.00 -6.70
CA ILE D 67 48.05 12.49 -6.18
C ILE D 67 47.65 13.37 -4.98
N ILE D 68 48.59 13.75 -4.15
CA ILE D 68 48.29 14.60 -2.94
C ILE D 68 47.76 15.96 -3.41
N ALA D 69 48.43 16.58 -4.38
CA ALA D 69 48.04 17.88 -4.96
C ALA D 69 46.61 17.77 -5.56
N HIS D 70 46.35 16.74 -6.36
CA HIS D 70 45.02 16.53 -6.99
C HIS D 70 43.95 16.35 -5.89
N ALA D 71 44.21 15.56 -4.86
CA ALA D 71 43.26 15.38 -3.74
C ALA D 71 42.97 16.74 -3.09
N LYS D 72 43.99 17.53 -2.82
CA LYS D 72 43.80 18.87 -2.20
C LYS D 72 43.00 19.78 -3.13
N ALA D 73 43.26 19.75 -4.44
CA ALA D 73 42.50 20.56 -5.42
C ALA D 73 41.02 20.12 -5.40
N ALA D 74 40.75 18.81 -5.40
CA ALA D 74 39.36 18.30 -5.37
C ALA D 74 38.64 18.81 -4.10
N LEU D 75 39.32 18.76 -2.96
CA LEU D 75 38.72 19.19 -1.67
C LEU D 75 38.46 20.69 -1.67
N ASP D 76 39.37 21.47 -2.23
CA ASP D 76 39.30 22.96 -2.29
C ASP D 76 38.26 23.37 -3.31
N ALA D 77 37.94 22.58 -4.34
CA ALA D 77 36.88 22.94 -5.30
C ALA D 77 35.48 22.66 -4.71
N GLY D 78 35.36 22.07 -3.52
CA GLY D 78 34.04 21.69 -2.96
C GLY D 78 33.43 20.57 -3.76
N THR D 79 34.23 19.63 -4.22
CA THR D 79 33.73 18.38 -4.86
C THR D 79 32.58 17.80 -4.02
N VAL D 80 31.52 17.38 -4.69
CA VAL D 80 30.34 16.71 -4.07
C VAL D 80 30.71 15.24 -3.87
N VAL D 81 31.04 14.90 -2.64
CA VAL D 81 31.39 13.53 -2.22
C VAL D 81 30.11 12.69 -2.14
N HIS D 82 29.06 13.26 -1.52
CA HIS D 82 27.73 12.62 -1.29
C HIS D 82 26.65 13.22 -2.20
N ALA D 83 26.43 12.57 -3.34
CA ALA D 83 25.52 13.01 -4.41
C ALA D 83 24.64 11.81 -4.83
N GLN D 84 24.25 11.00 -3.86
CA GLN D 84 23.53 9.72 -4.14
C GLN D 84 22.25 10.06 -4.91
N LEU D 85 21.92 9.25 -5.91
CA LEU D 85 20.70 9.37 -6.76
C LEU D 85 20.68 10.76 -7.41
N SER D 86 21.79 11.10 -8.05
CA SER D 86 21.90 12.27 -8.94
C SER D 86 22.83 11.89 -10.10
N ARG D 87 22.96 12.72 -11.13
CA ARG D 87 23.88 12.45 -12.27
C ARG D 87 25.31 12.61 -11.79
N GLN D 88 26.10 11.55 -11.95
CA GLN D 88 27.55 11.52 -11.61
C GLN D 88 28.31 11.04 -12.84
N PRO D 89 28.57 11.95 -13.81
CA PRO D 89 29.17 11.57 -15.09
C PRO D 89 30.59 10.98 -15.00
N ARG D 90 31.30 11.26 -13.91
CA ARG D 90 32.69 10.79 -13.74
C ARG D 90 32.71 9.26 -13.71
N ALA D 91 31.65 8.62 -13.23
CA ALA D 91 31.55 7.14 -13.19
C ALA D 91 31.62 6.61 -14.62
N ASN D 92 30.80 7.14 -15.52
CA ASN D 92 30.81 6.79 -16.96
C ASN D 92 32.16 7.18 -17.58
N GLN D 93 32.76 8.29 -17.15
CA GLN D 93 34.05 8.77 -17.71
C GLN D 93 35.17 7.77 -17.34
N ILE D 94 35.22 7.32 -16.09
CA ILE D 94 36.19 6.29 -15.62
C ILE D 94 35.97 5.00 -16.41
N SER D 95 34.72 4.53 -16.54
CA SER D 95 34.43 3.24 -17.21
C SER D 95 34.84 3.36 -18.69
N ARG D 96 34.59 4.50 -19.33
CA ARG D 96 35.03 4.74 -20.73
C ARG D 96 36.54 4.51 -20.87
N ILE D 97 37.35 5.10 -20.01
CA ILE D 97 38.82 4.95 -20.04
C ILE D 97 39.17 3.46 -19.85
N LEU D 98 38.59 2.79 -18.87
CA LEU D 98 38.94 1.36 -18.60
C LEU D 98 38.59 0.53 -19.83
N ASN D 99 37.42 0.81 -20.43
CA ASN D 99 36.93 0.19 -21.69
C ASN D 99 37.96 0.39 -22.82
N ASP D 100 38.44 1.62 -23.03
CA ASP D 100 39.44 1.95 -24.10
C ASP D 100 40.72 1.17 -23.84
N ILE D 101 41.19 1.14 -22.60
CA ILE D 101 42.47 0.45 -22.25
C ILE D 101 42.28 -1.06 -22.49
N MET D 102 41.18 -1.65 -22.03
CA MET D 102 40.90 -3.09 -22.22
C MET D 102 40.92 -3.41 -23.72
N ARG D 103 40.28 -2.60 -24.56
CA ARG D 103 40.23 -2.83 -26.02
C ARG D 103 41.64 -2.79 -26.61
N ARG D 104 42.42 -1.76 -26.27
CA ARG D 104 43.81 -1.62 -26.74
C ARG D 104 44.63 -2.86 -26.35
N GLU D 105 44.51 -3.36 -25.12
CA GLU D 105 45.43 -4.39 -24.61
C GLU D 105 45.00 -5.76 -25.07
N THR D 106 43.73 -6.00 -25.37
CA THR D 106 43.22 -7.35 -25.76
C THR D 106 42.96 -7.43 -27.27
N GLY D 107 42.85 -6.28 -27.94
CA GLY D 107 42.37 -6.18 -29.33
C GLY D 107 40.93 -6.62 -29.49
N ARG D 108 40.20 -6.93 -28.40
CA ARG D 108 38.74 -7.25 -28.46
C ARG D 108 37.94 -5.96 -28.32
N ASP D 109 36.82 -5.89 -29.02
CA ASP D 109 36.01 -4.66 -29.13
C ASP D 109 34.76 -4.87 -28.28
N ASP D 110 34.96 -5.37 -27.06
CA ASP D 110 33.92 -5.68 -26.06
C ASP D 110 33.67 -4.45 -25.19
N ARG D 111 32.44 -4.27 -24.74
CA ARG D 111 32.04 -3.11 -23.92
C ARG D 111 31.63 -3.61 -22.53
N TYR D 112 31.98 -2.85 -21.50
CA TYR D 112 31.80 -3.23 -20.08
C TYR D 112 31.05 -2.12 -19.36
N ASN D 113 30.04 -2.51 -18.60
CA ASN D 113 29.40 -1.65 -17.58
C ASN D 113 30.24 -1.67 -16.30
N ALA D 114 30.29 -0.53 -15.62
CA ALA D 114 31.02 -0.33 -14.36
C ALA D 114 30.00 -0.15 -13.23
N ILE D 115 30.21 -0.92 -12.17
CA ILE D 115 29.60 -0.70 -10.84
C ILE D 115 30.73 -0.49 -9.85
N PHE D 116 30.67 0.60 -9.09
CA PHE D 116 31.72 0.98 -8.12
C PHE D 116 31.39 0.47 -6.71
N ALA D 117 32.45 0.24 -5.94
CA ALA D 117 32.29 -0.10 -4.51
C ALA D 117 33.50 0.46 -3.73
N ASN D 118 33.72 -0.07 -2.52
CA ASN D 118 34.56 0.58 -1.49
C ASN D 118 35.79 -0.28 -1.18
N SER D 119 35.80 -1.53 -1.66
CA SER D 119 36.91 -2.47 -1.42
C SER D 119 36.92 -3.53 -2.52
N GLY D 120 38.04 -4.26 -2.61
CA GLY D 120 38.19 -5.40 -3.52
C GLY D 120 37.17 -6.46 -3.25
N ALA D 121 36.92 -6.78 -1.99
CA ALA D 121 35.91 -7.82 -1.64
C ALA D 121 34.53 -7.34 -2.12
N GLU D 122 34.16 -6.09 -1.87
CA GLU D 122 32.84 -5.55 -2.28
C GLU D 122 32.69 -5.66 -3.81
N ALA D 123 33.77 -5.43 -4.57
CA ALA D 123 33.72 -5.52 -6.05
C ALA D 123 33.51 -6.98 -6.47
N ASN D 124 34.24 -7.89 -5.83
CA ASN D 124 34.09 -9.35 -6.06
C ASN D 124 32.65 -9.74 -5.71
N GLU D 125 32.05 -9.13 -4.70
CA GLU D 125 30.68 -9.52 -4.25
C GLU D 125 29.60 -8.96 -5.18
N ILE D 126 29.84 -7.81 -5.79
CA ILE D 126 28.99 -7.32 -6.91
C ILE D 126 28.98 -8.39 -8.03
N CYS D 127 30.14 -8.96 -8.35
CA CYS D 127 30.25 -10.00 -9.40
C CYS D 127 29.52 -11.27 -8.96
N MET D 128 29.62 -11.66 -7.68
CA MET D 128 28.91 -12.85 -7.17
C MET D 128 27.40 -12.62 -7.31
N LYS D 129 26.92 -11.42 -6.95
CA LYS D 129 25.48 -11.04 -7.01
C LYS D 129 25.03 -11.04 -8.48
N HIS D 130 25.75 -10.37 -9.38
CA HIS D 130 25.33 -10.31 -10.80
C HIS D 130 25.36 -11.72 -11.39
N ALA D 131 26.34 -12.56 -11.02
CA ALA D 131 26.44 -13.95 -11.52
C ALA D 131 25.21 -14.74 -11.11
N GLU D 132 24.71 -14.47 -9.89
CA GLU D 132 23.51 -15.14 -9.35
C GLU D 132 22.27 -14.60 -10.07
N LEU D 133 22.24 -13.33 -10.49
CA LEU D 133 21.10 -12.82 -11.32
C LEU D 133 21.06 -13.59 -12.65
N GLU D 134 22.24 -13.79 -13.27
CA GLU D 134 22.39 -14.55 -14.56
C GLU D 134 21.88 -15.96 -14.38
N ARG D 135 22.23 -16.62 -13.26
CA ARG D 135 21.85 -18.02 -12.96
C ARG D 135 20.32 -18.09 -12.75
N GLN D 136 19.73 -17.08 -12.08
CA GLN D 136 18.25 -17.07 -11.86
C GLN D 136 17.52 -16.86 -13.19
N GLU D 137 18.09 -16.08 -14.11
CA GLU D 137 17.57 -15.97 -15.51
C GLU D 137 17.61 -17.36 -16.19
N ARG D 138 18.73 -18.09 -16.09
CA ARG D 138 18.90 -19.40 -16.77
C ARG D 138 17.90 -20.37 -16.17
N ILE D 139 17.74 -20.34 -14.84
CA ILE D 139 16.78 -21.22 -14.09
C ILE D 139 15.35 -20.96 -14.57
N THR D 140 14.93 -19.69 -14.67
CA THR D 140 13.54 -19.30 -15.10
C THR D 140 13.27 -19.88 -16.49
N ALA D 141 14.20 -19.69 -17.43
CA ALA D 141 14.12 -20.20 -18.82
C ALA D 141 13.97 -21.73 -18.80
N LEU D 142 14.83 -22.43 -18.05
CA LEU D 142 14.84 -23.92 -17.96
C LEU D 142 13.49 -24.41 -17.41
N PHE D 143 13.00 -23.80 -16.35
CA PHE D 143 11.73 -24.18 -15.67
C PHE D 143 10.54 -23.88 -16.58
N ALA D 144 10.58 -22.81 -17.39
CA ALA D 144 9.53 -22.47 -18.37
C ALA D 144 9.46 -23.57 -19.44
N GLU D 145 10.61 -24.04 -19.92
CA GLU D 145 10.67 -25.12 -20.93
C GLU D 145 10.10 -26.42 -20.34
N ILE D 146 10.45 -26.71 -19.10
CA ILE D 146 10.05 -27.96 -18.40
C ILE D 146 8.52 -27.96 -18.26
N ASP D 147 7.92 -26.82 -17.89
CA ASP D 147 6.45 -26.65 -17.79
C ASP D 147 5.79 -27.05 -19.11
N ALA D 148 6.24 -26.44 -20.22
CA ALA D 148 5.77 -26.75 -21.60
C ALA D 148 5.97 -28.25 -21.94
N GLU D 149 7.14 -28.84 -21.65
CA GLU D 149 7.41 -30.28 -21.90
C GLU D 149 6.45 -31.15 -21.06
N LEU D 150 6.11 -30.74 -19.84
CA LEU D 150 5.20 -31.51 -18.95
C LEU D 150 3.76 -31.42 -19.50
N ASP D 151 3.33 -30.21 -19.92
CA ASP D 151 1.99 -29.97 -20.54
C ASP D 151 1.81 -30.83 -21.80
N THR D 152 2.81 -30.85 -22.69
CA THR D 152 2.83 -31.65 -23.96
C THR D 152 2.79 -33.15 -23.64
N ALA D 153 3.55 -33.60 -22.64
CA ALA D 153 3.57 -35.03 -22.22
C ALA D 153 2.21 -35.39 -21.60
N ARG D 154 1.57 -34.48 -20.86
CA ARG D 154 0.27 -34.70 -20.18
C ARG D 154 -0.86 -34.78 -21.23
N GLU D 155 -0.87 -33.86 -22.20
CA GLU D 155 -1.79 -33.86 -23.36
C GLU D 155 -1.76 -35.23 -24.03
N ALA D 156 -0.58 -35.80 -24.22
CA ALA D 156 -0.35 -37.05 -24.99
C ALA D 156 -0.77 -38.28 -24.17
N LEU D 157 -0.62 -38.25 -22.85
CA LEU D 157 -0.88 -39.41 -21.97
C LEU D 157 -2.39 -39.49 -21.64
N THR D 158 -3.03 -38.34 -21.39
CA THR D 158 -4.47 -38.25 -21.01
C THR D 158 -5.37 -38.31 -22.27
N THR D 159 -4.78 -38.21 -23.47
CA THR D 159 -5.47 -38.41 -24.77
C THR D 159 -4.65 -39.41 -25.61
N GLY D 160 -4.85 -40.71 -25.37
CA GLY D 160 -4.39 -41.81 -26.24
C GLY D 160 -2.94 -41.71 -26.64
N THR D 161 -2.59 -40.75 -27.53
CA THR D 161 -1.31 -40.66 -28.30
C THR D 161 -0.26 -41.61 -27.72
N ALA D 162 0.20 -41.37 -26.49
CA ALA D 162 1.45 -41.96 -25.95
C ALA D 162 1.20 -42.73 -24.66
N THR D 163 2.08 -43.69 -24.40
CA THR D 163 2.11 -44.55 -23.19
C THR D 163 3.35 -44.16 -22.35
N LEU D 164 3.16 -43.93 -21.05
CA LEU D 164 4.26 -43.63 -20.10
C LEU D 164 5.11 -44.90 -19.92
N ASP D 165 6.37 -44.91 -20.37
CA ASP D 165 7.33 -46.01 -20.13
C ASP D 165 7.70 -46.05 -18.64
N THR D 166 7.50 -47.21 -17.99
CA THR D 166 7.69 -47.42 -16.53
C THR D 166 9.15 -47.80 -16.21
N ALA D 167 10.02 -48.02 -17.22
CA ALA D 167 11.48 -48.23 -17.06
C ALA D 167 12.15 -46.98 -16.45
N SER D 168 11.56 -45.79 -16.67
CA SER D 168 12.11 -44.46 -16.28
C SER D 168 11.61 -44.01 -14.90
N LEU D 169 10.60 -44.67 -14.32
CA LEU D 169 9.96 -44.29 -13.04
C LEU D 169 10.93 -44.38 -11.85
N PRO D 170 12.01 -45.20 -11.85
CA PRO D 170 13.02 -45.13 -10.79
C PRO D 170 13.57 -43.73 -10.51
N LEU D 171 13.35 -42.76 -11.43
CA LEU D 171 13.78 -41.36 -11.19
C LEU D 171 12.75 -40.65 -10.26
N VAL D 172 11.60 -41.25 -9.93
CA VAL D 172 10.53 -40.63 -9.09
C VAL D 172 9.89 -41.67 -8.15
N ASP D 178 1.46 -43.23 -12.79
CA ASP D 178 0.24 -42.39 -12.64
C ASP D 178 0.56 -40.95 -13.06
N VAL D 179 0.03 -40.52 -14.21
CA VAL D 179 0.30 -39.22 -14.89
C VAL D 179 0.47 -38.09 -13.85
N ASP D 180 -0.61 -37.76 -13.14
CA ASP D 180 -0.73 -36.53 -12.31
C ASP D 180 0.24 -36.58 -11.13
N GLY D 181 0.48 -37.78 -10.57
CA GLY D 181 1.36 -38.02 -9.40
C GLY D 181 2.83 -37.99 -9.77
N VAL D 182 3.18 -38.48 -10.96
CA VAL D 182 4.55 -38.40 -11.55
C VAL D 182 4.93 -36.91 -11.73
N ILE D 183 3.99 -36.07 -12.16
CA ILE D 183 4.21 -34.60 -12.41
C ILE D 183 4.38 -33.87 -11.07
N ALA D 184 3.61 -34.23 -10.05
CA ALA D 184 3.75 -33.70 -8.67
C ALA D 184 5.13 -34.05 -8.12
N ASP D 185 5.61 -35.28 -8.32
CA ASP D 185 6.91 -35.79 -7.81
C ASP D 185 8.08 -35.06 -8.51
N ILE D 186 7.92 -34.77 -9.80
CA ILE D 186 8.90 -34.00 -10.63
C ILE D 186 8.97 -32.56 -10.11
N HIS D 187 7.82 -31.90 -9.93
CA HIS D 187 7.71 -30.51 -9.42
C HIS D 187 8.34 -30.42 -8.02
N ARG D 188 8.15 -31.42 -7.17
CA ARG D 188 8.72 -31.46 -5.80
C ARG D 188 10.23 -31.56 -5.90
N HIS D 189 10.73 -32.53 -6.68
CA HIS D 189 12.17 -32.73 -6.97
C HIS D 189 12.80 -31.43 -7.49
N ASN D 190 12.17 -30.82 -8.49
CA ASN D 190 12.71 -29.62 -9.18
C ASN D 190 12.77 -28.44 -8.20
N ASP D 191 11.74 -28.24 -7.37
CA ASP D 191 11.65 -27.11 -6.40
C ASP D 191 12.74 -27.25 -5.35
N GLU D 192 13.01 -28.46 -4.87
CA GLU D 192 14.09 -28.73 -3.91
C GLU D 192 15.41 -28.29 -4.57
N ARG D 193 15.69 -28.82 -5.76
CA ARG D 193 16.92 -28.48 -6.53
C ARG D 193 17.06 -26.95 -6.69
N ARG D 194 15.96 -26.25 -6.96
CA ARG D 194 15.98 -24.82 -7.33
C ARG D 194 16.42 -23.98 -6.14
N ALA D 195 16.05 -24.37 -4.93
CA ALA D 195 16.32 -23.61 -3.68
C ALA D 195 17.72 -23.94 -3.16
N GLU D 196 18.41 -24.97 -3.66
CA GLU D 196 19.77 -25.34 -3.17
C GLU D 196 20.77 -24.22 -3.46
N ARG D 197 21.76 -24.05 -2.60
CA ARG D 197 22.77 -22.98 -2.76
C ARG D 197 23.58 -23.26 -4.03
N PRO D 198 24.05 -22.25 -4.78
CA PRO D 198 24.97 -22.48 -5.88
C PRO D 198 26.38 -22.78 -5.39
N LEU D 199 27.25 -23.09 -6.34
CA LEU D 199 28.70 -23.28 -6.13
C LEU D 199 29.44 -22.15 -6.83
N PHE D 200 30.61 -21.77 -6.33
CA PHE D 200 31.59 -20.93 -7.07
C PHE D 200 32.79 -21.83 -7.35
N LEU D 201 33.45 -21.62 -8.48
CA LEU D 201 34.72 -22.31 -8.75
C LEU D 201 35.84 -21.28 -8.60
N THR D 202 36.91 -21.68 -7.91
CA THR D 202 38.16 -20.88 -7.72
C THR D 202 39.36 -21.82 -7.94
N LEU D 203 40.57 -21.27 -7.96
CA LEU D 203 41.82 -22.06 -7.96
C LEU D 203 42.25 -22.35 -6.52
N ASP D 204 43.02 -23.42 -6.32
CA ASP D 204 43.70 -23.67 -5.01
C ASP D 204 44.58 -22.44 -4.69
N GLY D 205 44.63 -22.03 -3.42
CA GLY D 205 45.45 -20.87 -2.99
C GLY D 205 44.76 -19.54 -3.28
N SER D 206 43.51 -19.56 -3.76
CA SER D 206 42.78 -18.36 -4.23
C SER D 206 42.61 -17.39 -3.04
N PHE D 207 42.72 -16.11 -3.32
CA PHE D 207 42.34 -15.02 -2.40
C PHE D 207 41.44 -14.00 -3.11
N HIS D 208 40.19 -13.90 -2.66
CA HIS D 208 39.16 -13.02 -3.28
C HIS D 208 38.48 -12.11 -2.24
N GLY D 209 39.04 -12.01 -1.02
CA GLY D 209 38.49 -11.20 0.07
C GLY D 209 37.95 -12.03 1.23
N LYS D 210 37.41 -11.32 2.24
CA LYS D 210 37.15 -11.91 3.58
C LYS D 210 35.80 -11.47 4.15
N LEU D 211 34.86 -11.03 3.32
CA LEU D 211 33.48 -10.74 3.83
C LEU D 211 32.67 -12.04 3.81
N VAL D 212 31.39 -12.02 4.18
CA VAL D 212 30.58 -13.26 4.37
C VAL D 212 30.56 -14.09 3.07
N GLY D 213 30.33 -13.44 1.93
CA GLY D 213 30.31 -14.10 0.61
C GLY D 213 31.72 -14.46 0.17
N SER D 214 32.60 -13.46 0.07
CA SER D 214 33.93 -13.59 -0.57
C SER D 214 34.82 -14.56 0.23
N ILE D 215 34.65 -14.66 1.57
CA ILE D 215 35.59 -15.50 2.40
C ILE D 215 35.49 -16.95 1.90
N GLN D 216 34.31 -17.37 1.46
CA GLN D 216 34.13 -18.77 0.98
C GLN D 216 35.00 -18.99 -0.27
N LEU D 217 35.44 -17.92 -0.95
CA LEU D 217 36.22 -17.99 -2.23
C LEU D 217 37.72 -17.93 -1.89
N THR D 218 38.06 -17.88 -0.62
CA THR D 218 39.46 -17.73 -0.14
C THR D 218 39.90 -19.06 0.48
N GLN D 219 40.95 -19.67 -0.06
CA GLN D 219 41.43 -21.01 0.34
C GLN D 219 41.84 -21.02 1.82
N ASN D 220 42.73 -20.10 2.22
CA ASN D 220 43.44 -20.07 3.54
C ASN D 220 42.49 -20.61 4.63
N GLU D 221 42.77 -21.80 5.17
CA GLU D 221 41.78 -22.61 5.94
C GLU D 221 41.43 -21.94 7.27
N PRO D 222 42.39 -21.40 8.06
CA PRO D 222 42.03 -20.71 9.31
C PRO D 222 41.19 -19.43 9.08
N TRP D 223 41.30 -18.79 7.90
CA TRP D 223 40.53 -17.56 7.57
C TRP D 223 39.09 -17.91 7.21
N ARG D 224 38.90 -19.09 6.59
CA ARG D 224 37.62 -19.48 5.92
C ARG D 224 36.82 -20.47 6.79
N THR D 225 37.42 -21.55 7.26
CA THR D 225 36.66 -22.75 7.74
C THR D 225 35.74 -22.38 8.91
N PRO D 226 36.03 -21.37 9.76
CA PRO D 226 35.09 -21.01 10.83
C PRO D 226 33.72 -20.53 10.31
N PHE D 227 33.67 -20.09 9.04
CA PHE D 227 32.55 -19.35 8.43
C PHE D 227 31.83 -20.19 7.37
N THR D 228 32.20 -21.47 7.22
CA THR D 228 31.70 -22.42 6.19
C THR D 228 30.17 -22.41 6.09
N ALA D 229 29.47 -22.39 7.22
CA ALA D 229 28.00 -22.57 7.28
C ALA D 229 27.26 -21.31 6.79
N LEU D 230 27.93 -20.16 6.69
CA LEU D 230 27.25 -18.86 6.47
C LEU D 230 26.78 -18.70 5.02
N SER D 231 27.55 -19.18 4.05
CA SER D 231 27.45 -18.73 2.65
C SER D 231 27.87 -19.84 1.68
N SER D 232 27.48 -19.71 0.42
CA SER D 232 27.77 -20.65 -0.68
C SER D 232 29.26 -20.96 -0.74
N PRO D 233 29.60 -22.25 -0.87
CA PRO D 233 31.00 -22.64 -0.89
C PRO D 233 31.55 -22.50 -2.31
N ALA D 234 32.87 -22.60 -2.37
CA ALA D 234 33.68 -22.70 -3.59
C ALA D 234 34.22 -24.13 -3.67
N ARG D 235 34.46 -24.61 -4.88
CA ARG D 235 35.34 -25.78 -5.08
C ARG D 235 36.66 -25.23 -5.62
N PHE D 236 37.74 -25.56 -4.93
CA PHE D 236 39.11 -25.08 -5.18
C PHE D 236 39.76 -26.03 -6.17
N LEU D 237 39.91 -25.61 -7.42
CA LEU D 237 40.41 -26.47 -8.52
C LEU D 237 41.92 -26.48 -8.48
N PRO D 238 42.56 -27.65 -8.71
CA PRO D 238 44.02 -27.74 -8.64
C PRO D 238 44.69 -27.16 -9.88
N ALA D 239 45.31 -25.98 -9.73
CA ALA D 239 45.91 -25.16 -10.82
C ALA D 239 46.96 -25.97 -11.60
N ASP D 240 47.74 -26.79 -10.89
CA ASP D 240 48.94 -27.50 -11.43
C ASP D 240 48.55 -28.72 -12.26
N GLU D 241 47.30 -29.21 -12.14
CA GLU D 241 46.84 -30.47 -12.78
C GLU D 241 45.48 -30.23 -13.42
N PRO D 242 45.39 -29.41 -14.49
CA PRO D 242 44.16 -29.28 -15.28
C PRO D 242 43.45 -30.59 -15.67
N GLU D 243 44.21 -31.68 -15.78
CA GLU D 243 43.70 -33.06 -16.02
C GLU D 243 42.52 -33.36 -15.08
N LEU D 244 42.67 -32.98 -13.80
CA LEU D 244 41.81 -33.39 -12.66
C LEU D 244 40.60 -32.45 -12.48
N ILE D 245 40.64 -31.25 -13.06
CA ILE D 245 39.58 -30.19 -12.94
C ILE D 245 38.28 -30.70 -13.59
N GLY D 246 38.37 -31.22 -14.82
CA GLY D 246 37.25 -31.81 -15.58
C GLY D 246 36.40 -32.72 -14.71
N LYS D 247 37.01 -33.66 -14.02
CA LYS D 247 36.32 -34.68 -13.19
C LYS D 247 35.71 -34.01 -11.96
N ILE D 248 36.43 -33.08 -11.32
CA ILE D 248 35.89 -32.43 -10.08
C ILE D 248 34.61 -31.67 -10.43
N VAL D 249 34.58 -31.01 -11.59
CA VAL D 249 33.40 -30.18 -12.01
C VAL D 249 32.29 -31.12 -12.45
N GLU D 250 32.63 -32.20 -13.14
CA GLU D 250 31.65 -33.23 -13.58
C GLU D 250 30.96 -33.85 -12.36
N ASP D 251 31.66 -34.09 -11.24
CA ASP D 251 31.02 -34.56 -9.97
C ASP D 251 29.96 -33.59 -9.46
N GLU D 252 30.06 -32.28 -9.76
CA GLU D 252 29.11 -31.25 -9.26
C GLU D 252 27.89 -31.09 -10.15
N ARG D 253 27.84 -31.75 -11.30
CA ARG D 253 26.65 -31.78 -12.18
C ARG D 253 25.41 -32.14 -11.32
N ARG D 254 24.29 -31.47 -11.55
CA ARG D 254 23.00 -31.79 -10.90
C ARG D 254 21.91 -31.71 -11.96
N SER D 255 20.87 -32.51 -11.76
CA SER D 255 19.75 -32.72 -12.70
C SER D 255 18.47 -32.16 -12.10
N VAL D 256 17.62 -31.60 -12.96
CA VAL D 256 16.16 -31.50 -12.74
C VAL D 256 15.49 -32.58 -13.60
N LEU D 257 14.23 -32.89 -13.32
CA LEU D 257 13.48 -33.92 -14.09
C LEU D 257 12.48 -33.24 -15.02
N THR D 258 12.17 -33.91 -16.12
CA THR D 258 11.07 -33.54 -17.03
C THR D 258 10.50 -34.80 -17.69
N LEU D 259 9.42 -34.63 -18.44
CA LEU D 259 8.84 -35.67 -19.34
C LEU D 259 9.20 -35.33 -20.80
N SER D 260 9.87 -36.27 -21.48
CA SER D 260 10.24 -36.17 -22.92
C SER D 260 9.29 -37.04 -23.77
N LEU D 261 8.52 -36.41 -24.67
CA LEU D 261 7.59 -37.08 -25.62
C LEU D 261 8.35 -37.46 -26.89
N ASP D 262 8.39 -38.75 -27.23
CA ASP D 262 8.92 -39.29 -28.53
C ASP D 262 7.74 -39.81 -29.37
N LYS D 263 6.72 -38.96 -29.56
CA LYS D 263 5.38 -39.21 -30.16
C LYS D 263 4.72 -40.48 -29.59
N ASP D 264 5.40 -41.62 -29.67
CA ASP D 264 4.85 -42.93 -29.23
C ASP D 264 4.95 -43.10 -27.71
N THR D 265 6.15 -42.91 -27.14
CA THR D 265 6.50 -43.17 -25.72
C THR D 265 6.75 -41.83 -24.98
N VAL D 266 6.36 -41.74 -23.70
CA VAL D 266 6.76 -40.66 -22.76
C VAL D 266 7.70 -41.26 -21.71
N ARG D 267 8.84 -40.62 -21.48
CA ARG D 267 9.87 -41.05 -20.49
C ARG D 267 10.13 -39.89 -19.53
N VAL D 268 10.30 -40.22 -18.24
CA VAL D 268 10.95 -39.32 -17.24
C VAL D 268 12.45 -39.29 -17.59
N VAL D 269 13.01 -38.09 -17.76
CA VAL D 269 14.47 -37.92 -18.07
C VAL D 269 15.05 -36.79 -17.21
N GLU D 270 16.33 -36.92 -16.89
CA GLU D 270 17.16 -35.87 -16.27
C GLU D 270 17.55 -34.84 -17.34
N ARG D 271 17.51 -33.55 -17.00
CA ARG D 271 18.15 -32.43 -17.74
C ARG D 271 19.12 -31.67 -16.82
N ASP D 272 20.07 -30.95 -17.39
CA ASP D 272 21.13 -30.23 -16.65
C ASP D 272 20.52 -29.05 -15.87
N PHE D 273 20.93 -28.88 -14.63
CA PHE D 273 20.56 -27.72 -13.77
C PHE D 273 21.79 -26.83 -13.63
N PRO D 274 21.67 -25.50 -13.76
CA PRO D 274 22.79 -24.60 -13.51
C PRO D 274 23.10 -24.45 -12.01
N VAL D 275 24.16 -25.11 -11.52
CA VAL D 275 24.59 -25.05 -10.09
C VAL D 275 25.73 -24.05 -9.92
N VAL D 276 26.63 -23.90 -10.89
CA VAL D 276 27.81 -22.99 -10.75
C VAL D 276 27.42 -21.56 -11.12
N ALA D 277 27.45 -20.64 -10.15
CA ALA D 277 27.19 -19.19 -10.33
C ALA D 277 28.31 -18.52 -11.11
N ALA D 278 29.57 -18.81 -10.80
CA ALA D 278 30.72 -18.12 -11.42
C ALA D 278 32.02 -18.89 -11.16
N ILE D 279 32.98 -18.71 -12.04
CA ILE D 279 34.40 -19.11 -11.89
C ILE D 279 35.17 -17.82 -11.55
N PHE D 280 36.02 -17.82 -10.52
CA PHE D 280 36.91 -16.69 -10.19
C PHE D 280 38.38 -17.07 -10.47
N VAL D 281 39.16 -16.11 -10.96
CA VAL D 281 40.61 -16.35 -11.19
C VAL D 281 41.38 -15.04 -10.97
N GLU D 282 42.52 -15.14 -10.29
CA GLU D 282 43.53 -14.06 -10.22
C GLU D 282 44.57 -14.34 -11.29
N PRO D 283 44.89 -13.39 -12.19
CA PRO D 283 45.95 -13.62 -13.20
C PRO D 283 47.30 -14.00 -12.60
N VAL D 284 47.62 -13.40 -11.45
CA VAL D 284 48.82 -13.76 -10.64
C VAL D 284 48.29 -14.06 -9.23
N ARG D 285 48.55 -15.25 -8.73
CA ARG D 285 47.77 -15.84 -7.62
C ARG D 285 48.44 -15.46 -6.30
N GLY D 286 48.00 -14.35 -5.68
CA GLY D 286 48.57 -13.78 -4.45
C GLY D 286 48.70 -14.82 -3.34
N GLY D 287 47.60 -15.52 -3.02
CA GLY D 287 47.55 -16.52 -1.93
C GLY D 287 48.31 -17.80 -2.25
N SER D 288 48.87 -17.93 -3.46
CA SER D 288 49.70 -19.08 -3.91
C SER D 288 51.18 -18.68 -3.98
N GLY D 289 51.55 -17.49 -3.51
CA GLY D 289 52.92 -16.98 -3.64
C GLY D 289 53.25 -16.41 -5.01
N MET D 290 52.29 -15.75 -5.67
CA MET D 290 52.47 -14.90 -6.89
C MET D 290 52.70 -15.78 -8.13
N LYS D 291 52.13 -16.98 -8.18
CA LYS D 291 52.21 -17.83 -9.39
C LYS D 291 51.29 -17.25 -10.48
N THR D 292 51.83 -17.04 -11.67
CA THR D 292 51.07 -16.63 -12.88
C THR D 292 50.24 -17.83 -13.39
N VAL D 293 49.02 -17.56 -13.84
CA VAL D 293 48.15 -18.54 -14.56
C VAL D 293 48.90 -18.93 -15.84
N THR D 294 49.13 -20.23 -16.04
CA THR D 294 49.77 -20.83 -17.25
C THR D 294 48.76 -20.80 -18.40
N PRO D 295 49.19 -20.83 -19.68
CA PRO D 295 48.25 -20.92 -20.79
C PRO D 295 47.32 -22.14 -20.71
N GLU D 296 47.84 -23.25 -20.21
CA GLU D 296 47.08 -24.52 -20.08
C GLU D 296 45.94 -24.29 -19.09
N LEU D 297 46.19 -23.59 -17.99
CA LEU D 297 45.12 -23.37 -16.98
C LEU D 297 44.09 -22.36 -17.52
N ALA D 298 44.56 -21.29 -18.17
CA ALA D 298 43.70 -20.30 -18.86
C ALA D 298 42.72 -21.05 -19.76
N GLU D 299 43.21 -22.00 -20.57
CA GLU D 299 42.35 -22.70 -21.56
C GLU D 299 41.36 -23.61 -20.84
N GLU D 300 41.73 -24.19 -19.70
CA GLU D 300 40.77 -25.03 -18.94
C GLU D 300 39.65 -24.15 -18.37
N LEU D 301 39.97 -22.94 -17.89
CA LEU D 301 38.95 -22.01 -17.33
C LEU D 301 38.03 -21.54 -18.46
N HIS D 302 38.57 -21.24 -19.62
CA HIS D 302 37.80 -20.92 -20.86
C HIS D 302 36.84 -22.07 -21.19
N ARG D 303 37.31 -23.32 -21.17
CA ARG D 303 36.47 -24.50 -21.44
C ARG D 303 35.34 -24.56 -20.42
N LEU D 304 35.66 -24.41 -19.13
CA LEU D 304 34.65 -24.48 -18.04
C LEU D 304 33.60 -23.40 -18.27
N ARG D 305 34.03 -22.17 -18.56
CA ARG D 305 33.12 -21.01 -18.78
C ARG D 305 32.19 -21.32 -19.97
N ASP D 306 32.76 -21.73 -21.11
CA ASP D 306 32.00 -22.11 -22.34
C ASP D 306 31.02 -23.25 -21.99
N THR D 307 31.44 -24.22 -21.20
CA THR D 307 30.65 -25.46 -20.91
C THR D 307 29.50 -25.17 -19.94
N LEU D 308 29.73 -24.44 -18.84
CA LEU D 308 28.71 -24.30 -17.75
C LEU D 308 27.77 -23.11 -18.05
N GLY D 309 28.24 -22.15 -18.85
CA GLY D 309 27.44 -20.97 -19.22
C GLY D 309 27.43 -19.90 -18.13
N CYS D 310 28.26 -20.05 -17.11
CA CYS D 310 28.40 -19.02 -16.05
C CYS D 310 29.58 -18.11 -16.42
N PRO D 311 29.61 -16.86 -15.89
CA PRO D 311 30.74 -15.99 -16.17
C PRO D 311 32.05 -16.44 -15.50
N LEU D 312 33.14 -16.15 -16.20
CA LEU D 312 34.51 -16.17 -15.66
C LEU D 312 34.83 -14.75 -15.15
N VAL D 313 35.03 -14.64 -13.84
CA VAL D 313 35.32 -13.36 -13.16
C VAL D 313 36.83 -13.29 -12.93
N VAL D 314 37.47 -12.31 -13.56
CA VAL D 314 38.92 -12.04 -13.41
C VAL D 314 39.15 -10.99 -12.32
N ASP D 315 39.74 -11.43 -11.20
CA ASP D 315 40.03 -10.58 -10.01
C ASP D 315 41.40 -9.94 -10.24
N GLU D 316 41.41 -8.68 -10.62
CA GLU D 316 42.62 -7.85 -10.87
C GLU D 316 42.74 -6.81 -9.75
N VAL D 317 42.11 -7.06 -8.59
CA VAL D 317 42.23 -6.20 -7.40
C VAL D 317 43.71 -5.94 -7.13
N GLN D 318 44.57 -6.95 -7.25
CA GLN D 318 46.04 -6.82 -7.03
C GLN D 318 46.81 -6.67 -8.35
N THR D 319 46.48 -7.43 -9.39
CA THR D 319 47.24 -7.45 -10.68
C THR D 319 46.94 -6.24 -11.59
N GLY D 320 45.86 -5.50 -11.38
CA GLY D 320 45.47 -4.33 -12.20
C GLY D 320 46.30 -3.05 -11.97
N ILE D 321 46.06 -2.08 -12.86
CA ILE D 321 46.60 -0.69 -12.81
C ILE D 321 48.12 -0.78 -12.93
N GLY D 322 48.59 -1.67 -13.80
CA GLY D 322 49.96 -1.59 -14.37
C GLY D 322 50.95 -2.50 -13.65
N ARG D 323 50.56 -3.12 -12.55
CA ARG D 323 51.45 -3.94 -11.68
C ARG D 323 52.27 -4.96 -12.49
N THR D 324 51.66 -5.64 -13.47
CA THR D 324 52.29 -6.76 -14.21
C THR D 324 53.02 -6.24 -15.45
N GLY D 325 52.98 -4.94 -15.74
CA GLY D 325 53.61 -4.38 -16.95
C GLY D 325 52.61 -4.15 -18.06
N ALA D 326 51.34 -4.43 -17.79
CA ALA D 326 50.16 -4.00 -18.58
C ALA D 326 49.11 -3.46 -17.62
N PHE D 327 48.11 -2.71 -18.09
CA PHE D 327 47.02 -2.28 -17.19
C PHE D 327 46.34 -3.53 -16.64
N PHE D 328 45.90 -4.42 -17.52
CA PHE D 328 45.24 -5.71 -17.17
C PHE D 328 46.24 -6.84 -17.29
N GLY D 329 46.49 -7.52 -16.17
CA GLY D 329 47.27 -8.77 -16.12
C GLY D 329 46.64 -9.86 -16.96
N SER D 330 45.31 -9.93 -16.99
CA SER D 330 44.54 -10.90 -17.81
C SER D 330 44.89 -10.74 -19.30
N ALA D 331 45.06 -9.52 -19.78
CA ALA D 331 45.40 -9.18 -21.19
C ALA D 331 46.79 -9.74 -21.50
N LEU D 332 47.71 -9.54 -20.56
CA LEU D 332 49.11 -10.03 -20.67
C LEU D 332 49.11 -11.56 -20.75
N LEU D 333 48.34 -12.24 -19.91
CA LEU D 333 48.41 -13.72 -19.76
C LEU D 333 47.35 -14.42 -20.62
N GLY D 334 46.53 -13.69 -21.39
CA GLY D 334 45.52 -14.30 -22.29
C GLY D 334 44.33 -14.89 -21.56
N ILE D 335 43.88 -14.28 -20.45
CA ILE D 335 42.67 -14.77 -19.71
C ILE D 335 41.45 -13.94 -20.17
N ARG D 336 40.49 -14.58 -20.82
CA ARG D 336 39.36 -13.88 -21.48
C ARG D 336 38.17 -13.97 -20.53
N GLY D 337 38.09 -13.01 -19.61
CA GLY D 337 37.04 -12.98 -18.59
C GLY D 337 35.77 -12.37 -19.13
N ASP D 338 34.65 -12.60 -18.46
CA ASP D 338 33.35 -11.95 -18.70
C ASP D 338 33.22 -10.72 -17.80
N TYR D 339 33.69 -10.80 -16.54
CA TYR D 339 33.66 -9.72 -15.52
C TYR D 339 35.07 -9.53 -15.00
N TYR D 340 35.43 -8.31 -14.65
CA TYR D 340 36.75 -7.92 -14.13
C TYR D 340 36.56 -7.09 -12.86
N THR D 341 37.44 -7.24 -11.88
CA THR D 341 37.40 -6.37 -10.67
C THR D 341 38.75 -5.68 -10.51
N LEU D 342 38.68 -4.45 -10.06
CA LEU D 342 39.85 -3.58 -9.74
C LEU D 342 39.61 -2.90 -8.38
N ALA D 343 40.67 -2.68 -7.63
CA ALA D 343 40.65 -1.85 -6.40
C ALA D 343 42.05 -1.25 -6.18
N LYS D 344 42.88 -1.90 -5.37
CA LYS D 344 44.09 -1.36 -4.68
C LYS D 344 44.58 0.00 -5.23
N ALA D 345 45.31 0.02 -6.36
CA ALA D 345 46.08 1.21 -6.80
C ALA D 345 45.15 2.36 -7.29
N ILE D 346 43.87 2.09 -7.52
CA ILE D 346 42.92 3.07 -8.12
C ILE D 346 42.59 4.19 -7.14
N GLY D 347 42.79 3.96 -5.83
CA GLY D 347 42.66 5.00 -4.78
C GLY D 347 43.89 5.89 -4.65
N GLY D 348 44.92 5.72 -5.50
CA GLY D 348 46.14 6.56 -5.49
C GLY D 348 46.96 6.43 -4.21
N GLY D 349 46.67 5.38 -3.40
CA GLY D 349 47.34 5.13 -2.13
C GLY D 349 46.78 6.01 -1.01
N ILE D 350 45.67 6.71 -1.23
CA ILE D 350 45.12 7.66 -0.23
C ILE D 350 43.63 7.42 0.01
N VAL D 351 42.86 6.99 -0.99
CA VAL D 351 41.39 6.80 -0.79
C VAL D 351 40.99 5.36 -1.17
N LYS D 352 39.72 5.04 -0.96
CA LYS D 352 39.18 3.66 -1.11
C LYS D 352 38.15 3.66 -2.23
N ASN D 353 38.38 2.80 -3.22
CA ASN D 353 37.56 2.74 -4.45
C ASN D 353 37.78 1.35 -5.08
N SER D 354 36.75 0.84 -5.73
CA SER D 354 36.82 -0.44 -6.46
C SER D 354 35.78 -0.41 -7.57
N VAL D 355 35.95 -1.30 -8.52
CA VAL D 355 35.02 -1.34 -9.69
C VAL D 355 34.90 -2.78 -10.17
N ALA D 356 33.67 -3.15 -10.51
CA ALA D 356 33.32 -4.39 -11.21
C ALA D 356 32.98 -3.95 -12.63
N LEU D 357 33.66 -4.52 -13.62
CA LEU D 357 33.37 -4.34 -15.06
C LEU D 357 32.65 -5.59 -15.55
N ILE D 358 31.41 -5.46 -15.99
CA ILE D 358 30.57 -6.61 -16.47
C ILE D 358 30.24 -6.41 -17.95
N ARG D 359 30.50 -7.43 -18.78
CA ARG D 359 30.34 -7.31 -20.26
C ARG D 359 28.89 -6.92 -20.53
N GLN D 360 28.68 -5.91 -21.36
CA GLN D 360 27.34 -5.30 -21.57
C GLN D 360 26.39 -6.32 -22.21
N ASP D 361 26.88 -7.30 -22.96
CA ASP D 361 25.96 -8.29 -23.58
C ASP D 361 25.47 -9.26 -22.50
N ARG D 362 26.08 -9.30 -21.31
CA ARG D 362 25.59 -10.15 -20.20
C ARG D 362 24.90 -9.30 -19.11
N PHE D 363 25.08 -7.99 -19.11
CA PHE D 363 24.72 -7.11 -17.97
C PHE D 363 23.19 -7.02 -17.86
N LEU D 364 22.65 -7.28 -16.67
CA LEU D 364 21.19 -7.26 -16.40
C LEU D 364 20.84 -5.91 -15.78
N PRO D 365 20.06 -5.07 -16.49
CA PRO D 365 19.82 -3.67 -16.09
C PRO D 365 19.32 -3.52 -14.65
N ALA D 366 18.60 -4.52 -14.12
CA ALA D 366 18.07 -4.48 -12.74
C ALA D 366 19.20 -4.18 -11.75
N MET D 367 20.42 -4.67 -12.02
CA MET D 367 21.60 -4.53 -11.14
C MET D 367 21.90 -3.04 -10.86
N GLU D 368 21.65 -2.16 -11.83
CA GLU D 368 21.94 -0.71 -11.73
C GLU D 368 21.03 -0.05 -10.71
N VAL D 369 19.85 -0.64 -10.44
CA VAL D 369 18.84 -0.02 -9.53
C VAL D 369 18.61 -0.89 -8.29
N ILE D 370 18.95 -2.19 -8.24
CA ILE D 370 18.73 -2.97 -7.00
C ILE D 370 20.05 -3.05 -6.19
N HIS D 371 21.22 -2.82 -6.80
CA HIS D 371 22.51 -2.73 -6.08
C HIS D 371 22.83 -1.26 -5.80
N SER D 372 23.33 -0.97 -4.60
CA SER D 372 23.83 0.38 -4.22
C SER D 372 24.67 0.26 -2.93
N SER D 373 25.34 1.33 -2.58
CA SER D 373 26.20 1.50 -1.39
C SER D 373 26.27 3.00 -1.10
N THR D 374 26.19 3.42 0.16
CA THR D 374 26.29 4.85 0.59
C THR D 374 27.53 5.51 -0.04
N PHE D 375 28.70 4.90 0.12
CA PHE D 375 30.02 5.53 -0.14
C PHE D 375 30.46 5.27 -1.59
N ALA D 376 29.81 4.36 -2.32
CA ALA D 376 30.22 3.94 -3.67
C ALA D 376 30.05 5.11 -4.62
N LYS D 377 30.99 5.29 -5.55
CA LYS D 377 30.88 6.36 -6.58
C LYS D 377 30.98 7.74 -5.94
N ASP D 378 31.57 7.86 -4.75
CA ASP D 378 31.74 9.19 -4.08
C ASP D 378 32.57 10.08 -5.03
N GLY D 379 32.34 11.38 -4.97
CA GLY D 379 33.00 12.33 -5.89
C GLY D 379 34.50 12.42 -5.67
N LEU D 380 34.99 12.22 -4.45
CA LEU D 380 36.43 12.41 -4.14
C LEU D 380 37.24 11.26 -4.78
N SER D 381 36.89 10.00 -4.51
CA SER D 381 37.61 8.83 -5.07
C SER D 381 37.43 8.79 -6.60
N ALA D 382 36.31 9.31 -7.12
CA ALA D 382 36.07 9.44 -8.58
C ALA D 382 37.13 10.37 -9.20
N SER D 383 37.33 11.55 -8.60
CA SER D 383 38.35 12.52 -9.05
C SER D 383 39.73 11.85 -9.04
N ILE D 384 40.07 11.16 -7.94
CA ILE D 384 41.41 10.54 -7.76
C ILE D 384 41.60 9.37 -8.76
N ALA D 385 40.59 8.53 -8.97
CA ALA D 385 40.61 7.49 -10.04
C ALA D 385 41.01 8.10 -11.39
N LEU D 386 40.36 9.20 -11.83
CA LEU D 386 40.67 9.85 -13.15
C LEU D 386 42.14 10.29 -13.17
N LYS D 387 42.67 10.76 -12.05
CA LYS D 387 44.08 11.20 -11.96
C LYS D 387 45.01 9.99 -12.09
N VAL D 388 44.76 8.94 -11.33
CA VAL D 388 45.54 7.67 -11.40
C VAL D 388 45.54 7.16 -12.85
N LEU D 389 44.40 7.16 -13.54
CA LEU D 389 44.25 6.65 -14.92
C LEU D 389 45.06 7.55 -15.86
N GLU D 390 45.01 8.85 -15.65
CA GLU D 390 45.81 9.78 -16.47
C GLU D 390 47.30 9.48 -16.25
N MET D 391 47.73 9.22 -15.01
CA MET D 391 49.17 9.02 -14.71
C MET D 391 49.66 7.71 -15.33
N VAL D 392 48.90 6.63 -15.22
CA VAL D 392 49.39 5.30 -15.66
C VAL D 392 49.41 5.26 -17.20
N GLU D 393 48.55 6.04 -17.85
CA GLU D 393 48.40 6.12 -19.33
C GLU D 393 49.35 7.17 -19.95
N ALA D 394 49.98 8.04 -19.17
CA ALA D 394 50.73 9.20 -19.72
C ALA D 394 51.91 8.73 -20.59
N ASP D 395 52.31 9.60 -21.51
CA ASP D 395 53.53 9.53 -22.35
C ASP D 395 53.51 8.23 -23.17
N GLY D 396 52.41 7.98 -23.86
CA GLY D 396 52.26 6.88 -24.82
C GLY D 396 52.53 5.53 -24.18
N GLY D 397 52.22 5.38 -22.89
CA GLY D 397 52.34 4.09 -22.15
C GLY D 397 53.74 3.82 -21.62
N ARG D 398 54.55 4.85 -21.34
CA ARG D 398 55.94 4.67 -20.84
C ARG D 398 55.90 4.09 -19.44
N VAL D 399 54.84 4.33 -18.68
CA VAL D 399 54.74 3.87 -17.27
C VAL D 399 54.74 2.34 -17.26
N TYR D 400 54.04 1.69 -18.19
CA TYR D 400 53.99 0.22 -18.31
C TYR D 400 55.40 -0.30 -18.62
N GLN D 401 56.10 0.41 -19.52
CA GLN D 401 57.49 0.10 -19.90
C GLN D 401 58.39 0.16 -18.67
N ARG D 402 58.25 1.22 -17.87
CA ARG D 402 59.00 1.39 -16.59
C ARG D 402 58.70 0.22 -15.67
N VAL D 403 57.44 -0.15 -15.48
CA VAL D 403 57.11 -1.30 -14.58
C VAL D 403 57.86 -2.53 -15.10
N ARG D 404 57.83 -2.78 -16.42
CA ARG D 404 58.45 -3.97 -17.04
C ARG D 404 59.96 -3.97 -16.79
N GLU D 405 60.67 -2.85 -16.94
CA GLU D 405 62.15 -2.81 -16.81
C GLU D 405 62.54 -2.78 -15.32
N ARG D 406 61.78 -2.11 -14.44
CA ARG D 406 61.97 -2.23 -12.97
C ARG D 406 61.71 -3.68 -12.52
N GLY D 407 60.62 -4.30 -13.00
CA GLY D 407 60.32 -5.71 -12.74
C GLY D 407 61.48 -6.63 -13.15
N GLN D 408 62.02 -6.47 -14.36
CA GLN D 408 63.14 -7.31 -14.90
C GLN D 408 64.35 -7.17 -13.98
N ARG D 409 64.70 -5.94 -13.61
CA ARG D 409 65.86 -5.64 -12.71
C ARG D 409 65.64 -6.34 -11.37
N LEU D 410 64.44 -6.28 -10.80
CA LEU D 410 64.15 -6.82 -9.44
C LEU D 410 64.09 -8.34 -9.52
N GLU D 411 63.46 -8.88 -10.57
CA GLU D 411 63.36 -10.35 -10.80
C GLU D 411 64.78 -10.95 -10.98
N ALA D 412 65.63 -10.29 -11.78
CA ALA D 412 67.03 -10.73 -12.05
C ALA D 412 67.80 -10.77 -10.75
N MET D 413 67.63 -9.76 -9.91
CA MET D 413 68.28 -9.74 -8.59
C MET D 413 67.76 -10.94 -7.80
N LEU D 414 66.45 -11.17 -7.79
CA LEU D 414 65.89 -12.25 -6.93
C LEU D 414 66.42 -13.62 -7.41
N GLU D 415 66.56 -13.80 -8.73
CA GLU D 415 67.07 -15.04 -9.41
C GLU D 415 68.55 -15.23 -9.06
N SER D 416 69.32 -14.14 -9.08
CA SER D 416 70.75 -14.12 -8.71
C SER D 416 70.89 -14.59 -7.25
N VAL D 417 69.98 -14.14 -6.39
CA VAL D 417 70.00 -14.54 -4.96
C VAL D 417 69.61 -16.03 -4.86
N ARG D 418 68.55 -16.45 -5.54
CA ARG D 418 68.09 -17.85 -5.51
C ARG D 418 69.25 -18.80 -5.88
N ALA D 419 69.96 -18.49 -6.97
CA ALA D 419 71.00 -19.32 -7.59
C ALA D 419 72.12 -19.64 -6.57
N ASP D 420 72.47 -18.71 -5.68
CA ASP D 420 73.55 -18.84 -4.66
C ASP D 420 72.95 -19.32 -3.33
N HIS D 421 71.62 -19.43 -3.22
CA HIS D 421 70.94 -19.75 -1.95
C HIS D 421 69.79 -20.74 -2.18
N SER D 422 69.94 -21.61 -3.18
CA SER D 422 69.00 -22.69 -3.56
C SER D 422 68.75 -23.66 -2.39
N ASP D 423 69.61 -23.67 -1.38
CA ASP D 423 69.43 -24.54 -0.19
C ASP D 423 68.24 -24.04 0.62
N VAL D 424 67.93 -22.75 0.60
CA VAL D 424 66.80 -22.19 1.41
C VAL D 424 65.71 -21.53 0.52
N VAL D 425 65.99 -21.26 -0.76
CA VAL D 425 65.06 -20.59 -1.70
C VAL D 425 64.75 -21.55 -2.85
N SER D 426 63.48 -21.94 -3.02
CA SER D 426 63.07 -22.96 -4.02
C SER D 426 62.73 -22.31 -5.37
N ALA D 427 62.26 -21.06 -5.40
CA ALA D 427 61.76 -20.44 -6.65
C ALA D 427 61.56 -18.92 -6.52
N VAL D 428 61.60 -18.27 -7.68
CA VAL D 428 61.05 -16.92 -7.95
C VAL D 428 59.77 -17.09 -8.79
N TRP D 429 58.69 -16.44 -8.36
CA TRP D 429 57.36 -16.39 -9.01
C TRP D 429 56.96 -14.95 -9.30
N GLY D 430 56.07 -14.77 -10.27
CA GLY D 430 55.33 -13.52 -10.52
C GLY D 430 55.79 -12.84 -11.79
N THR D 431 55.34 -11.61 -12.03
CA THR D 431 55.71 -10.87 -13.24
C THR D 431 55.53 -9.38 -12.97
N GLY D 432 56.18 -8.56 -13.78
CA GLY D 432 56.31 -7.12 -13.58
C GLY D 432 56.80 -6.84 -12.17
N LEU D 433 56.06 -6.03 -11.42
CA LEU D 433 56.50 -5.68 -10.04
C LEU D 433 55.63 -6.41 -9.03
N MET D 434 55.20 -7.63 -9.35
CA MET D 434 54.48 -8.51 -8.40
C MET D 434 55.22 -9.85 -8.32
N LEU D 435 56.23 -9.91 -7.46
CA LEU D 435 57.26 -10.97 -7.37
C LEU D 435 57.26 -11.56 -5.97
N ALA D 436 57.78 -12.79 -5.84
CA ALA D 436 57.94 -13.47 -4.53
C ALA D 436 59.09 -14.49 -4.61
N LEU D 437 59.75 -14.72 -3.48
CA LEU D 437 60.67 -15.88 -3.30
C LEU D 437 59.89 -16.95 -2.56
N GLU D 438 59.95 -18.19 -3.03
CA GLU D 438 59.44 -19.36 -2.27
C GLU D 438 60.55 -19.82 -1.31
N LEU D 439 60.27 -19.89 -0.02
CA LEU D 439 61.16 -20.49 1.02
C LEU D 439 61.00 -22.03 1.02
N ARG D 440 62.11 -22.76 1.07
CA ARG D 440 62.09 -24.22 1.36
C ARG D 440 61.58 -24.44 2.77
N ASP D 441 60.84 -25.53 2.96
CA ASP D 441 60.33 -25.98 4.28
C ASP D 441 61.49 -25.96 5.29
N GLN D 442 61.21 -25.54 6.50
CA GLN D 442 62.21 -25.48 7.59
C GLN D 442 61.64 -26.24 8.79
N SER D 443 60.66 -27.11 8.58
CA SER D 443 60.07 -27.88 9.70
C SER D 443 61.07 -28.91 10.25
N ASN D 444 62.15 -29.24 9.52
CA ASN D 444 63.23 -30.15 10.00
C ASN D 444 64.50 -29.40 10.34
N ALA D 445 64.41 -28.12 10.69
CA ALA D 445 65.58 -27.25 10.83
C ALA D 445 66.35 -27.72 12.07
N THR D 446 67.69 -27.61 12.03
CA THR D 446 68.55 -28.04 13.15
C THR D 446 68.25 -27.12 14.34
N SER D 447 68.23 -25.80 14.14
CA SER D 447 67.84 -24.81 15.18
C SER D 447 66.40 -25.06 15.63
N GLN D 448 66.21 -25.30 16.92
CA GLN D 448 64.89 -25.50 17.56
C GLN D 448 64.02 -24.24 17.36
N ALA D 449 64.56 -23.03 17.55
CA ALA D 449 63.78 -21.77 17.48
C ALA D 449 63.18 -21.60 16.08
N ILE D 450 63.99 -21.84 15.04
CA ILE D 450 63.55 -21.75 13.62
C ILE D 450 62.48 -22.82 13.36
N ARG D 451 62.75 -24.05 13.75
CA ARG D 451 61.88 -25.24 13.53
C ARG D 451 60.51 -24.98 14.15
N GLU D 452 60.51 -24.46 15.37
CA GLU D 452 59.27 -24.17 16.14
C GLU D 452 58.45 -23.15 15.33
N LYS D 453 59.08 -22.06 14.87
CA LYS D 453 58.41 -20.99 14.10
C LYS D 453 57.89 -21.55 12.76
N ALA D 454 58.69 -22.35 12.05
CA ALA D 454 58.28 -22.99 10.78
C ALA D 454 57.06 -23.89 11.02
N ALA D 455 57.03 -24.65 12.12
CA ALA D 455 55.94 -25.59 12.42
C ALA D 455 54.62 -24.81 12.65
N HIS D 456 54.68 -23.63 13.25
CA HIS D 456 53.50 -22.77 13.52
C HIS D 456 53.07 -21.99 12.27
N GLY D 457 53.80 -22.08 11.15
CA GLY D 457 53.51 -21.33 9.90
C GLY D 457 53.99 -19.87 9.93
N PHE D 458 54.97 -19.53 10.78
CA PHE D 458 55.43 -18.14 11.04
C PHE D 458 56.83 -17.84 10.47
N LEU D 459 57.43 -18.77 9.73
CA LEU D 459 58.83 -18.60 9.24
C LEU D 459 58.98 -17.25 8.50
N GLY D 460 58.13 -16.99 7.52
CA GLY D 460 58.21 -15.79 6.67
C GLY D 460 58.20 -14.53 7.52
N TYR D 461 57.36 -14.49 8.55
CA TYR D 461 57.20 -13.33 9.44
C TYR D 461 58.50 -13.08 10.22
N VAL D 462 59.10 -14.17 10.72
CA VAL D 462 60.40 -14.15 11.46
C VAL D 462 61.50 -13.57 10.56
N LEU D 463 61.60 -14.08 9.33
CA LEU D 463 62.60 -13.62 8.34
C LEU D 463 62.36 -12.13 8.01
N ALA D 464 61.09 -11.72 7.91
CA ALA D 464 60.68 -10.32 7.68
C ALA D 464 61.22 -9.47 8.83
N GLY D 465 61.06 -9.92 10.08
CA GLY D 465 61.60 -9.22 11.25
C GLY D 465 63.10 -9.01 11.15
N PHE D 466 63.85 -10.04 10.72
CA PHE D 466 65.32 -9.93 10.54
C PHE D 466 65.59 -8.81 9.55
N LEU D 467 64.93 -8.87 8.40
CA LEU D 467 65.10 -7.87 7.32
C LEU D 467 64.82 -6.46 7.88
N LEU D 468 63.86 -6.30 8.79
CA LEU D 468 63.52 -4.96 9.35
C LEU D 468 64.64 -4.49 10.30
N ARG D 469 64.94 -5.26 11.36
CA ARG D 469 65.85 -4.78 12.44
C ARG D 469 67.30 -4.73 11.92
N GLU D 470 67.72 -5.62 11.02
CA GLU D 470 69.14 -5.72 10.59
C GLU D 470 69.41 -4.99 9.27
N HIS D 471 68.42 -4.76 8.41
CA HIS D 471 68.67 -4.10 7.10
C HIS D 471 67.68 -2.97 6.81
N HIS D 472 66.75 -2.67 7.72
CA HIS D 472 65.81 -1.54 7.51
C HIS D 472 65.04 -1.78 6.19
N ILE D 473 64.58 -3.00 5.98
CA ILE D 473 63.74 -3.33 4.80
C ILE D 473 62.45 -3.98 5.29
N ARG D 474 61.33 -3.43 4.82
CA ARG D 474 59.95 -3.92 5.12
C ARG D 474 59.56 -4.90 4.00
N VAL D 475 59.51 -6.16 4.36
CA VAL D 475 58.94 -7.26 3.54
C VAL D 475 57.81 -7.89 4.37
N LEU D 476 56.72 -8.29 3.72
CA LEU D 476 55.72 -9.16 4.36
C LEU D 476 55.65 -10.48 3.59
N PRO D 477 55.37 -11.57 4.30
CA PRO D 477 55.27 -12.86 3.63
C PRO D 477 53.95 -12.93 2.87
N ALA D 478 53.83 -13.92 1.99
CA ALA D 478 52.55 -14.33 1.38
C ALA D 478 52.37 -15.84 1.56
N GLY D 479 51.23 -16.34 1.13
CA GLY D 479 51.04 -17.79 0.94
C GLY D 479 50.60 -18.39 2.26
N PRO D 480 50.08 -19.65 2.24
CA PRO D 480 49.27 -20.15 3.37
C PRO D 480 50.02 -20.38 4.70
N ARG D 481 51.34 -20.62 4.70
CA ARG D 481 52.11 -20.79 5.96
C ARG D 481 53.32 -19.86 5.91
N SER D 482 53.10 -18.62 5.48
CA SER D 482 54.14 -17.57 5.34
C SER D 482 55.39 -18.20 4.73
N GLY D 483 55.21 -19.04 3.71
CA GLY D 483 56.24 -19.75 2.95
C GLY D 483 56.80 -18.96 1.77
N PHE D 484 56.32 -17.74 1.52
CA PHE D 484 56.83 -16.86 0.43
C PHE D 484 57.13 -15.46 0.98
N LEU D 485 58.12 -14.78 0.41
CA LEU D 485 58.45 -13.35 0.69
C LEU D 485 57.97 -12.55 -0.53
N ARG D 486 57.11 -11.56 -0.29
CA ARG D 486 56.49 -10.71 -1.34
C ARG D 486 57.46 -9.57 -1.66
N PHE D 487 57.58 -9.21 -2.93
CA PHE D 487 58.30 -8.00 -3.40
C PHE D 487 57.36 -7.30 -4.36
N SER D 488 56.70 -6.23 -3.90
CA SER D 488 55.76 -5.47 -4.74
C SER D 488 55.96 -3.98 -4.48
N PRO D 489 57.16 -3.44 -4.77
CA PRO D 489 57.38 -2.00 -4.58
C PRO D 489 56.78 -1.15 -5.70
N SER D 490 56.93 0.15 -5.55
CA SER D 490 56.51 1.16 -6.56
C SER D 490 57.44 1.06 -7.78
N LEU D 491 56.98 1.59 -8.91
CA LEU D 491 57.80 1.69 -10.15
C LEU D 491 58.96 2.70 -9.98
N TYR D 492 59.08 3.40 -8.85
CA TYR D 492 60.20 4.33 -8.56
C TYR D 492 61.35 3.62 -7.83
N ILE D 493 61.21 2.35 -7.49
CA ILE D 493 62.29 1.56 -6.83
C ILE D 493 63.60 1.85 -7.59
N THR D 494 64.63 2.32 -6.91
CA THR D 494 65.95 2.64 -7.53
C THR D 494 66.83 1.40 -7.58
N ASP D 495 67.83 1.43 -8.46
CA ASP D 495 68.92 0.43 -8.60
C ASP D 495 69.60 0.23 -7.24
N GLU D 496 69.82 1.31 -6.52
CA GLU D 496 70.50 1.30 -5.20
C GLU D 496 69.63 0.55 -4.18
N GLU D 497 68.31 0.75 -4.20
CA GLU D 497 67.34 0.10 -3.28
C GLU D 497 67.27 -1.40 -3.60
N ILE D 498 67.39 -1.75 -4.86
CA ILE D 498 67.48 -3.18 -5.31
C ILE D 498 68.79 -3.79 -4.80
N ASP D 499 69.93 -3.07 -4.89
CA ASP D 499 71.24 -3.55 -4.36
C ASP D 499 71.14 -3.73 -2.84
N ARG D 500 70.55 -2.79 -2.11
CA ARG D 500 70.43 -2.92 -0.63
C ARG D 500 69.56 -4.15 -0.30
N THR D 501 68.57 -4.46 -1.13
CA THR D 501 67.65 -5.62 -0.96
C THR D 501 68.45 -6.89 -1.20
N GLU D 502 69.27 -6.91 -2.25
CA GLU D 502 70.17 -8.06 -2.57
C GLU D 502 71.05 -8.36 -1.35
N THR D 503 71.79 -7.35 -0.85
CA THR D 503 72.67 -7.47 0.35
C THR D 503 71.87 -8.05 1.52
N ALA D 504 70.68 -7.49 1.78
CA ALA D 504 69.82 -7.88 2.92
C ALA D 504 69.44 -9.36 2.80
N LEU D 505 69.08 -9.82 1.58
CA LEU D 505 68.64 -11.21 1.30
C LEU D 505 69.82 -12.20 1.43
N ARG D 506 70.96 -11.91 0.82
CA ARG D 506 72.21 -12.72 1.01
C ARG D 506 72.48 -12.86 2.51
N SER D 507 72.50 -11.74 3.26
CA SER D 507 72.65 -11.77 4.74
C SER D 507 71.61 -12.70 5.36
N LEU D 508 70.32 -12.48 5.09
CA LEU D 508 69.20 -13.28 5.67
C LEU D 508 69.41 -14.78 5.36
N PHE D 509 69.66 -15.12 4.10
CA PHE D 509 69.72 -16.53 3.64
C PHE D 509 71.04 -17.19 4.09
N THR D 510 72.09 -16.42 4.36
CA THR D 510 73.36 -16.94 4.94
C THR D 510 73.10 -17.33 6.40
N ALA D 511 72.47 -16.46 7.18
CA ALA D 511 72.03 -16.76 8.56
C ALA D 511 71.11 -17.99 8.56
N LEU D 512 70.22 -18.14 7.58
CA LEU D 512 69.26 -19.26 7.57
C LEU D 512 70.00 -20.57 7.27
N ARG D 513 70.87 -20.58 6.27
CA ARG D 513 71.79 -21.71 5.95
C ARG D 513 72.55 -22.13 7.22
N ASP D 514 73.09 -21.18 7.97
CA ASP D 514 73.90 -21.39 9.21
C ASP D 514 73.00 -21.79 10.38
N GLN D 515 71.68 -21.80 10.20
CA GLN D 515 70.70 -22.15 11.25
C GLN D 515 70.97 -21.32 12.51
N ASP D 516 71.24 -20.02 12.34
CA ASP D 516 71.52 -19.09 13.46
C ASP D 516 70.18 -18.62 14.06
N GLY D 517 69.52 -19.49 14.81
CA GLY D 517 68.25 -19.23 15.52
C GLY D 517 68.30 -18.04 16.47
N ASP D 518 69.43 -17.76 17.12
CA ASP D 518 69.37 -16.66 18.13
C ASP D 518 69.54 -15.33 17.38
N ARG D 519 69.95 -15.32 16.11
CA ARG D 519 70.03 -14.07 15.31
C ARG D 519 68.69 -13.82 14.59
N LEU D 520 67.94 -14.88 14.29
CA LEU D 520 66.74 -14.84 13.40
C LEU D 520 65.47 -14.71 14.24
N VAL D 521 65.35 -15.50 15.31
CA VAL D 521 64.18 -15.53 16.23
C VAL D 521 64.56 -14.78 17.52
N LEU D 522 63.77 -13.78 17.94
CA LEU D 522 64.07 -12.91 19.12
C LEU D 522 64.08 -13.71 20.43
#